data_2N75
#
_entry.id   2N75
#
_entity_poly.entity_id   1
_entity_poly.type   'polypeptide(L)'
_entity_poly.pdbx_seq_one_letter_code
;MGRLVVVVTSEQLKEEVRKKFPQVEVRLVTTEEDAKQVIKEIQKKGVQKVVLVGVSEKLLQKIKQEANVQVYRVTSNDEL
EQVVKDVKGSGLEHHHHHH
;
_entity_poly.pdbx_strand_id   A
#
# COMPACT_ATOMS: atom_id res chain seq x y z
N MET A 1 -0.39 -13.16 -4.52
CA MET A 1 1.08 -13.34 -4.64
C MET A 1 1.62 -12.30 -5.64
N GLY A 2 2.34 -11.29 -5.13
CA GLY A 2 2.87 -10.20 -5.97
C GLY A 2 3.40 -9.05 -5.13
N ARG A 3 3.49 -7.86 -5.76
CA ARG A 3 4.01 -6.64 -5.10
C ARG A 3 3.05 -6.13 -4.01
N LEU A 4 3.62 -5.48 -2.98
CA LEU A 4 2.85 -4.70 -2.00
C LEU A 4 3.25 -3.22 -2.13
N VAL A 5 2.30 -2.39 -2.58
CA VAL A 5 2.51 -0.93 -2.71
C VAL A 5 1.86 -0.21 -1.52
N VAL A 6 2.69 0.48 -0.74
CA VAL A 6 2.23 1.31 0.38
C VAL A 6 2.03 2.74 -0.14
N VAL A 7 0.79 3.20 -0.17
CA VAL A 7 0.45 4.55 -0.65
C VAL A 7 0.22 5.46 0.56
N VAL A 8 0.93 6.59 0.59
CA VAL A 8 0.87 7.56 1.70
C VAL A 8 0.51 8.93 1.11
N THR A 9 -0.08 9.79 1.93
CA THR A 9 -0.41 11.16 1.52
C THR A 9 0.61 12.19 2.01
N SER A 10 1.64 11.73 2.75
CA SER A 10 2.60 12.63 3.43
C SER A 10 4.02 12.08 3.30
N GLU A 11 4.99 12.99 3.03
CA GLU A 11 6.43 12.67 2.91
C GLU A 11 6.97 12.06 4.21
N GLN A 12 6.45 12.57 5.35
CA GLN A 12 6.80 12.07 6.69
C GLN A 12 6.46 10.57 6.84
N LEU A 13 5.28 10.17 6.31
CA LEU A 13 4.81 8.77 6.33
C LEU A 13 5.63 7.90 5.36
N LYS A 14 6.01 8.51 4.21
CA LYS A 14 6.75 7.81 3.15
C LYS A 14 8.13 7.34 3.66
N GLU A 15 8.93 8.33 4.12
CA GLU A 15 10.31 8.11 4.58
C GLU A 15 10.35 7.19 5.82
N GLU A 16 9.24 7.20 6.59
CA GLU A 16 9.03 6.29 7.73
C GLU A 16 8.98 4.84 7.23
N VAL A 17 7.97 4.53 6.40
CA VAL A 17 7.72 3.17 5.88
C VAL A 17 8.93 2.62 5.08
N ARG A 18 9.60 3.50 4.31
CA ARG A 18 10.77 3.11 3.50
C ARG A 18 11.99 2.76 4.37
N LYS A 19 12.11 3.41 5.53
CA LYS A 19 13.21 3.17 6.48
C LYS A 19 12.97 1.86 7.25
N LYS A 20 11.71 1.68 7.70
CA LYS A 20 11.29 0.50 8.48
C LYS A 20 11.30 -0.76 7.59
N PHE A 21 10.86 -0.58 6.34
CA PHE A 21 10.69 -1.69 5.37
C PHE A 21 11.26 -1.26 4.00
N PRO A 22 12.57 -1.53 3.73
CA PRO A 22 13.15 -1.37 2.36
C PRO A 22 12.66 -2.48 1.40
N GLN A 23 11.93 -3.47 1.95
CA GLN A 23 11.40 -4.63 1.21
C GLN A 23 10.05 -4.34 0.51
N VAL A 24 9.44 -3.17 0.76
CA VAL A 24 8.20 -2.74 0.06
C VAL A 24 8.47 -1.47 -0.78
N GLU A 25 7.61 -1.20 -1.76
CA GLU A 25 7.66 0.06 -2.56
C GLU A 25 6.56 1.02 -2.08
N VAL A 26 6.86 2.33 -2.00
CA VAL A 26 5.93 3.35 -1.46
C VAL A 26 5.66 4.45 -2.50
N ARG A 27 4.36 4.81 -2.67
CA ARG A 27 3.92 5.90 -3.55
C ARG A 27 3.46 7.10 -2.71
N LEU A 28 3.88 8.31 -3.11
CA LEU A 28 3.48 9.56 -2.45
C LEU A 28 2.34 10.24 -3.24
N VAL A 29 1.30 10.66 -2.51
CA VAL A 29 0.14 11.37 -3.08
C VAL A 29 -0.02 12.72 -2.39
N THR A 30 0.37 13.80 -3.10
CA THR A 30 0.23 15.18 -2.60
C THR A 30 -1.07 15.80 -3.13
N THR A 31 -1.41 15.43 -4.38
CA THR A 31 -2.67 15.81 -5.04
C THR A 31 -3.34 14.53 -5.56
N GLU A 32 -4.62 14.64 -5.98
CA GLU A 32 -5.35 13.51 -6.58
C GLU A 32 -4.71 13.06 -7.91
N GLU A 33 -3.97 13.97 -8.58
CA GLU A 33 -3.22 13.65 -9.80
C GLU A 33 -2.23 12.51 -9.55
N ASP A 34 -1.62 12.51 -8.35
CA ASP A 34 -0.70 11.44 -7.90
C ASP A 34 -1.47 10.16 -7.56
N ALA A 35 -2.70 10.31 -7.02
CA ALA A 35 -3.60 9.18 -6.72
C ALA A 35 -4.03 8.46 -8.02
N LYS A 36 -4.19 9.26 -9.11
CA LYS A 36 -4.47 8.73 -10.45
C LYS A 36 -3.25 7.96 -10.99
N GLN A 37 -2.05 8.54 -10.77
CA GLN A 37 -0.76 7.89 -11.09
C GLN A 37 -0.64 6.56 -10.33
N VAL A 38 -1.21 6.49 -9.10
CA VAL A 38 -1.27 5.25 -8.30
C VAL A 38 -2.19 4.21 -8.96
N ILE A 39 -3.41 4.63 -9.38
CA ILE A 39 -4.40 3.74 -10.05
C ILE A 39 -3.77 3.03 -11.27
N LYS A 40 -2.99 3.79 -12.05
CA LYS A 40 -2.21 3.30 -13.20
C LYS A 40 -1.06 2.38 -12.74
N GLU A 41 -0.29 2.88 -11.73
CA GLU A 41 0.94 2.23 -11.22
C GLU A 41 0.67 0.78 -10.81
N ILE A 42 -0.42 0.63 -10.03
CA ILE A 42 -0.92 -0.65 -9.53
C ILE A 42 -1.11 -1.66 -10.69
N GLN A 43 -1.92 -1.26 -11.69
CA GLN A 43 -2.35 -2.15 -12.78
C GLN A 43 -1.17 -2.55 -13.69
N LYS A 44 -0.25 -1.57 -13.92
CA LYS A 44 0.94 -1.78 -14.77
C LYS A 44 1.98 -2.69 -14.09
N LYS A 45 2.09 -2.57 -12.75
CA LYS A 45 2.98 -3.42 -11.93
C LYS A 45 2.30 -4.76 -11.61
N GLY A 46 0.96 -4.82 -11.79
CA GLY A 46 0.17 -6.02 -11.46
C GLY A 46 0.06 -6.26 -9.96
N VAL A 47 -0.24 -5.20 -9.20
CA VAL A 47 -0.32 -5.23 -7.74
C VAL A 47 -1.73 -5.60 -7.30
N GLN A 48 -1.88 -6.70 -6.57
CA GLN A 48 -3.17 -7.15 -6.03
C GLN A 48 -3.42 -6.56 -4.64
N LYS A 49 -2.34 -6.34 -3.87
CA LYS A 49 -2.43 -5.84 -2.49
C LYS A 49 -1.83 -4.43 -2.42
N VAL A 50 -2.69 -3.45 -2.11
CA VAL A 50 -2.34 -2.02 -2.07
C VAL A 50 -2.77 -1.44 -0.73
N VAL A 51 -1.80 -0.91 0.02
CA VAL A 51 -2.04 -0.25 1.29
C VAL A 51 -2.38 1.23 1.05
N LEU A 52 -3.42 1.75 1.69
CA LEU A 52 -3.74 3.18 1.67
C LEU A 52 -3.64 3.75 3.10
N VAL A 53 -2.48 4.36 3.41
CA VAL A 53 -2.15 4.94 4.73
C VAL A 53 -2.55 6.42 4.77
N GLY A 54 -3.48 6.76 5.70
CA GLY A 54 -3.89 8.13 5.99
C GLY A 54 -4.49 8.88 4.81
N VAL A 55 -5.18 8.15 3.92
CA VAL A 55 -5.78 8.73 2.70
C VAL A 55 -7.19 9.26 2.99
N SER A 56 -7.73 10.05 2.06
CA SER A 56 -9.12 10.51 2.10
C SER A 56 -10.05 9.36 1.68
N GLU A 57 -11.29 9.34 2.23
CA GLU A 57 -12.28 8.28 1.95
C GLU A 57 -12.72 8.29 0.47
N LYS A 58 -12.80 9.50 -0.11
CA LYS A 58 -13.12 9.69 -1.54
C LYS A 58 -12.03 9.04 -2.42
N LEU A 59 -10.76 9.17 -1.99
CA LEU A 59 -9.61 8.58 -2.71
C LEU A 59 -9.51 7.06 -2.44
N LEU A 60 -9.93 6.65 -1.22
CA LEU A 60 -9.92 5.24 -0.79
C LEU A 60 -10.78 4.38 -1.72
N GLN A 61 -12.06 4.76 -1.80
CA GLN A 61 -13.09 4.06 -2.59
C GLN A 61 -12.80 4.18 -4.09
N LYS A 62 -12.13 5.27 -4.47
CA LYS A 62 -11.82 5.59 -5.89
C LYS A 62 -10.72 4.66 -6.44
N ILE A 63 -9.59 4.59 -5.71
CA ILE A 63 -8.47 3.69 -6.03
C ILE A 63 -8.95 2.21 -5.97
N LYS A 64 -9.81 1.91 -4.96
CA LYS A 64 -10.41 0.58 -4.76
C LYS A 64 -11.16 0.10 -6.02
N GLN A 65 -12.18 0.88 -6.41
CA GLN A 65 -13.10 0.48 -7.50
C GLN A 65 -12.41 0.51 -8.87
N GLU A 66 -11.69 1.61 -9.17
CA GLU A 66 -11.11 1.83 -10.51
C GLU A 66 -9.91 0.91 -10.80
N ALA A 67 -9.02 0.71 -9.80
CA ALA A 67 -7.87 -0.20 -9.96
C ALA A 67 -8.30 -1.67 -9.81
N ASN A 68 -9.44 -1.91 -9.09
CA ASN A 68 -10.02 -3.25 -8.84
C ASN A 68 -9.03 -4.15 -8.10
N VAL A 69 -8.63 -3.68 -6.90
CA VAL A 69 -7.59 -4.34 -6.06
C VAL A 69 -7.97 -4.34 -4.58
N GLN A 70 -7.25 -5.18 -3.80
CA GLN A 70 -7.43 -5.30 -2.35
C GLN A 70 -6.78 -4.13 -1.63
N VAL A 71 -7.61 -3.29 -1.00
CA VAL A 71 -7.18 -2.08 -0.29
C VAL A 71 -7.06 -2.36 1.21
N TYR A 72 -5.89 -2.01 1.78
CA TYR A 72 -5.62 -2.14 3.22
C TYR A 72 -5.58 -0.73 3.82
N ARG A 73 -6.68 -0.34 4.45
CA ARG A 73 -6.89 1.01 4.97
C ARG A 73 -6.18 1.14 6.31
N VAL A 74 -5.04 1.84 6.31
CA VAL A 74 -4.17 1.97 7.49
C VAL A 74 -4.27 3.39 8.09
N THR A 75 -4.48 3.45 9.43
CA THR A 75 -4.54 4.70 10.19
C THR A 75 -3.48 4.73 11.32
N SER A 76 -2.78 3.60 11.54
CA SER A 76 -1.72 3.47 12.57
C SER A 76 -0.52 2.71 11.96
N ASN A 77 0.72 3.03 12.44
CA ASN A 77 1.97 2.37 11.96
C ASN A 77 1.85 0.84 12.05
N ASP A 78 1.33 0.37 13.19
CA ASP A 78 1.20 -1.06 13.52
C ASP A 78 0.39 -1.84 12.48
N GLU A 79 -0.63 -1.20 11.89
CA GLU A 79 -1.49 -1.82 10.86
C GLU A 79 -0.68 -2.11 9.59
N LEU A 80 0.06 -1.07 9.15
CA LEU A 80 0.97 -1.15 7.98
C LEU A 80 2.02 -2.26 8.19
N GLU A 81 2.57 -2.29 9.43
CA GLU A 81 3.61 -3.24 9.85
C GLU A 81 3.15 -4.69 9.65
N GLN A 82 1.88 -4.97 9.99
CA GLN A 82 1.28 -6.31 9.86
C GLN A 82 0.99 -6.67 8.39
N VAL A 83 0.55 -5.68 7.59
CA VAL A 83 0.27 -5.89 6.15
C VAL A 83 1.56 -6.23 5.38
N VAL A 84 2.68 -5.61 5.78
CA VAL A 84 4.00 -5.90 5.19
C VAL A 84 4.41 -7.35 5.45
N LYS A 85 4.23 -7.80 6.71
CA LYS A 85 4.59 -9.16 7.14
C LYS A 85 3.69 -10.23 6.48
N ASP A 86 2.47 -9.82 6.08
CA ASP A 86 1.51 -10.69 5.34
C ASP A 86 2.12 -11.16 4.01
N VAL A 87 2.77 -10.22 3.29
CA VAL A 87 3.43 -10.50 2.00
C VAL A 87 4.85 -11.06 2.23
N LYS A 88 5.51 -10.53 3.25
CA LYS A 88 6.90 -10.89 3.60
C LYS A 88 6.90 -11.88 4.76
N GLY A 89 6.82 -13.18 4.43
CA GLY A 89 6.78 -14.25 5.44
C GLY A 89 8.01 -14.28 6.31
N SER A 90 9.18 -14.22 5.65
CA SER A 90 10.47 -14.07 6.32
C SER A 90 10.77 -12.57 6.50
N GLY A 91 10.22 -12.02 7.59
CA GLY A 91 10.36 -10.60 7.91
C GLY A 91 11.75 -10.25 8.40
N LEU A 92 12.25 -9.08 7.98
CA LEU A 92 13.62 -8.63 8.29
C LEU A 92 13.64 -7.61 9.46
N GLU A 93 12.53 -7.57 10.20
CA GLU A 93 12.29 -6.55 11.26
C GLU A 93 11.67 -7.20 12.51
N HIS A 94 11.25 -6.36 13.48
CA HIS A 94 10.48 -6.77 14.66
C HIS A 94 9.39 -5.71 14.97
N HIS A 95 8.13 -6.05 14.61
CA HIS A 95 6.94 -5.22 14.94
C HIS A 95 6.81 -5.02 16.47
N HIS A 96 6.71 -3.75 16.91
CA HIS A 96 6.54 -3.38 18.33
C HIS A 96 5.12 -3.72 18.86
N HIS A 97 5.08 -4.33 20.06
CA HIS A 97 3.81 -4.71 20.73
C HIS A 97 3.33 -3.60 21.68
N HIS A 98 2.02 -3.28 21.61
CA HIS A 98 1.37 -2.27 22.47
C HIS A 98 0.41 -2.97 23.46
N HIS A 99 0.05 -2.25 24.54
CA HIS A 99 -0.87 -2.75 25.59
C HIS A 99 -1.63 -1.57 26.24
N MET A 1 4.18 -13.04 -7.83
CA MET A 1 3.62 -11.79 -7.27
C MET A 1 4.02 -11.66 -5.78
N GLY A 2 4.73 -10.56 -5.44
CA GLY A 2 5.15 -10.28 -4.07
C GLY A 2 5.19 -8.79 -3.77
N ARG A 3 5.01 -7.94 -4.81
CA ARG A 3 5.00 -6.49 -4.66
C ARG A 3 3.76 -6.03 -3.88
N LEU A 4 4.00 -5.29 -2.79
CA LEU A 4 2.97 -4.67 -1.95
C LEU A 4 3.11 -3.15 -2.08
N VAL A 5 2.01 -2.44 -2.42
CA VAL A 5 2.04 -0.96 -2.57
C VAL A 5 1.59 -0.33 -1.26
N VAL A 6 2.37 0.65 -0.76
CA VAL A 6 2.01 1.44 0.42
C VAL A 6 1.83 2.92 -0.01
N VAL A 7 0.60 3.39 0.04
CA VAL A 7 0.25 4.77 -0.32
C VAL A 7 0.26 5.64 0.95
N VAL A 8 1.10 6.66 0.95
CA VAL A 8 1.30 7.58 2.09
C VAL A 8 0.89 8.98 1.67
N THR A 9 0.28 9.75 2.59
CA THR A 9 -0.19 11.11 2.33
C THR A 9 0.74 12.19 2.91
N SER A 10 1.87 11.77 3.52
CA SER A 10 2.83 12.70 4.13
C SER A 10 4.26 12.26 3.83
N GLU A 11 5.18 13.24 3.70
CA GLU A 11 6.63 13.01 3.63
C GLU A 11 7.13 12.30 4.89
N GLN A 12 6.54 12.67 6.04
CA GLN A 12 6.84 12.06 7.34
C GLN A 12 6.54 10.53 7.31
N LEU A 13 5.38 10.19 6.72
CA LEU A 13 4.93 8.79 6.53
C LEU A 13 5.77 8.08 5.47
N LYS A 14 6.16 8.83 4.42
CA LYS A 14 6.87 8.28 3.26
C LYS A 14 8.24 7.75 3.66
N GLU A 15 9.08 8.65 4.20
CA GLU A 15 10.46 8.34 4.62
C GLU A 15 10.46 7.24 5.69
N GLU A 16 9.41 7.25 6.53
CA GLU A 16 9.22 6.27 7.61
C GLU A 16 9.09 4.84 7.04
N VAL A 17 8.07 4.64 6.18
CA VAL A 17 7.78 3.33 5.58
C VAL A 17 8.94 2.82 4.70
N ARG A 18 9.59 3.73 3.95
CA ARG A 18 10.74 3.37 3.09
C ARG A 18 11.98 2.99 3.92
N LYS A 19 12.15 3.68 5.08
CA LYS A 19 13.30 3.45 5.99
C LYS A 19 13.20 2.05 6.61
N LYS A 20 11.99 1.73 7.09
CA LYS A 20 11.67 0.43 7.68
C LYS A 20 11.64 -0.67 6.61
N PHE A 21 10.96 -0.38 5.48
CA PHE A 21 10.65 -1.35 4.41
C PHE A 21 11.05 -0.77 3.03
N PRO A 22 12.29 -1.07 2.53
CA PRO A 22 12.76 -0.61 1.21
C PRO A 22 12.25 -1.49 0.04
N GLN A 23 11.53 -2.59 0.36
CA GLN A 23 11.04 -3.56 -0.65
C GLN A 23 9.69 -3.12 -1.24
N VAL A 24 8.86 -2.46 -0.41
CA VAL A 24 7.46 -2.14 -0.75
C VAL A 24 7.36 -0.90 -1.66
N GLU A 25 6.40 -0.94 -2.62
CA GLU A 25 6.21 0.15 -3.59
C GLU A 25 5.48 1.32 -2.90
N VAL A 26 6.25 2.32 -2.46
CA VAL A 26 5.70 3.46 -1.72
C VAL A 26 5.38 4.59 -2.72
N ARG A 27 4.20 5.18 -2.57
CA ARG A 27 3.71 6.26 -3.45
C ARG A 27 3.16 7.39 -2.57
N LEU A 28 3.74 8.60 -2.73
CA LEU A 28 3.28 9.80 -2.01
C LEU A 28 2.09 10.40 -2.75
N VAL A 29 1.02 10.70 -2.01
CA VAL A 29 -0.19 11.34 -2.55
C VAL A 29 -0.53 12.56 -1.70
N THR A 30 -0.26 13.74 -2.25
CA THR A 30 -0.64 15.03 -1.66
C THR A 30 -1.82 15.62 -2.47
N THR A 31 -1.87 15.28 -3.77
CA THR A 31 -2.91 15.74 -4.72
C THR A 31 -3.54 14.53 -5.43
N GLU A 32 -4.66 14.78 -6.15
CA GLU A 32 -5.40 13.73 -6.88
C GLU A 32 -4.54 13.13 -8.01
N GLU A 33 -3.67 13.97 -8.61
CA GLU A 33 -2.76 13.55 -9.70
C GLU A 33 -1.82 12.41 -9.27
N ASP A 34 -1.43 12.43 -7.98
CA ASP A 34 -0.60 11.38 -7.39
C ASP A 34 -1.40 10.08 -7.23
N ALA A 35 -2.67 10.21 -6.79
CA ALA A 35 -3.59 9.06 -6.65
C ALA A 35 -3.84 8.37 -8.00
N LYS A 36 -3.88 9.18 -9.08
CA LYS A 36 -3.99 8.70 -10.46
C LYS A 36 -2.72 7.95 -10.90
N GLN A 37 -1.54 8.44 -10.45
CA GLN A 37 -0.25 7.76 -10.67
C GLN A 37 -0.24 6.39 -9.96
N VAL A 38 -0.87 6.33 -8.77
CA VAL A 38 -1.01 5.07 -8.00
C VAL A 38 -1.89 4.06 -8.75
N ILE A 39 -3.05 4.52 -9.27
CA ILE A 39 -3.98 3.70 -10.05
C ILE A 39 -3.26 2.99 -11.22
N LYS A 40 -2.46 3.78 -11.97
CA LYS A 40 -1.63 3.29 -13.06
C LYS A 40 -0.56 2.31 -12.55
N GLU A 41 0.10 2.70 -11.45
CA GLU A 41 1.26 1.99 -10.87
C GLU A 41 0.92 0.53 -10.52
N ILE A 42 -0.18 0.37 -9.76
CA ILE A 42 -0.69 -0.91 -9.27
C ILE A 42 -0.93 -1.89 -10.44
N GLN A 43 -1.79 -1.46 -11.39
CA GLN A 43 -2.25 -2.32 -12.50
C GLN A 43 -1.10 -2.66 -13.46
N LYS A 44 -0.22 -1.67 -13.68
CA LYS A 44 0.97 -1.80 -14.57
C LYS A 44 1.89 -2.93 -14.09
N LYS A 45 2.08 -3.03 -12.76
CA LYS A 45 2.88 -4.10 -12.14
C LYS A 45 2.01 -5.31 -11.75
N GLY A 46 0.67 -5.16 -11.77
CA GLY A 46 -0.26 -6.23 -11.44
C GLY A 46 -0.23 -6.60 -9.96
N VAL A 47 -0.26 -5.57 -9.12
CA VAL A 47 -0.17 -5.71 -7.66
C VAL A 47 -1.53 -6.19 -7.11
N GLN A 48 -1.50 -7.24 -6.28
CA GLN A 48 -2.69 -7.87 -5.74
C GLN A 48 -3.32 -7.01 -4.62
N LYS A 49 -2.51 -6.67 -3.61
CA LYS A 49 -3.00 -5.98 -2.40
C LYS A 49 -2.26 -4.64 -2.21
N VAL A 50 -3.02 -3.59 -1.86
CA VAL A 50 -2.50 -2.22 -1.70
C VAL A 50 -2.95 -1.65 -0.34
N VAL A 51 -2.07 -0.87 0.29
CA VAL A 51 -2.29 -0.24 1.59
C VAL A 51 -2.53 1.26 1.38
N LEU A 52 -3.51 1.82 2.08
CA LEU A 52 -3.82 3.25 2.05
C LEU A 52 -3.64 3.83 3.47
N VAL A 53 -2.47 4.46 3.70
CA VAL A 53 -2.10 5.06 4.99
C VAL A 53 -2.68 6.49 5.08
N GLY A 54 -3.85 6.58 5.73
CA GLY A 54 -4.51 7.85 6.05
C GLY A 54 -4.91 8.68 4.83
N VAL A 55 -5.68 8.04 3.91
CA VAL A 55 -6.19 8.73 2.70
C VAL A 55 -7.66 9.16 2.91
N SER A 56 -8.17 10.00 1.99
CA SER A 56 -9.59 10.40 1.97
C SER A 56 -10.46 9.25 1.42
N GLU A 57 -11.76 9.29 1.75
CA GLU A 57 -12.77 8.33 1.24
C GLU A 57 -12.88 8.43 -0.30
N LYS A 58 -12.65 9.66 -0.81
CA LYS A 58 -12.58 9.94 -2.26
C LYS A 58 -11.55 9.01 -2.94
N LEU A 59 -10.32 9.05 -2.43
CA LEU A 59 -9.17 8.35 -3.02
C LEU A 59 -9.21 6.85 -2.72
N LEU A 60 -9.83 6.50 -1.58
CA LEU A 60 -10.04 5.10 -1.18
C LEU A 60 -10.93 4.40 -2.22
N GLN A 61 -12.11 5.00 -2.46
CA GLN A 61 -13.11 4.46 -3.40
C GLN A 61 -12.61 4.55 -4.86
N LYS A 62 -11.89 5.64 -5.17
CA LYS A 62 -11.36 5.88 -6.53
C LYS A 62 -10.39 4.76 -6.96
N ILE A 63 -9.42 4.46 -6.08
CA ILE A 63 -8.41 3.42 -6.31
C ILE A 63 -9.06 2.01 -6.38
N LYS A 64 -10.05 1.72 -5.51
CA LYS A 64 -10.69 0.37 -5.49
C LYS A 64 -11.62 0.17 -6.71
N GLN A 65 -12.08 1.26 -7.34
CA GLN A 65 -12.88 1.19 -8.57
C GLN A 65 -11.99 0.93 -9.79
N GLU A 66 -11.03 1.85 -10.08
CA GLU A 66 -10.17 1.75 -11.27
C GLU A 66 -9.14 0.60 -11.13
N ALA A 67 -8.39 0.56 -10.01
CA ALA A 67 -7.33 -0.46 -9.81
C ALA A 67 -7.93 -1.83 -9.45
N ASN A 68 -9.11 -1.81 -8.78
CA ASN A 68 -9.88 -3.02 -8.40
C ASN A 68 -8.99 -4.04 -7.63
N VAL A 69 -8.52 -3.61 -6.46
CA VAL A 69 -7.54 -4.37 -5.63
C VAL A 69 -7.97 -4.37 -4.15
N GLN A 70 -7.31 -5.24 -3.34
CA GLN A 70 -7.59 -5.33 -1.90
C GLN A 70 -7.10 -4.08 -1.16
N VAL A 71 -8.01 -3.39 -0.46
CA VAL A 71 -7.73 -2.14 0.25
C VAL A 71 -7.44 -2.43 1.74
N TYR A 72 -6.21 -2.16 2.19
CA TYR A 72 -5.85 -2.16 3.61
C TYR A 72 -5.87 -0.72 4.12
N ARG A 73 -6.96 -0.33 4.81
CA ARG A 73 -7.06 1.00 5.38
C ARG A 73 -6.35 1.02 6.73
N VAL A 74 -5.20 1.69 6.77
CA VAL A 74 -4.43 1.87 8.00
C VAL A 74 -4.21 3.39 8.21
N THR A 75 -4.11 3.81 9.46
CA THR A 75 -3.72 5.18 9.83
C THR A 75 -2.51 5.14 10.78
N SER A 76 -1.99 3.93 11.01
CA SER A 76 -0.90 3.69 11.97
C SER A 76 0.13 2.73 11.34
N ASN A 77 1.39 2.89 11.78
CA ASN A 77 2.54 2.13 11.26
C ASN A 77 2.46 0.66 11.69
N ASP A 78 1.89 0.42 12.88
CA ASP A 78 1.72 -0.94 13.45
C ASP A 78 0.93 -1.84 12.50
N GLU A 79 -0.17 -1.28 11.98
CA GLU A 79 -1.09 -1.97 11.07
C GLU A 79 -0.43 -2.18 9.70
N LEU A 80 0.33 -1.17 9.27
CA LEU A 80 1.13 -1.23 8.03
C LEU A 80 2.12 -2.41 8.09
N GLU A 81 2.78 -2.57 9.26
CA GLU A 81 3.73 -3.66 9.51
C GLU A 81 3.03 -5.02 9.44
N GLN A 82 1.78 -5.08 9.97
CA GLN A 82 0.96 -6.30 9.93
C GLN A 82 0.67 -6.73 8.48
N VAL A 83 0.45 -5.76 7.57
CA VAL A 83 0.22 -6.08 6.13
C VAL A 83 1.50 -6.71 5.53
N VAL A 84 2.67 -6.14 5.87
CA VAL A 84 3.98 -6.62 5.38
C VAL A 84 4.34 -8.01 5.98
N LYS A 85 3.81 -8.29 7.17
CA LYS A 85 3.92 -9.62 7.81
C LYS A 85 3.06 -10.65 7.02
N ASP A 86 1.80 -10.27 6.77
CA ASP A 86 0.83 -11.13 6.09
C ASP A 86 1.20 -11.42 4.63
N VAL A 87 1.91 -10.49 3.95
CA VAL A 87 2.26 -10.63 2.52
C VAL A 87 3.33 -11.75 2.30
N LYS A 88 3.86 -12.32 3.41
CA LYS A 88 4.60 -13.61 3.38
C LYS A 88 3.88 -14.64 4.28
N GLY A 89 2.90 -15.37 3.69
CA GLY A 89 2.31 -16.55 4.33
C GLY A 89 1.36 -16.24 5.48
N SER A 90 0.14 -15.79 5.19
CA SER A 90 -0.93 -15.69 6.19
C SER A 90 -1.57 -17.08 6.40
N GLY A 91 -2.34 -17.22 7.49
CA GLY A 91 -3.16 -18.43 7.71
C GLY A 91 -4.31 -18.52 6.72
N LEU A 92 -4.85 -17.34 6.33
CA LEU A 92 -5.95 -17.24 5.37
C LEU A 92 -5.44 -16.96 3.93
N GLU A 93 -4.10 -16.93 3.75
CA GLU A 93 -3.48 -16.67 2.43
C GLU A 93 -3.69 -17.88 1.51
N HIS A 94 -4.12 -17.61 0.27
CA HIS A 94 -4.24 -18.63 -0.77
C HIS A 94 -2.86 -18.77 -1.44
N HIS A 95 -1.96 -19.52 -0.77
CA HIS A 95 -0.55 -19.64 -1.17
C HIS A 95 -0.40 -20.43 -2.48
N HIS A 96 -0.43 -19.68 -3.61
CA HIS A 96 -0.01 -20.15 -4.95
C HIS A 96 -0.77 -21.45 -5.35
N HIS A 97 -2.06 -21.53 -4.98
CA HIS A 97 -2.90 -22.71 -5.24
C HIS A 97 -3.46 -22.63 -6.69
N HIS A 98 -2.53 -22.82 -7.64
CA HIS A 98 -2.80 -22.80 -9.09
C HIS A 98 -1.53 -23.22 -9.83
N HIS A 99 -1.67 -24.16 -10.79
CA HIS A 99 -0.54 -24.63 -11.61
C HIS A 99 -0.23 -23.58 -12.71
N MET A 1 7.00 -11.35 -2.96
CA MET A 1 6.14 -12.04 -1.97
C MET A 1 4.69 -11.59 -2.15
N GLY A 2 4.37 -11.11 -3.36
CA GLY A 2 3.16 -10.32 -3.60
C GLY A 2 3.47 -8.86 -3.33
N ARG A 3 3.98 -8.14 -4.37
CA ARG A 3 4.46 -6.75 -4.24
C ARG A 3 3.32 -5.85 -3.72
N LEU A 4 3.55 -5.25 -2.54
CA LEU A 4 2.54 -4.48 -1.81
C LEU A 4 2.77 -2.98 -2.07
N VAL A 5 1.70 -2.22 -2.38
CA VAL A 5 1.81 -0.75 -2.56
C VAL A 5 1.33 -0.05 -1.28
N VAL A 6 2.21 0.74 -0.67
CA VAL A 6 1.89 1.56 0.50
C VAL A 6 1.68 3.01 0.06
N VAL A 7 0.45 3.50 0.17
CA VAL A 7 0.04 4.82 -0.33
C VAL A 7 -0.11 5.78 0.85
N VAL A 8 0.75 6.80 0.89
CA VAL A 8 0.84 7.74 2.01
C VAL A 8 0.38 9.12 1.56
N THR A 9 -0.19 9.90 2.48
CA THR A 9 -0.64 11.27 2.20
C THR A 9 0.38 12.33 2.70
N SER A 10 1.55 11.89 3.22
CA SER A 10 2.63 12.78 3.68
C SER A 10 3.99 12.27 3.19
N GLU A 11 4.89 13.24 2.85
CA GLU A 11 6.29 12.98 2.48
C GLU A 11 7.06 12.33 3.62
N GLN A 12 6.71 12.76 4.86
CA GLN A 12 7.31 12.21 6.09
C GLN A 12 6.93 10.73 6.25
N LEU A 13 5.70 10.38 5.85
CA LEU A 13 5.22 8.98 5.84
C LEU A 13 5.88 8.19 4.68
N LYS A 14 6.17 8.88 3.56
CA LYS A 14 6.79 8.24 2.38
C LYS A 14 8.19 7.70 2.72
N GLU A 15 9.07 8.61 3.17
CA GLU A 15 10.45 8.27 3.56
C GLU A 15 10.47 7.29 4.73
N GLU A 16 9.43 7.37 5.59
CA GLU A 16 9.27 6.49 6.75
C GLU A 16 9.09 5.03 6.31
N VAL A 17 8.08 4.77 5.46
CA VAL A 17 7.78 3.40 5.02
C VAL A 17 8.88 2.85 4.07
N ARG A 18 9.53 3.74 3.30
CA ARG A 18 10.71 3.38 2.48
C ARG A 18 11.89 2.93 3.39
N LYS A 19 12.01 3.56 4.58
CA LYS A 19 13.11 3.31 5.54
C LYS A 19 12.96 1.91 6.16
N LYS A 20 11.70 1.56 6.56
CA LYS A 20 11.39 0.24 7.13
C LYS A 20 11.32 -0.87 6.06
N PHE A 21 10.77 -0.54 4.88
CA PHE A 21 10.41 -1.54 3.86
C PHE A 21 10.79 -1.08 2.43
N PRO A 22 11.97 -1.50 1.89
CA PRO A 22 12.30 -1.36 0.45
C PRO A 22 11.59 -2.43 -0.43
N GLN A 23 10.89 -3.36 0.25
CA GLN A 23 10.19 -4.48 -0.40
C GLN A 23 8.73 -4.12 -0.76
N VAL A 24 8.34 -2.84 -0.56
CA VAL A 24 7.02 -2.31 -0.96
C VAL A 24 7.18 -1.09 -1.89
N GLU A 25 6.13 -0.81 -2.69
CA GLU A 25 6.06 0.41 -3.53
C GLU A 25 5.38 1.54 -2.73
N VAL A 26 6.19 2.48 -2.20
CA VAL A 26 5.66 3.60 -1.39
C VAL A 26 5.46 4.84 -2.27
N ARG A 27 4.19 5.21 -2.55
CA ARG A 27 3.86 6.38 -3.38
C ARG A 27 3.25 7.49 -2.50
N LEU A 28 3.70 8.72 -2.76
CA LEU A 28 3.24 9.94 -2.10
C LEU A 28 1.93 10.42 -2.75
N VAL A 29 1.03 10.99 -1.93
CA VAL A 29 -0.18 11.71 -2.38
C VAL A 29 -0.22 13.08 -1.72
N THR A 30 0.09 14.15 -2.50
CA THR A 30 -0.07 15.56 -2.07
C THR A 30 -1.31 16.15 -2.78
N THR A 31 -1.48 15.75 -4.05
CA THR A 31 -2.62 16.15 -4.90
C THR A 31 -3.40 14.88 -5.28
N GLU A 32 -4.59 15.08 -5.86
CA GLU A 32 -5.43 13.98 -6.39
C GLU A 32 -4.72 13.26 -7.54
N GLU A 33 -3.87 14.01 -8.27
CA GLU A 33 -3.11 13.47 -9.41
C GLU A 33 -2.12 12.38 -8.97
N ASP A 34 -1.51 12.56 -7.78
CA ASP A 34 -0.59 11.56 -7.20
C ASP A 34 -1.32 10.25 -6.90
N ALA A 35 -2.58 10.37 -6.42
CA ALA A 35 -3.46 9.21 -6.17
C ALA A 35 -3.75 8.45 -7.48
N LYS A 36 -3.86 9.20 -8.58
CA LYS A 36 -4.03 8.65 -9.94
C LYS A 36 -2.73 7.96 -10.42
N GLN A 37 -1.57 8.52 -10.01
CA GLN A 37 -0.25 7.93 -10.31
C GLN A 37 -0.08 6.59 -9.56
N VAL A 38 -0.68 6.53 -8.34
CA VAL A 38 -0.77 5.29 -7.55
C VAL A 38 -1.50 4.20 -8.37
N ILE A 39 -2.74 4.53 -8.81
CA ILE A 39 -3.61 3.61 -9.58
C ILE A 39 -2.86 2.94 -10.74
N LYS A 40 -2.17 3.77 -11.53
CA LYS A 40 -1.43 3.33 -12.72
C LYS A 40 -0.17 2.52 -12.33
N GLU A 41 0.44 2.85 -11.17
CA GLU A 41 1.67 2.17 -10.70
C GLU A 41 1.34 0.74 -10.22
N ILE A 42 0.19 0.61 -9.54
CA ILE A 42 -0.36 -0.67 -9.08
C ILE A 42 -0.51 -1.65 -10.27
N GLN A 43 -1.15 -1.16 -11.34
CA GLN A 43 -1.47 -1.95 -12.55
C GLN A 43 -0.20 -2.36 -13.31
N LYS A 44 0.78 -1.43 -13.38
CA LYS A 44 2.07 -1.69 -14.06
C LYS A 44 2.98 -2.64 -13.26
N LYS A 45 2.83 -2.65 -11.92
CA LYS A 45 3.53 -3.60 -11.02
C LYS A 45 2.78 -4.93 -10.90
N GLY A 46 1.52 -4.97 -11.36
CA GLY A 46 0.67 -6.16 -11.28
C GLY A 46 0.31 -6.53 -9.85
N VAL A 47 -0.07 -5.50 -9.07
CA VAL A 47 -0.34 -5.61 -7.64
C VAL A 47 -1.81 -5.96 -7.40
N GLN A 48 -2.04 -6.74 -6.34
CA GLN A 48 -3.33 -7.36 -6.03
C GLN A 48 -3.92 -6.76 -4.75
N LYS A 49 -3.05 -6.52 -3.75
CA LYS A 49 -3.42 -5.94 -2.44
C LYS A 49 -2.61 -4.65 -2.21
N VAL A 50 -3.29 -3.58 -1.80
CA VAL A 50 -2.71 -2.23 -1.63
C VAL A 50 -3.10 -1.68 -0.24
N VAL A 51 -2.10 -1.20 0.51
CA VAL A 51 -2.31 -0.54 1.81
C VAL A 51 -2.43 0.98 1.60
N LEU A 52 -3.43 1.59 2.25
CA LEU A 52 -3.67 3.04 2.19
C LEU A 52 -3.47 3.63 3.61
N VAL A 53 -2.34 4.31 3.83
CA VAL A 53 -1.99 4.93 5.13
C VAL A 53 -2.68 6.30 5.29
N GLY A 54 -3.85 6.28 5.95
CA GLY A 54 -4.60 7.50 6.31
C GLY A 54 -4.99 8.36 5.11
N VAL A 55 -5.77 7.78 4.19
CA VAL A 55 -6.27 8.48 2.98
C VAL A 55 -7.76 8.83 3.15
N SER A 56 -8.25 9.74 2.31
CA SER A 56 -9.68 10.06 2.24
C SER A 56 -10.45 8.90 1.61
N GLU A 57 -11.69 8.69 2.06
CA GLU A 57 -12.61 7.64 1.54
C GLU A 57 -12.85 7.80 0.02
N LYS A 58 -12.81 9.05 -0.46
CA LYS A 58 -12.98 9.37 -1.89
C LYS A 58 -11.79 8.83 -2.73
N LEU A 59 -10.58 8.82 -2.12
CA LEU A 59 -9.36 8.27 -2.76
C LEU A 59 -9.29 6.75 -2.57
N LEU A 60 -9.86 6.25 -1.46
CA LEU A 60 -9.91 4.82 -1.13
C LEU A 60 -10.72 4.06 -2.19
N GLN A 61 -11.96 4.53 -2.39
CA GLN A 61 -12.93 3.95 -3.33
C GLN A 61 -12.44 4.12 -4.78
N LYS A 62 -11.72 5.23 -5.05
CA LYS A 62 -11.21 5.56 -6.39
C LYS A 62 -10.10 4.60 -6.82
N ILE A 63 -9.06 4.47 -5.97
CA ILE A 63 -7.93 3.52 -6.18
C ILE A 63 -8.46 2.07 -6.34
N LYS A 64 -9.51 1.75 -5.56
CA LYS A 64 -10.16 0.42 -5.56
C LYS A 64 -10.85 0.14 -6.92
N GLN A 65 -11.67 1.10 -7.39
CA GLN A 65 -12.52 0.93 -8.58
C GLN A 65 -11.72 1.01 -9.89
N GLU A 66 -10.65 1.82 -9.90
CA GLU A 66 -9.84 2.07 -11.10
C GLU A 66 -8.77 0.96 -11.29
N ALA A 67 -8.07 0.57 -10.20
CA ALA A 67 -7.01 -0.46 -10.26
C ALA A 67 -7.58 -1.89 -10.12
N ASN A 68 -8.78 -2.00 -9.50
CA ASN A 68 -9.49 -3.28 -9.23
C ASN A 68 -8.67 -4.15 -8.26
N VAL A 69 -8.47 -3.63 -7.03
CA VAL A 69 -7.59 -4.24 -6.00
C VAL A 69 -8.23 -4.25 -4.61
N GLN A 70 -7.68 -5.11 -3.73
CA GLN A 70 -8.07 -5.23 -2.31
C GLN A 70 -7.42 -4.10 -1.50
N VAL A 71 -8.23 -3.37 -0.73
CA VAL A 71 -7.79 -2.23 0.10
C VAL A 71 -7.58 -2.67 1.56
N TYR A 72 -6.41 -2.29 2.12
CA TYR A 72 -6.13 -2.41 3.56
C TYR A 72 -5.78 -0.99 4.06
N ARG A 73 -6.75 -0.29 4.66
CA ARG A 73 -6.54 1.11 5.08
C ARG A 73 -6.05 1.12 6.53
N VAL A 74 -4.81 1.58 6.74
CA VAL A 74 -4.19 1.62 8.06
C VAL A 74 -4.13 3.09 8.58
N THR A 75 -4.43 3.26 9.86
CA THR A 75 -4.39 4.57 10.54
C THR A 75 -3.02 4.82 11.20
N SER A 76 -2.20 3.76 11.34
CA SER A 76 -0.91 3.85 12.01
C SER A 76 0.08 2.83 11.44
N ASN A 77 1.36 3.03 11.80
CA ASN A 77 2.49 2.19 11.37
C ASN A 77 2.39 0.77 11.94
N ASP A 78 1.71 0.62 13.10
CA ASP A 78 1.46 -0.70 13.73
C ASP A 78 0.75 -1.63 12.74
N GLU A 79 -0.40 -1.13 12.25
CA GLU A 79 -1.28 -1.85 11.34
C GLU A 79 -0.56 -2.16 10.01
N LEU A 80 0.21 -1.16 9.52
CA LEU A 80 0.99 -1.25 8.28
C LEU A 80 1.97 -2.44 8.34
N GLU A 81 2.82 -2.44 9.39
CA GLU A 81 3.88 -3.45 9.55
C GLU A 81 3.29 -4.86 9.71
N GLN A 82 2.13 -4.96 10.40
CA GLN A 82 1.41 -6.23 10.61
C GLN A 82 0.87 -6.80 9.28
N VAL A 83 0.41 -5.90 8.38
CA VAL A 83 -0.04 -6.29 7.02
C VAL A 83 1.14 -6.79 6.18
N VAL A 84 2.31 -6.11 6.31
CA VAL A 84 3.53 -6.45 5.53
C VAL A 84 4.12 -7.83 5.97
N LYS A 85 3.87 -8.22 7.24
CA LYS A 85 4.25 -9.56 7.76
C LYS A 85 3.41 -10.65 7.05
N ASP A 86 2.11 -10.37 6.91
CA ASP A 86 1.11 -11.35 6.44
C ASP A 86 1.03 -11.40 4.90
N VAL A 87 1.39 -10.29 4.22
CA VAL A 87 1.31 -10.19 2.75
C VAL A 87 2.35 -11.11 2.07
N LYS A 88 3.38 -11.52 2.83
CA LYS A 88 4.41 -12.48 2.36
C LYS A 88 3.79 -13.86 2.04
N GLY A 89 2.64 -14.14 2.69
CA GLY A 89 1.88 -15.36 2.45
C GLY A 89 1.11 -15.40 1.13
N SER A 90 1.29 -14.36 0.28
CA SER A 90 0.82 -14.41 -1.13
C SER A 90 1.64 -15.45 -1.91
N GLY A 91 2.95 -15.51 -1.59
CA GLY A 91 3.85 -16.51 -2.16
C GLY A 91 4.52 -16.05 -3.46
N LEU A 92 3.69 -15.53 -4.40
CA LEU A 92 4.12 -15.15 -5.76
C LEU A 92 5.19 -14.04 -5.74
N GLU A 93 6.43 -14.43 -6.06
CA GLU A 93 7.56 -13.53 -6.24
C GLU A 93 8.31 -13.95 -7.51
N HIS A 94 8.35 -13.06 -8.53
CA HIS A 94 9.09 -13.32 -9.78
C HIS A 94 10.61 -13.21 -9.49
N HIS A 95 10.97 -12.16 -8.76
CA HIS A 95 12.34 -11.84 -8.37
C HIS A 95 12.28 -10.82 -7.24
N HIS A 96 13.03 -11.06 -6.15
CA HIS A 96 13.04 -10.22 -4.94
C HIS A 96 13.41 -8.75 -5.28
N HIS A 97 12.36 -7.90 -5.42
CA HIS A 97 12.49 -6.52 -5.92
C HIS A 97 13.14 -5.59 -4.87
N HIS A 98 14.30 -5.03 -5.22
CA HIS A 98 15.07 -4.08 -4.38
C HIS A 98 14.67 -2.64 -4.75
N HIS A 99 14.46 -1.80 -3.72
CA HIS A 99 14.13 -0.38 -3.92
C HIS A 99 15.11 0.49 -3.08
N MET A 1 6.15 -13.10 -3.39
CA MET A 1 4.79 -13.44 -3.84
C MET A 1 3.78 -12.43 -3.25
N GLY A 2 3.29 -11.53 -4.11
CA GLY A 2 2.36 -10.48 -3.72
C GLY A 2 3.06 -9.15 -3.53
N ARG A 3 3.12 -8.38 -4.62
CA ARG A 3 3.64 -7.00 -4.61
C ARG A 3 2.71 -6.10 -3.78
N LEU A 4 3.31 -5.16 -3.03
CA LEU A 4 2.57 -4.20 -2.21
C LEU A 4 2.96 -2.75 -2.57
N VAL A 5 1.94 -1.93 -2.89
CA VAL A 5 2.06 -0.47 -2.97
C VAL A 5 1.43 0.13 -1.71
N VAL A 6 2.16 1.00 -1.00
CA VAL A 6 1.63 1.72 0.18
C VAL A 6 1.44 3.19 -0.21
N VAL A 7 0.20 3.58 -0.45
CA VAL A 7 -0.17 4.95 -0.80
C VAL A 7 -0.39 5.75 0.49
N VAL A 8 0.36 6.84 0.65
CA VAL A 8 0.33 7.70 1.85
C VAL A 8 0.11 9.15 1.41
N THR A 9 -0.35 10.00 2.33
CA THR A 9 -0.56 11.44 2.08
C THR A 9 0.45 12.31 2.86
N SER A 10 1.40 11.65 3.55
CA SER A 10 2.43 12.34 4.34
C SER A 10 3.79 11.69 4.08
N GLU A 11 4.81 12.53 3.83
CA GLU A 11 6.21 12.10 3.61
C GLU A 11 6.78 11.38 4.86
N GLN A 12 6.31 11.79 6.06
CA GLN A 12 6.68 11.17 7.35
C GLN A 12 6.35 9.65 7.34
N LEU A 13 5.24 9.32 6.65
CA LEU A 13 4.79 7.94 6.46
C LEU A 13 5.59 7.26 5.31
N LYS A 14 5.78 7.99 4.19
CA LYS A 14 6.48 7.48 2.98
C LYS A 14 7.90 6.97 3.31
N GLU A 15 8.71 7.89 3.86
CA GLU A 15 10.08 7.60 4.30
C GLU A 15 10.09 6.40 5.27
N GLU A 16 9.09 6.34 6.16
CA GLU A 16 9.02 5.37 7.26
C GLU A 16 8.84 3.93 6.74
N VAL A 17 7.84 3.74 5.86
CA VAL A 17 7.51 2.43 5.29
C VAL A 17 8.67 1.88 4.43
N ARG A 18 9.35 2.77 3.68
CA ARG A 18 10.52 2.37 2.85
C ARG A 18 11.80 2.18 3.71
N LYS A 19 11.84 2.85 4.88
CA LYS A 19 12.99 2.79 5.82
C LYS A 19 13.04 1.41 6.49
N LYS A 20 11.84 0.89 6.80
CA LYS A 20 11.66 -0.45 7.35
C LYS A 20 11.70 -1.51 6.23
N PHE A 21 10.96 -1.23 5.14
CA PHE A 21 10.70 -2.22 4.07
C PHE A 21 11.09 -1.62 2.69
N PRO A 22 12.35 -1.83 2.22
CA PRO A 22 12.80 -1.36 0.87
C PRO A 22 12.15 -2.16 -0.29
N GLN A 23 11.41 -3.22 0.05
CA GLN A 23 10.79 -4.15 -0.92
C GLN A 23 9.47 -3.60 -1.50
N VAL A 24 8.78 -2.75 -0.72
CA VAL A 24 7.46 -2.21 -1.09
C VAL A 24 7.62 -0.82 -1.74
N GLU A 25 6.76 -0.53 -2.74
CA GLU A 25 6.78 0.77 -3.45
C GLU A 25 5.74 1.71 -2.83
N VAL A 26 6.21 2.83 -2.26
CA VAL A 26 5.38 3.75 -1.46
C VAL A 26 5.30 5.10 -2.20
N ARG A 27 4.09 5.68 -2.28
CA ARG A 27 3.82 6.88 -3.08
C ARG A 27 3.22 7.99 -2.21
N LEU A 28 3.76 9.21 -2.36
CA LEU A 28 3.27 10.41 -1.67
C LEU A 28 2.22 11.09 -2.55
N VAL A 29 0.98 11.17 -2.05
CA VAL A 29 -0.13 11.83 -2.73
C VAL A 29 -0.41 13.17 -2.04
N THR A 30 0.01 14.26 -2.71
CA THR A 30 -0.19 15.64 -2.24
C THR A 30 -1.36 16.28 -3.02
N THR A 31 -1.52 15.83 -4.28
CA THR A 31 -2.59 16.24 -5.20
C THR A 31 -3.28 14.99 -5.78
N GLU A 32 -4.46 15.19 -6.38
CA GLU A 32 -5.23 14.10 -7.05
C GLU A 32 -4.44 13.51 -8.23
N GLU A 33 -3.61 14.37 -8.89
CA GLU A 33 -2.74 13.97 -10.01
C GLU A 33 -1.78 12.83 -9.60
N ASP A 34 -1.22 12.92 -8.37
CA ASP A 34 -0.37 11.86 -7.79
C ASP A 34 -1.13 10.53 -7.74
N ALA A 35 -2.37 10.60 -7.20
CA ALA A 35 -3.25 9.42 -7.03
C ALA A 35 -3.50 8.71 -8.38
N LYS A 36 -3.74 9.51 -9.44
CA LYS A 36 -3.96 9.03 -10.82
C LYS A 36 -2.73 8.26 -11.35
N GLN A 37 -1.52 8.81 -11.06
CA GLN A 37 -0.23 8.17 -11.44
C GLN A 37 -0.07 6.81 -10.73
N VAL A 38 -0.47 6.74 -9.45
CA VAL A 38 -0.38 5.52 -8.62
C VAL A 38 -1.28 4.41 -9.20
N ILE A 39 -2.56 4.77 -9.51
CA ILE A 39 -3.59 3.86 -10.06
C ILE A 39 -3.05 3.09 -11.27
N LYS A 40 -2.42 3.86 -12.19
CA LYS A 40 -1.82 3.32 -13.41
C LYS A 40 -0.72 2.31 -13.06
N GLU A 41 0.23 2.72 -12.17
CA GLU A 41 1.41 1.91 -11.78
C GLU A 41 0.97 0.53 -11.20
N ILE A 42 -0.04 0.56 -10.31
CA ILE A 42 -0.64 -0.64 -9.68
C ILE A 42 -1.09 -1.64 -10.78
N GLN A 43 -1.70 -1.11 -11.84
CA GLN A 43 -2.21 -1.90 -12.96
C GLN A 43 -1.06 -2.40 -13.88
N LYS A 44 -0.01 -1.56 -14.08
CA LYS A 44 1.10 -1.87 -15.01
C LYS A 44 1.94 -3.05 -14.52
N LYS A 45 2.32 -3.02 -13.23
CA LYS A 45 3.12 -4.08 -12.58
C LYS A 45 2.21 -5.25 -12.19
N GLY A 46 0.90 -4.97 -12.06
CA GLY A 46 -0.08 -5.99 -11.66
C GLY A 46 0.02 -6.31 -10.17
N VAL A 47 0.07 -5.25 -9.36
CA VAL A 47 0.19 -5.33 -7.89
C VAL A 47 -1.09 -5.95 -7.30
N GLN A 48 -0.93 -6.97 -6.44
CA GLN A 48 -2.04 -7.76 -5.91
C GLN A 48 -2.77 -7.00 -4.79
N LYS A 49 -1.99 -6.59 -3.79
CA LYS A 49 -2.50 -5.93 -2.57
C LYS A 49 -1.88 -4.53 -2.46
N VAL A 50 -2.71 -3.54 -2.08
CA VAL A 50 -2.30 -2.13 -1.91
C VAL A 50 -2.82 -1.60 -0.56
N VAL A 51 -1.91 -1.04 0.25
CA VAL A 51 -2.25 -0.37 1.51
C VAL A 51 -2.56 1.12 1.22
N LEU A 52 -3.67 1.63 1.78
CA LEU A 52 -4.03 3.05 1.72
C LEU A 52 -4.00 3.64 3.16
N VAL A 53 -2.94 4.41 3.46
CA VAL A 53 -2.71 5.05 4.79
C VAL A 53 -2.99 6.56 4.71
N GLY A 54 -3.84 7.04 5.64
CA GLY A 54 -4.11 8.48 5.83
C GLY A 54 -4.77 9.17 4.63
N VAL A 55 -5.33 8.38 3.71
CA VAL A 55 -5.92 8.90 2.46
C VAL A 55 -7.37 9.38 2.71
N SER A 56 -7.92 10.16 1.78
CA SER A 56 -9.33 10.58 1.83
C SER A 56 -10.25 9.40 1.53
N GLU A 57 -11.47 9.43 2.09
CA GLU A 57 -12.47 8.34 1.94
C GLU A 57 -12.80 8.10 0.45
N LYS A 58 -13.03 9.22 -0.27
CA LYS A 58 -13.37 9.19 -1.71
C LYS A 58 -12.20 8.63 -2.55
N LEU A 59 -10.96 9.10 -2.24
CA LEU A 59 -9.73 8.60 -2.90
C LEU A 59 -9.53 7.10 -2.65
N LEU A 60 -9.86 6.66 -1.42
CA LEU A 60 -9.73 5.25 -1.00
C LEU A 60 -10.63 4.35 -1.86
N GLN A 61 -11.92 4.71 -1.90
CA GLN A 61 -12.96 3.98 -2.65
C GLN A 61 -12.66 4.02 -4.16
N LYS A 62 -12.09 5.16 -4.62
CA LYS A 62 -11.71 5.36 -6.03
C LYS A 62 -10.63 4.34 -6.42
N ILE A 63 -9.43 4.41 -5.78
CA ILE A 63 -8.27 3.52 -6.06
C ILE A 63 -8.69 2.02 -6.00
N LYS A 64 -9.61 1.70 -5.06
CA LYS A 64 -10.21 0.36 -4.91
C LYS A 64 -10.95 -0.06 -6.21
N GLN A 65 -11.80 0.83 -6.73
CA GLN A 65 -12.65 0.56 -7.91
C GLN A 65 -11.86 0.61 -9.23
N GLU A 66 -10.83 1.49 -9.30
CA GLU A 66 -10.05 1.74 -10.54
C GLU A 66 -9.04 0.60 -10.77
N ALA A 67 -8.29 0.25 -9.70
CA ALA A 67 -7.22 -0.77 -9.77
C ALA A 67 -7.75 -2.19 -9.47
N ASN A 68 -8.87 -2.28 -8.72
CA ASN A 68 -9.56 -3.57 -8.39
C ASN A 68 -8.63 -4.52 -7.61
N VAL A 69 -7.99 -3.95 -6.56
CA VAL A 69 -6.97 -4.63 -5.74
C VAL A 69 -7.38 -4.66 -4.26
N GLN A 70 -6.79 -5.58 -3.48
CA GLN A 70 -7.12 -5.76 -2.05
C GLN A 70 -6.58 -4.54 -1.27
N VAL A 71 -7.51 -3.75 -0.71
CA VAL A 71 -7.18 -2.49 -0.04
C VAL A 71 -7.07 -2.70 1.48
N TYR A 72 -5.91 -2.30 2.03
CA TYR A 72 -5.64 -2.34 3.48
C TYR A 72 -5.66 -0.91 4.03
N ARG A 73 -6.75 -0.55 4.69
CA ARG A 73 -6.87 0.76 5.35
C ARG A 73 -6.17 0.68 6.71
N VAL A 74 -4.99 1.30 6.79
CA VAL A 74 -4.17 1.31 8.00
C VAL A 74 -4.42 2.61 8.77
N THR A 75 -4.69 2.46 10.07
CA THR A 75 -4.99 3.58 10.99
C THR A 75 -3.73 4.12 11.69
N SER A 76 -2.75 3.24 11.96
CA SER A 76 -1.51 3.60 12.71
C SER A 76 -0.33 2.76 12.19
N ASN A 77 0.91 3.26 12.41
CA ASN A 77 2.15 2.59 11.94
C ASN A 77 2.29 1.16 12.52
N ASP A 78 1.70 0.92 13.70
CA ASP A 78 1.64 -0.42 14.32
C ASP A 78 0.94 -1.41 13.37
N GLU A 79 -0.22 -0.96 12.85
CA GLU A 79 -1.05 -1.73 11.91
C GLU A 79 -0.35 -1.87 10.56
N LEU A 80 0.38 -0.81 10.15
CA LEU A 80 1.16 -0.77 8.90
C LEU A 80 2.19 -1.91 8.91
N GLU A 81 3.00 -1.94 9.98
CA GLU A 81 4.06 -2.94 10.17
C GLU A 81 3.46 -4.36 10.08
N GLN A 82 2.36 -4.57 10.81
CA GLN A 82 1.68 -5.88 10.89
C GLN A 82 1.16 -6.33 9.51
N VAL A 83 0.63 -5.37 8.71
CA VAL A 83 0.13 -5.64 7.34
C VAL A 83 1.28 -6.07 6.41
N VAL A 84 2.41 -5.33 6.46
CA VAL A 84 3.56 -5.59 5.56
C VAL A 84 4.33 -6.87 5.98
N LYS A 85 4.25 -7.21 7.28
CA LYS A 85 4.77 -8.49 7.83
C LYS A 85 3.89 -9.67 7.32
N ASP A 86 2.61 -9.39 7.14
CA ASP A 86 1.59 -10.40 6.75
C ASP A 86 1.43 -10.52 5.22
N VAL A 87 1.67 -9.43 4.49
CA VAL A 87 1.28 -9.28 3.06
C VAL A 87 1.97 -10.32 2.14
N LYS A 88 3.26 -10.59 2.40
CA LYS A 88 4.04 -11.58 1.63
C LYS A 88 4.93 -12.43 2.57
N GLY A 89 4.71 -12.29 3.89
CA GLY A 89 5.32 -13.17 4.90
C GLY A 89 4.33 -14.17 5.45
N SER A 90 3.04 -13.95 5.15
CA SER A 90 1.93 -14.82 5.55
C SER A 90 0.93 -14.95 4.37
N GLY A 91 0.07 -15.97 4.44
CA GLY A 91 -0.87 -16.29 3.37
C GLY A 91 -1.37 -17.71 3.48
N LEU A 92 -0.45 -18.64 3.84
CA LEU A 92 -0.82 -20.03 4.16
C LEU A 92 -1.51 -20.03 5.54
N GLU A 93 -2.82 -20.39 5.54
CA GLU A 93 -3.71 -20.30 6.71
C GLU A 93 -3.92 -18.80 7.06
N HIS A 94 -4.86 -18.13 6.34
CA HIS A 94 -5.15 -16.68 6.52
C HIS A 94 -6.58 -16.50 7.09
N HIS A 95 -6.65 -16.03 8.36
CA HIS A 95 -7.91 -15.82 9.12
C HIS A 95 -8.71 -17.14 9.30
N HIS A 96 -8.12 -18.09 10.05
CA HIS A 96 -8.72 -19.41 10.30
C HIS A 96 -9.13 -19.55 11.78
N HIS A 97 -10.20 -20.31 12.01
CA HIS A 97 -10.66 -20.71 13.36
C HIS A 97 -10.23 -22.16 13.66
N HIS A 98 -9.88 -22.90 12.57
CA HIS A 98 -9.41 -24.30 12.58
C HIS A 98 -10.56 -25.30 12.84
N HIS A 99 -11.21 -25.19 14.02
CA HIS A 99 -12.34 -26.05 14.41
C HIS A 99 -13.57 -25.81 13.50
N MET A 1 3.58 -14.10 -2.06
CA MET A 1 2.17 -13.81 -2.36
C MET A 1 2.08 -12.57 -3.29
N GLY A 2 0.87 -12.04 -3.47
CA GLY A 2 0.63 -10.88 -4.34
C GLY A 2 1.26 -9.62 -3.78
N ARG A 3 1.88 -8.82 -4.66
CA ARG A 3 2.70 -7.62 -4.31
C ARG A 3 1.98 -6.63 -3.37
N LEU A 4 2.74 -6.00 -2.46
CA LEU A 4 2.25 -4.91 -1.59
C LEU A 4 2.92 -3.59 -1.99
N VAL A 5 2.09 -2.57 -2.27
CA VAL A 5 2.55 -1.18 -2.50
C VAL A 5 1.77 -0.26 -1.56
N VAL A 6 2.50 0.50 -0.74
CA VAL A 6 1.94 1.39 0.27
C VAL A 6 1.87 2.82 -0.29
N VAL A 7 0.66 3.25 -0.61
CA VAL A 7 0.37 4.61 -1.06
C VAL A 7 0.14 5.50 0.18
N VAL A 8 0.86 6.60 0.23
CA VAL A 8 0.82 7.57 1.33
C VAL A 8 0.52 8.95 0.74
N THR A 9 -0.02 9.85 1.56
CA THR A 9 -0.29 11.24 1.16
C THR A 9 0.70 12.24 1.79
N SER A 10 1.64 11.74 2.60
CA SER A 10 2.61 12.58 3.32
C SER A 10 4.02 12.01 3.14
N GLU A 11 5.00 12.92 3.01
CA GLU A 11 6.44 12.60 2.96
C GLU A 11 6.90 11.96 4.29
N GLN A 12 6.28 12.40 5.41
CA GLN A 12 6.58 11.86 6.77
C GLN A 12 6.15 10.37 6.84
N LEU A 13 5.03 10.03 6.19
CA LEU A 13 4.54 8.64 6.07
C LEU A 13 5.37 7.84 5.04
N LYS A 14 5.81 8.52 3.98
CA LYS A 14 6.60 7.93 2.88
C LYS A 14 7.95 7.40 3.40
N GLU A 15 8.70 8.29 4.08
CA GLU A 15 9.99 7.95 4.68
C GLU A 15 9.81 6.85 5.73
N GLU A 16 8.69 6.91 6.49
CA GLU A 16 8.37 5.94 7.56
C GLU A 16 8.37 4.50 7.04
N VAL A 17 7.54 4.25 6.01
CA VAL A 17 7.38 2.91 5.42
C VAL A 17 8.68 2.43 4.76
N ARG A 18 9.41 3.35 4.10
CA ARG A 18 10.73 3.04 3.48
C ARG A 18 11.82 2.75 4.55
N LYS A 19 11.68 3.39 5.72
CA LYS A 19 12.67 3.34 6.82
C LYS A 19 12.58 2.01 7.57
N LYS A 20 11.35 1.51 7.74
CA LYS A 20 11.07 0.20 8.34
C LYS A 20 11.24 -0.92 7.32
N PHE A 21 10.73 -0.69 6.09
CA PHE A 21 10.60 -1.72 5.05
C PHE A 21 11.08 -1.19 3.67
N PRO A 22 12.37 -1.43 3.30
CA PRO A 22 12.86 -1.20 1.92
C PRO A 22 12.36 -2.30 0.95
N GLN A 23 11.74 -3.34 1.53
CA GLN A 23 11.22 -4.53 0.83
C GLN A 23 9.86 -4.29 0.13
N VAL A 24 9.15 -3.21 0.49
CA VAL A 24 7.86 -2.83 -0.14
C VAL A 24 8.01 -1.47 -0.86
N GLU A 25 7.25 -1.29 -1.95
CA GLU A 25 7.26 -0.04 -2.75
C GLU A 25 6.31 0.98 -2.12
N VAL A 26 6.64 2.27 -2.24
CA VAL A 26 5.85 3.38 -1.67
C VAL A 26 5.55 4.44 -2.77
N ARG A 27 4.27 4.85 -2.88
CA ARG A 27 3.84 5.91 -3.82
C ARG A 27 3.39 7.13 -3.03
N LEU A 28 3.96 8.31 -3.34
CA LEU A 28 3.61 9.57 -2.65
C LEU A 28 2.52 10.33 -3.44
N VAL A 29 1.46 10.76 -2.73
CA VAL A 29 0.30 11.46 -3.31
C VAL A 29 0.09 12.80 -2.58
N THR A 30 0.50 13.91 -3.21
CA THR A 30 0.29 15.26 -2.64
C THR A 30 -0.91 15.96 -3.33
N THR A 31 -1.23 15.52 -4.56
CA THR A 31 -2.38 16.02 -5.34
C THR A 31 -3.29 14.84 -5.71
N GLU A 32 -4.56 15.13 -6.06
CA GLU A 32 -5.50 14.12 -6.59
C GLU A 32 -4.95 13.54 -7.91
N GLU A 33 -4.21 14.39 -8.67
CA GLU A 33 -3.51 14.00 -9.90
C GLU A 33 -2.57 12.81 -9.63
N ASP A 34 -1.81 12.89 -8.52
CA ASP A 34 -0.89 11.80 -8.09
C ASP A 34 -1.66 10.51 -7.81
N ALA A 35 -2.85 10.64 -7.16
CA ALA A 35 -3.73 9.49 -6.85
C ALA A 35 -4.20 8.78 -8.13
N LYS A 36 -4.49 9.59 -9.17
CA LYS A 36 -4.87 9.11 -10.51
C LYS A 36 -3.70 8.35 -11.19
N GLN A 37 -2.49 8.91 -11.04
CA GLN A 37 -1.25 8.31 -11.56
C GLN A 37 -0.99 6.96 -10.89
N VAL A 38 -1.29 6.90 -9.57
CA VAL A 38 -1.13 5.69 -8.76
C VAL A 38 -2.14 4.60 -9.18
N ILE A 39 -3.38 5.01 -9.55
CA ILE A 39 -4.39 4.09 -10.12
C ILE A 39 -3.78 3.32 -11.33
N LYS A 40 -3.11 4.08 -12.20
CA LYS A 40 -2.43 3.56 -13.40
C LYS A 40 -1.19 2.73 -13.02
N GLU A 41 -0.46 3.23 -12.01
CA GLU A 41 0.87 2.71 -11.63
C GLU A 41 0.77 1.30 -11.02
N ILE A 42 -0.25 1.13 -10.18
CA ILE A 42 -0.64 -0.14 -9.57
C ILE A 42 -0.91 -1.20 -10.64
N GLN A 43 -1.61 -0.80 -11.71
CA GLN A 43 -2.00 -1.69 -12.82
C GLN A 43 -0.79 -2.06 -13.71
N LYS A 44 0.19 -1.14 -13.79
CA LYS A 44 1.48 -1.39 -14.50
C LYS A 44 2.36 -2.38 -13.72
N LYS A 45 2.41 -2.22 -12.39
CA LYS A 45 3.16 -3.11 -11.47
C LYS A 45 2.42 -4.44 -11.25
N GLY A 46 1.11 -4.45 -11.53
CA GLY A 46 0.26 -5.62 -11.36
C GLY A 46 0.06 -5.98 -9.89
N VAL A 47 -0.14 -4.94 -9.06
CA VAL A 47 -0.19 -5.07 -7.60
C VAL A 47 -1.54 -5.65 -7.16
N GLN A 48 -1.51 -6.64 -6.27
CA GLN A 48 -2.70 -7.30 -5.74
C GLN A 48 -3.20 -6.55 -4.49
N LYS A 49 -2.26 -6.24 -3.58
CA LYS A 49 -2.53 -5.68 -2.25
C LYS A 49 -1.94 -4.26 -2.14
N VAL A 50 -2.76 -3.27 -1.80
CA VAL A 50 -2.33 -1.86 -1.67
C VAL A 50 -2.73 -1.33 -0.28
N VAL A 51 -1.78 -0.68 0.42
CA VAL A 51 -2.06 -0.01 1.71
C VAL A 51 -2.28 1.49 1.45
N LEU A 52 -3.44 2.01 1.86
CA LEU A 52 -3.78 3.44 1.72
C LEU A 52 -3.71 4.12 3.10
N VAL A 53 -2.71 5.01 3.26
CA VAL A 53 -2.41 5.69 4.55
C VAL A 53 -2.71 7.19 4.44
N GLY A 54 -3.63 7.67 5.30
CA GLY A 54 -3.97 9.10 5.41
C GLY A 54 -4.71 9.65 4.20
N VAL A 55 -5.40 8.77 3.46
CA VAL A 55 -6.11 9.15 2.22
C VAL A 55 -7.58 9.46 2.53
N SER A 56 -8.19 10.35 1.73
CA SER A 56 -9.64 10.60 1.78
C SER A 56 -10.39 9.32 1.35
N GLU A 57 -11.55 9.04 1.96
CA GLU A 57 -12.34 7.81 1.66
C GLU A 57 -12.88 7.83 0.22
N LYS A 58 -13.06 9.03 -0.36
CA LYS A 58 -13.42 9.21 -1.77
C LYS A 58 -12.28 8.69 -2.69
N LEU A 59 -11.02 8.92 -2.25
CA LEU A 59 -9.82 8.40 -2.94
C LEU A 59 -9.65 6.90 -2.66
N LEU A 60 -10.00 6.48 -1.43
CA LEU A 60 -9.85 5.09 -0.99
C LEU A 60 -10.69 4.14 -1.86
N GLN A 61 -11.99 4.47 -2.00
CA GLN A 61 -12.95 3.70 -2.81
C GLN A 61 -12.58 3.75 -4.30
N LYS A 62 -12.11 4.92 -4.75
CA LYS A 62 -11.75 5.15 -6.16
C LYS A 62 -10.55 4.29 -6.56
N ILE A 63 -9.43 4.42 -5.84
CA ILE A 63 -8.20 3.62 -6.07
C ILE A 63 -8.50 2.09 -5.91
N LYS A 64 -9.42 1.75 -4.98
CA LYS A 64 -9.83 0.35 -4.70
C LYS A 64 -10.44 -0.29 -5.98
N GLN A 65 -11.45 0.39 -6.55
CA GLN A 65 -12.23 -0.11 -7.70
C GLN A 65 -11.46 0.04 -9.02
N GLU A 66 -10.88 1.24 -9.22
CA GLU A 66 -10.22 1.61 -10.49
C GLU A 66 -8.93 0.82 -10.70
N ALA A 67 -8.11 0.66 -9.64
CA ALA A 67 -6.90 -0.18 -9.69
C ALA A 67 -7.26 -1.66 -9.48
N ASN A 68 -8.47 -1.91 -8.92
CA ASN A 68 -9.05 -3.27 -8.73
C ASN A 68 -8.16 -4.10 -7.79
N VAL A 69 -8.04 -3.62 -6.54
CA VAL A 69 -7.10 -4.16 -5.53
C VAL A 69 -7.78 -4.35 -4.15
N GLN A 70 -7.10 -5.11 -3.28
CA GLN A 70 -7.45 -5.24 -1.87
C GLN A 70 -6.73 -4.14 -1.08
N VAL A 71 -7.52 -3.22 -0.52
CA VAL A 71 -7.01 -2.04 0.20
C VAL A 71 -6.95 -2.30 1.72
N TYR A 72 -5.77 -2.10 2.29
CA TYR A 72 -5.51 -2.16 3.73
C TYR A 72 -5.39 -0.72 4.26
N ARG A 73 -6.38 -0.31 5.02
CA ARG A 73 -6.45 1.03 5.60
C ARG A 73 -5.75 1.02 6.97
N VAL A 74 -4.57 1.65 7.06
CA VAL A 74 -3.81 1.75 8.33
C VAL A 74 -3.67 3.24 8.71
N THR A 75 -3.88 3.51 10.00
CA THR A 75 -3.65 4.83 10.62
C THR A 75 -2.47 4.76 11.59
N SER A 76 -1.96 3.53 11.81
CA SER A 76 -0.87 3.26 12.75
C SER A 76 0.19 2.41 12.06
N ASN A 77 1.47 2.62 12.43
CA ASN A 77 2.62 1.85 11.90
C ASN A 77 2.47 0.36 12.22
N ASP A 78 1.82 0.07 13.38
CA ASP A 78 1.62 -1.29 13.93
C ASP A 78 0.92 -2.19 12.91
N GLU A 79 -0.21 -1.70 12.37
CA GLU A 79 -1.04 -2.41 11.39
C GLU A 79 -0.28 -2.56 10.07
N LEU A 80 0.44 -1.50 9.67
CA LEU A 80 1.26 -1.48 8.44
C LEU A 80 2.29 -2.64 8.47
N GLU A 81 2.92 -2.81 9.66
CA GLU A 81 3.90 -3.89 9.90
C GLU A 81 3.27 -5.27 9.70
N GLN A 82 2.00 -5.42 10.16
CA GLN A 82 1.25 -6.69 10.06
C GLN A 82 0.90 -7.01 8.59
N VAL A 83 0.56 -5.97 7.81
CA VAL A 83 0.20 -6.11 6.39
C VAL A 83 1.44 -6.53 5.56
N VAL A 84 2.62 -6.00 5.95
CA VAL A 84 3.91 -6.39 5.32
C VAL A 84 4.28 -7.85 5.69
N LYS A 85 3.92 -8.27 6.92
CA LYS A 85 4.08 -9.67 7.35
C LYS A 85 3.19 -10.60 6.49
N ASP A 86 1.99 -10.10 6.15
CA ASP A 86 0.97 -10.85 5.43
C ASP A 86 1.39 -11.12 3.97
N VAL A 87 1.82 -10.06 3.25
CA VAL A 87 2.25 -10.17 1.83
C VAL A 87 3.44 -11.12 1.67
N LYS A 88 4.39 -11.05 2.61
CA LYS A 88 5.58 -11.91 2.61
C LYS A 88 5.18 -13.34 3.02
N GLY A 89 4.76 -14.14 2.02
CA GLY A 89 4.49 -15.57 2.22
C GLY A 89 5.80 -16.35 2.22
N SER A 90 6.63 -16.04 3.22
CA SER A 90 8.02 -16.48 3.30
C SER A 90 8.57 -16.04 4.68
N GLY A 91 9.60 -16.75 5.16
CA GLY A 91 10.19 -16.48 6.48
C GLY A 91 11.66 -16.11 6.41
N LEU A 92 12.06 -15.37 5.36
CA LEU A 92 13.46 -14.91 5.20
C LEU A 92 13.66 -13.54 5.88
N GLU A 93 14.74 -13.45 6.68
CA GLU A 93 15.16 -12.24 7.41
C GLU A 93 16.66 -12.00 7.16
N HIS A 94 17.30 -11.13 7.98
CA HIS A 94 18.77 -11.01 8.01
C HIS A 94 19.22 -10.44 9.38
N HIS A 95 19.47 -11.33 10.34
CA HIS A 95 20.03 -10.97 11.66
C HIS A 95 21.35 -11.75 11.90
N HIS A 96 22.39 -11.34 11.17
CA HIS A 96 23.76 -11.86 11.34
C HIS A 96 24.37 -11.29 12.63
N HIS A 97 24.54 -9.96 12.67
CA HIS A 97 25.16 -9.27 13.81
C HIS A 97 24.09 -8.90 14.87
N HIS A 98 24.24 -9.47 16.06
CA HIS A 98 23.41 -9.17 17.25
C HIS A 98 24.05 -9.80 18.49
N HIS A 99 23.73 -9.25 19.66
CA HIS A 99 24.16 -9.79 20.95
C HIS A 99 23.02 -10.69 21.50
N MET A 1 8.77 -10.29 -3.65
CA MET A 1 8.19 -11.53 -3.09
C MET A 1 6.95 -11.16 -2.26
N GLY A 2 5.76 -11.23 -2.89
CA GLY A 2 4.53 -10.70 -2.32
C GLY A 2 4.37 -9.24 -2.69
N ARG A 3 3.90 -9.00 -3.94
CA ARG A 3 3.84 -7.64 -4.52
C ARG A 3 2.86 -6.75 -3.73
N LEU A 4 3.42 -5.75 -3.03
CA LEU A 4 2.68 -4.81 -2.21
C LEU A 4 3.15 -3.37 -2.51
N VAL A 5 2.19 -2.47 -2.81
CA VAL A 5 2.46 -1.03 -2.98
C VAL A 5 1.79 -0.26 -1.84
N VAL A 6 2.61 0.38 -1.01
CA VAL A 6 2.14 1.17 0.13
C VAL A 6 2.01 2.64 -0.31
N VAL A 7 0.80 3.05 -0.62
CA VAL A 7 0.47 4.42 -0.99
C VAL A 7 0.25 5.27 0.27
N VAL A 8 0.92 6.42 0.34
CA VAL A 8 0.87 7.34 1.48
C VAL A 8 0.46 8.74 0.96
N THR A 9 -0.11 9.57 1.82
CA THR A 9 -0.48 10.97 1.46
C THR A 9 0.59 11.98 1.95
N SER A 10 1.47 11.53 2.84
CA SER A 10 2.46 12.39 3.52
C SER A 10 3.88 11.82 3.36
N GLU A 11 4.87 12.72 3.19
CA GLU A 11 6.29 12.35 3.09
C GLU A 11 6.83 11.76 4.42
N GLN A 12 6.22 12.19 5.56
CA GLN A 12 6.50 11.61 6.89
C GLN A 12 6.19 10.11 6.89
N LEU A 13 5.03 9.77 6.28
CA LEU A 13 4.58 8.38 6.14
C LEU A 13 5.43 7.62 5.10
N LYS A 14 5.91 8.32 4.06
CA LYS A 14 6.74 7.70 2.99
C LYS A 14 8.07 7.20 3.55
N GLU A 15 8.81 8.10 4.23
CA GLU A 15 10.12 7.79 4.82
C GLU A 15 9.98 6.84 6.02
N GLU A 16 8.78 6.82 6.64
CA GLU A 16 8.44 5.88 7.73
C GLU A 16 8.48 4.44 7.21
N VAL A 17 7.62 4.17 6.21
CA VAL A 17 7.42 2.83 5.64
C VAL A 17 8.68 2.34 4.88
N ARG A 18 9.41 3.26 4.22
CA ARG A 18 10.65 2.88 3.48
C ARG A 18 11.83 2.64 4.44
N LYS A 19 11.84 3.31 5.61
CA LYS A 19 12.92 3.12 6.63
C LYS A 19 12.78 1.72 7.26
N LYS A 20 11.53 1.36 7.58
CA LYS A 20 11.19 0.01 8.07
C LYS A 20 11.35 -1.04 6.95
N PHE A 21 10.76 -0.74 5.77
CA PHE A 21 10.63 -1.71 4.66
C PHE A 21 11.05 -1.05 3.32
N PRO A 22 12.37 -1.06 2.98
CA PRO A 22 12.82 -0.76 1.58
C PRO A 22 12.34 -1.81 0.56
N GLN A 23 11.87 -2.96 1.08
CA GLN A 23 11.41 -4.13 0.28
C GLN A 23 10.09 -3.83 -0.48
N VAL A 24 9.24 -2.91 0.06
CA VAL A 24 7.92 -2.59 -0.53
C VAL A 24 7.99 -1.29 -1.36
N GLU A 25 7.15 -1.20 -2.41
CA GLU A 25 7.07 0.00 -3.28
C GLU A 25 6.15 1.04 -2.63
N VAL A 26 6.72 2.12 -2.07
CA VAL A 26 5.94 3.19 -1.41
C VAL A 26 5.75 4.35 -2.39
N ARG A 27 4.50 4.85 -2.48
CA ARG A 27 4.07 5.78 -3.55
C ARG A 27 3.27 6.95 -2.94
N LEU A 28 3.63 8.19 -3.28
CA LEU A 28 3.10 9.41 -2.63
C LEU A 28 1.94 10.05 -3.43
N VAL A 29 0.91 10.55 -2.70
CA VAL A 29 -0.23 11.32 -3.26
C VAL A 29 -0.34 12.65 -2.49
N THR A 30 0.03 13.76 -3.15
CA THR A 30 -0.10 15.11 -2.58
C THR A 30 -1.21 15.91 -3.32
N THR A 31 -1.41 15.59 -4.60
CA THR A 31 -2.44 16.23 -5.45
C THR A 31 -3.39 15.16 -6.02
N GLU A 32 -4.44 15.61 -6.71
CA GLU A 32 -5.45 14.75 -7.36
C GLU A 32 -4.84 14.01 -8.58
N GLU A 33 -3.96 14.70 -9.32
CA GLU A 33 -3.28 14.10 -10.50
C GLU A 33 -2.28 13.01 -10.07
N ASP A 34 -1.74 13.12 -8.82
CA ASP A 34 -0.93 12.05 -8.22
C ASP A 34 -1.75 10.76 -8.10
N ALA A 35 -2.97 10.90 -7.54
CA ALA A 35 -3.88 9.76 -7.32
C ALA A 35 -4.17 9.00 -8.63
N LYS A 36 -4.39 9.75 -9.72
CA LYS A 36 -4.56 9.20 -11.09
C LYS A 36 -3.34 8.35 -11.51
N GLN A 37 -2.14 8.94 -11.34
CA GLN A 37 -0.86 8.29 -11.68
C GLN A 37 -0.69 6.97 -10.89
N VAL A 38 -1.02 7.01 -9.58
CA VAL A 38 -0.89 5.87 -8.67
C VAL A 38 -1.80 4.70 -9.09
N ILE A 39 -3.05 5.00 -9.51
CA ILE A 39 -4.01 3.98 -9.99
C ILE A 39 -3.43 3.22 -11.22
N LYS A 40 -2.87 4.00 -12.16
CA LYS A 40 -2.27 3.47 -13.40
C LYS A 40 -0.91 2.77 -13.13
N GLU A 41 -0.25 3.18 -12.03
CA GLU A 41 1.07 2.63 -11.62
C GLU A 41 0.88 1.22 -11.03
N ILE A 42 -0.20 1.09 -10.22
CA ILE A 42 -0.67 -0.19 -9.68
C ILE A 42 -0.95 -1.18 -10.83
N GLN A 43 -1.61 -0.67 -11.90
CA GLN A 43 -1.95 -1.45 -13.09
C GLN A 43 -0.69 -1.76 -13.95
N LYS A 44 0.35 -0.91 -13.83
CA LYS A 44 1.63 -1.09 -14.54
C LYS A 44 2.42 -2.28 -13.95
N LYS A 45 2.45 -2.39 -12.60
CA LYS A 45 3.13 -3.50 -11.90
C LYS A 45 2.19 -4.71 -11.77
N GLY A 46 0.89 -4.45 -11.92
CA GLY A 46 -0.15 -5.49 -11.76
C GLY A 46 -0.31 -5.93 -10.31
N VAL A 47 -0.37 -4.94 -9.42
CA VAL A 47 -0.38 -5.16 -7.96
C VAL A 47 -1.77 -5.60 -7.52
N GLN A 48 -1.86 -6.72 -6.80
CA GLN A 48 -3.14 -7.27 -6.32
C GLN A 48 -3.54 -6.63 -4.97
N LYS A 49 -2.54 -6.40 -4.09
CA LYS A 49 -2.77 -5.84 -2.75
C LYS A 49 -2.10 -4.47 -2.63
N VAL A 50 -2.88 -3.43 -2.32
CA VAL A 50 -2.39 -2.05 -2.16
C VAL A 50 -2.76 -1.52 -0.77
N VAL A 51 -1.76 -1.00 -0.04
CA VAL A 51 -1.94 -0.38 1.28
C VAL A 51 -2.16 1.12 1.12
N LEU A 52 -3.23 1.67 1.70
CA LEU A 52 -3.51 3.11 1.68
C LEU A 52 -3.34 3.69 3.10
N VAL A 53 -2.14 4.22 3.40
CA VAL A 53 -1.81 4.79 4.72
C VAL A 53 -2.31 6.24 4.83
N GLY A 54 -3.33 6.44 5.70
CA GLY A 54 -3.82 7.76 6.05
C GLY A 54 -4.42 8.53 4.87
N VAL A 55 -5.28 7.87 4.10
CA VAL A 55 -5.96 8.48 2.93
C VAL A 55 -7.39 8.87 3.28
N SER A 56 -7.96 9.78 2.49
CA SER A 56 -9.37 10.13 2.57
C SER A 56 -10.23 8.96 2.02
N GLU A 57 -11.51 8.93 2.42
CA GLU A 57 -12.48 7.92 1.96
C GLU A 57 -12.73 8.06 0.44
N LYS A 58 -12.54 9.29 -0.10
CA LYS A 58 -12.66 9.55 -1.55
C LYS A 58 -11.52 8.86 -2.32
N LEU A 59 -10.30 8.84 -1.71
CA LEU A 59 -9.12 8.19 -2.30
C LEU A 59 -9.18 6.67 -2.11
N LEU A 60 -9.77 6.23 -0.98
CA LEU A 60 -9.96 4.80 -0.70
C LEU A 60 -10.83 4.18 -1.79
N GLN A 61 -12.09 4.66 -1.87
CA GLN A 61 -13.11 4.11 -2.78
C GLN A 61 -12.69 4.23 -4.25
N LYS A 62 -11.93 5.27 -4.58
CA LYS A 62 -11.46 5.52 -5.95
C LYS A 62 -10.38 4.50 -6.36
N ILE A 63 -9.29 4.40 -5.56
CA ILE A 63 -8.19 3.44 -5.83
C ILE A 63 -8.72 1.97 -5.75
N LYS A 64 -9.67 1.73 -4.83
CA LYS A 64 -10.28 0.41 -4.57
C LYS A 64 -11.04 -0.09 -5.82
N GLN A 65 -11.92 0.77 -6.36
CA GLN A 65 -12.80 0.43 -7.49
C GLN A 65 -12.06 0.51 -8.85
N GLU A 66 -11.24 1.55 -9.04
CA GLU A 66 -10.54 1.79 -10.32
C GLU A 66 -9.41 0.78 -10.55
N ALA A 67 -8.52 0.63 -9.56
CA ALA A 67 -7.39 -0.32 -9.66
C ALA A 67 -7.89 -1.77 -9.46
N ASN A 68 -9.06 -1.92 -8.80
CA ASN A 68 -9.74 -3.23 -8.56
C ASN A 68 -8.82 -4.15 -7.73
N VAL A 69 -8.38 -3.60 -6.58
CA VAL A 69 -7.35 -4.22 -5.71
C VAL A 69 -7.86 -4.40 -4.28
N GLN A 70 -7.26 -5.37 -3.58
CA GLN A 70 -7.49 -5.57 -2.15
C GLN A 70 -6.75 -4.48 -1.37
N VAL A 71 -7.53 -3.60 -0.75
CA VAL A 71 -7.03 -2.41 -0.06
C VAL A 71 -6.88 -2.68 1.44
N TYR A 72 -5.73 -2.26 2.00
CA TYR A 72 -5.48 -2.27 3.45
C TYR A 72 -5.24 -0.82 3.87
N ARG A 73 -6.24 -0.14 4.46
CA ARG A 73 -6.07 1.24 4.92
C ARG A 73 -5.48 1.24 6.33
N VAL A 74 -4.31 1.88 6.45
CA VAL A 74 -3.57 1.99 7.69
C VAL A 74 -3.91 3.33 8.37
N THR A 75 -4.27 3.24 9.66
CA THR A 75 -4.56 4.41 10.51
C THR A 75 -3.42 4.64 11.53
N SER A 76 -2.61 3.59 11.77
CA SER A 76 -1.51 3.62 12.75
C SER A 76 -0.33 2.76 12.25
N ASN A 77 0.89 3.05 12.76
CA ASN A 77 2.12 2.29 12.43
C ASN A 77 1.92 0.78 12.70
N ASP A 78 1.10 0.49 13.73
CA ASP A 78 0.73 -0.87 14.14
C ASP A 78 0.09 -1.66 12.98
N GLU A 79 -0.83 -0.99 12.25
CA GLU A 79 -1.51 -1.56 11.08
C GLU A 79 -0.49 -1.90 9.98
N LEU A 80 0.34 -0.88 9.66
CA LEU A 80 1.30 -0.92 8.53
C LEU A 80 2.27 -2.10 8.65
N GLU A 81 2.89 -2.21 9.85
CA GLU A 81 3.89 -3.23 10.16
C GLU A 81 3.28 -4.64 10.00
N GLN A 82 2.08 -4.84 10.57
CA GLN A 82 1.38 -6.14 10.57
C GLN A 82 0.95 -6.57 9.15
N VAL A 83 0.59 -5.58 8.29
CA VAL A 83 0.21 -5.87 6.88
C VAL A 83 1.41 -6.44 6.09
N VAL A 84 2.59 -5.85 6.33
CA VAL A 84 3.82 -6.28 5.64
C VAL A 84 4.34 -7.64 6.21
N LYS A 85 4.12 -7.88 7.51
CA LYS A 85 4.41 -9.21 8.15
C LYS A 85 3.58 -10.31 7.49
N ASP A 86 2.33 -9.94 7.18
CA ASP A 86 1.31 -10.83 6.61
C ASP A 86 1.58 -11.12 5.12
N VAL A 87 1.92 -10.07 4.35
CA VAL A 87 2.05 -10.17 2.87
C VAL A 87 3.27 -11.05 2.46
N LYS A 88 4.22 -11.25 3.37
CA LYS A 88 5.43 -12.07 3.09
C LYS A 88 5.14 -13.58 3.24
N GLY A 89 3.90 -13.93 3.65
CA GLY A 89 3.41 -15.31 3.63
C GLY A 89 2.14 -15.41 2.81
N SER A 90 1.10 -14.68 3.27
CA SER A 90 -0.23 -14.63 2.63
C SER A 90 -0.18 -14.07 1.21
N GLY A 91 0.55 -12.96 1.04
CA GLY A 91 0.68 -12.27 -0.26
C GLY A 91 1.73 -12.89 -1.15
N LEU A 92 2.68 -13.60 -0.52
CA LEU A 92 3.76 -14.30 -1.21
C LEU A 92 3.20 -15.42 -2.10
N GLU A 93 3.04 -15.10 -3.38
CA GLU A 93 2.63 -16.05 -4.42
C GLU A 93 3.75 -16.19 -5.43
N HIS A 94 4.10 -17.44 -5.79
CA HIS A 94 5.07 -17.72 -6.85
C HIS A 94 4.40 -17.50 -8.22
N HIS A 95 4.21 -16.23 -8.54
CA HIS A 95 3.51 -15.79 -9.75
C HIS A 95 4.46 -15.81 -10.95
N HIS A 96 3.93 -16.19 -12.12
CA HIS A 96 4.69 -16.23 -13.39
C HIS A 96 4.83 -14.82 -13.97
N HIS A 97 3.93 -13.92 -13.54
CA HIS A 97 4.04 -12.48 -13.76
C HIS A 97 5.28 -11.95 -13.02
N HIS A 98 6.27 -11.45 -13.79
CA HIS A 98 7.58 -11.00 -13.26
C HIS A 98 7.52 -9.57 -12.69
N HIS A 99 6.64 -9.39 -11.69
CA HIS A 99 6.49 -8.17 -10.87
C HIS A 99 5.67 -8.57 -9.62
N MET A 1 7.28 -13.42 -5.32
CA MET A 1 5.91 -12.86 -5.35
C MET A 1 5.58 -12.22 -3.98
N GLY A 2 4.87 -11.07 -4.03
CA GLY A 2 4.39 -10.38 -2.84
C GLY A 2 4.62 -8.88 -2.93
N ARG A 3 4.17 -8.26 -4.04
CA ARG A 3 4.25 -6.80 -4.21
C ARG A 3 3.13 -6.10 -3.43
N LEU A 4 3.55 -5.27 -2.48
CA LEU A 4 2.66 -4.38 -1.72
C LEU A 4 3.09 -2.92 -1.99
N VAL A 5 2.13 -2.10 -2.46
CA VAL A 5 2.35 -0.66 -2.70
C VAL A 5 1.67 0.12 -1.56
N VAL A 6 2.48 0.82 -0.76
CA VAL A 6 1.98 1.62 0.38
C VAL A 6 1.84 3.08 -0.07
N VAL A 7 0.60 3.48 -0.33
CA VAL A 7 0.26 4.86 -0.70
C VAL A 7 0.13 5.70 0.58
N VAL A 8 0.91 6.77 0.66
CA VAL A 8 0.94 7.70 1.78
C VAL A 8 0.68 9.11 1.24
N THR A 9 0.19 10.00 2.12
CA THR A 9 -0.07 11.40 1.77
C THR A 9 0.96 12.34 2.43
N SER A 10 1.88 11.75 3.22
CA SER A 10 2.90 12.50 3.96
C SER A 10 4.26 11.86 3.68
N GLU A 11 5.29 12.70 3.45
CA GLU A 11 6.68 12.27 3.29
C GLU A 11 7.25 11.73 4.61
N GLN A 12 6.64 12.15 5.73
CA GLN A 12 6.98 11.65 7.08
C GLN A 12 6.61 10.16 7.17
N LEU A 13 5.46 9.80 6.58
CA LEU A 13 4.97 8.41 6.50
C LEU A 13 5.71 7.62 5.39
N LYS A 14 6.16 8.34 4.34
CA LYS A 14 6.86 7.75 3.20
C LYS A 14 8.20 7.13 3.63
N GLU A 15 9.07 7.98 4.22
CA GLU A 15 10.39 7.56 4.70
C GLU A 15 10.27 6.54 5.86
N GLU A 16 9.15 6.60 6.60
CA GLU A 16 8.84 5.69 7.72
C GLU A 16 8.74 4.24 7.21
N VAL A 17 7.81 3.99 6.29
CA VAL A 17 7.54 2.65 5.74
C VAL A 17 8.75 2.15 4.89
N ARG A 18 9.50 3.08 4.28
CA ARG A 18 10.75 2.75 3.53
C ARG A 18 11.88 2.30 4.48
N LYS A 19 12.01 2.98 5.63
CA LYS A 19 13.08 2.73 6.63
C LYS A 19 12.85 1.36 7.30
N LYS A 20 11.57 1.04 7.54
CA LYS A 20 11.16 -0.27 8.05
C LYS A 20 11.29 -1.35 6.96
N PHE A 21 10.76 -1.07 5.75
CA PHE A 21 10.68 -2.06 4.65
C PHE A 21 11.17 -1.39 3.35
N PRO A 22 12.49 -1.52 3.00
CA PRO A 22 13.05 -0.94 1.75
C PRO A 22 12.70 -1.76 0.49
N GLN A 23 12.05 -2.92 0.70
CA GLN A 23 11.65 -3.86 -0.37
C GLN A 23 10.32 -3.44 -1.01
N VAL A 24 9.43 -2.77 -0.23
CA VAL A 24 8.10 -2.37 -0.71
C VAL A 24 8.15 -0.97 -1.37
N GLU A 25 7.16 -0.69 -2.23
CA GLU A 25 7.06 0.60 -2.96
C GLU A 25 6.11 1.55 -2.21
N VAL A 26 6.68 2.60 -1.62
CA VAL A 26 5.92 3.59 -0.84
C VAL A 26 5.76 4.87 -1.67
N ARG A 27 4.53 5.12 -2.18
CA ARG A 27 4.24 6.21 -3.14
C ARG A 27 3.55 7.39 -2.45
N LEU A 28 4.04 8.62 -2.72
CA LEU A 28 3.51 9.86 -2.14
C LEU A 28 2.35 10.41 -3.00
N VAL A 29 1.30 10.88 -2.33
CA VAL A 29 0.11 11.51 -2.95
C VAL A 29 -0.17 12.85 -2.25
N THR A 30 0.08 13.97 -2.96
CA THR A 30 -0.18 15.33 -2.45
C THR A 30 -1.53 15.88 -2.99
N THR A 31 -1.91 15.43 -4.20
CA THR A 31 -3.16 15.86 -4.90
C THR A 31 -3.96 14.63 -5.35
N GLU A 32 -5.18 14.87 -5.86
CA GLU A 32 -6.05 13.81 -6.43
C GLU A 32 -5.33 13.06 -7.57
N GLU A 33 -4.67 13.83 -8.45
CA GLU A 33 -4.07 13.34 -9.70
C GLU A 33 -2.93 12.36 -9.44
N ASP A 34 -2.20 12.53 -8.31
CA ASP A 34 -1.12 11.61 -7.88
C ASP A 34 -1.69 10.21 -7.65
N ALA A 35 -2.84 10.15 -6.95
CA ALA A 35 -3.54 8.88 -6.64
C ALA A 35 -4.04 8.20 -7.92
N LYS A 36 -4.48 9.03 -8.88
CA LYS A 36 -4.97 8.57 -10.21
C LYS A 36 -3.83 8.02 -11.07
N GLN A 37 -2.63 8.59 -10.89
CA GLN A 37 -1.39 8.10 -11.55
C GLN A 37 -0.94 6.78 -10.91
N VAL A 38 -1.11 6.67 -9.57
CA VAL A 38 -0.82 5.43 -8.84
C VAL A 38 -1.75 4.29 -9.31
N ILE A 39 -3.02 4.63 -9.67
CA ILE A 39 -3.97 3.68 -10.30
C ILE A 39 -3.34 3.04 -11.55
N LYS A 40 -2.72 3.88 -12.39
CA LYS A 40 -2.08 3.45 -13.66
C LYS A 40 -0.85 2.56 -13.37
N GLU A 41 -0.04 2.99 -12.37
CA GLU A 41 1.19 2.29 -11.90
C GLU A 41 0.85 0.84 -11.45
N ILE A 42 -0.19 0.76 -10.61
CA ILE A 42 -0.76 -0.50 -10.08
C ILE A 42 -1.09 -1.47 -11.22
N GLN A 43 -1.88 -0.99 -12.20
CA GLN A 43 -2.41 -1.83 -13.31
C GLN A 43 -1.28 -2.28 -14.25
N LYS A 44 -0.26 -1.40 -14.43
CA LYS A 44 0.95 -1.70 -15.23
C LYS A 44 1.67 -2.96 -14.71
N LYS A 45 1.85 -3.02 -13.38
CA LYS A 45 2.50 -4.19 -12.73
C LYS A 45 1.49 -5.30 -12.40
N GLY A 46 0.20 -4.94 -12.29
CA GLY A 46 -0.83 -5.87 -11.87
C GLY A 46 -0.77 -6.15 -10.37
N VAL A 47 -0.68 -5.07 -9.57
CA VAL A 47 -0.52 -5.16 -8.10
C VAL A 47 -1.82 -5.66 -7.46
N GLN A 48 -1.69 -6.61 -6.53
CA GLN A 48 -2.83 -7.29 -5.88
C GLN A 48 -3.33 -6.47 -4.67
N LYS A 49 -2.40 -6.17 -3.75
CA LYS A 49 -2.70 -5.51 -2.47
C LYS A 49 -2.01 -4.13 -2.39
N VAL A 50 -2.76 -3.13 -1.91
CA VAL A 50 -2.30 -1.74 -1.74
C VAL A 50 -2.73 -1.21 -0.35
N VAL A 51 -1.76 -0.64 0.40
CA VAL A 51 -1.99 -0.04 1.72
C VAL A 51 -2.24 1.47 1.56
N LEU A 52 -3.47 1.91 1.84
CA LEU A 52 -3.89 3.32 1.73
C LEU A 52 -3.81 4.00 3.13
N VAL A 53 -2.72 4.75 3.35
CA VAL A 53 -2.42 5.44 4.62
C VAL A 53 -2.70 6.95 4.49
N GLY A 54 -3.58 7.46 5.36
CA GLY A 54 -3.88 8.90 5.47
C GLY A 54 -4.54 9.51 4.25
N VAL A 55 -5.15 8.68 3.39
CA VAL A 55 -5.73 9.12 2.11
C VAL A 55 -7.19 9.57 2.31
N SER A 56 -7.67 10.37 1.35
CA SER A 56 -9.10 10.67 1.19
C SER A 56 -9.87 9.36 0.93
N GLU A 57 -10.96 9.14 1.68
CA GLU A 57 -11.78 7.92 1.54
C GLU A 57 -12.54 7.90 0.19
N LYS A 58 -12.74 9.10 -0.40
CA LYS A 58 -13.28 9.25 -1.76
C LYS A 58 -12.31 8.64 -2.79
N LEU A 59 -10.99 8.90 -2.59
CA LEU A 59 -9.92 8.33 -3.42
C LEU A 59 -9.75 6.83 -3.15
N LEU A 60 -9.89 6.45 -1.87
CA LEU A 60 -9.75 5.04 -1.40
C LEU A 60 -10.69 4.09 -2.18
N GLN A 61 -11.95 4.53 -2.32
CA GLN A 61 -12.99 3.80 -3.09
C GLN A 61 -12.68 3.84 -4.61
N LYS A 62 -12.21 5.01 -5.08
CA LYS A 62 -11.87 5.24 -6.51
C LYS A 62 -10.73 4.30 -6.98
N ILE A 63 -9.74 4.08 -6.10
CA ILE A 63 -8.58 3.20 -6.37
C ILE A 63 -9.03 1.73 -6.45
N LYS A 64 -9.88 1.27 -5.51
CA LYS A 64 -10.32 -0.15 -5.48
C LYS A 64 -11.27 -0.47 -6.66
N GLN A 65 -11.92 0.57 -7.23
CA GLN A 65 -12.77 0.41 -8.43
C GLN A 65 -11.91 0.29 -9.70
N GLU A 66 -11.11 1.33 -9.99
CA GLU A 66 -10.43 1.50 -11.28
C GLU A 66 -9.13 0.67 -11.37
N ALA A 67 -8.33 0.68 -10.28
CA ALA A 67 -7.11 -0.14 -10.17
C ALA A 67 -7.45 -1.59 -9.77
N ASN A 68 -8.60 -1.75 -9.07
CA ASN A 68 -9.20 -3.06 -8.71
C ASN A 68 -8.25 -3.88 -7.81
N VAL A 69 -8.06 -3.39 -6.57
CA VAL A 69 -7.10 -3.95 -5.59
C VAL A 69 -7.75 -4.18 -4.20
N GLN A 70 -7.03 -4.95 -3.38
CA GLN A 70 -7.34 -5.12 -1.95
C GLN A 70 -6.85 -3.86 -1.21
N VAL A 71 -7.76 -3.24 -0.44
CA VAL A 71 -7.49 -2.01 0.31
C VAL A 71 -7.10 -2.35 1.75
N TYR A 72 -6.05 -1.68 2.26
CA TYR A 72 -5.61 -1.80 3.66
C TYR A 72 -5.45 -0.38 4.25
N ARG A 73 -6.42 0.04 5.07
CA ARG A 73 -6.40 1.37 5.71
C ARG A 73 -5.54 1.29 6.98
N VAL A 74 -4.51 2.13 7.07
CA VAL A 74 -3.61 2.17 8.24
C VAL A 74 -3.55 3.58 8.83
N THR A 75 -3.78 3.68 10.15
CA THR A 75 -3.67 4.93 10.92
C THR A 75 -2.50 4.86 11.93
N SER A 76 -2.07 3.62 12.26
CA SER A 76 -1.03 3.36 13.28
C SER A 76 0.02 2.39 12.72
N ASN A 77 1.29 2.54 13.15
CA ASN A 77 2.44 1.71 12.68
C ASN A 77 2.22 0.22 13.00
N ASP A 78 1.39 -0.04 14.02
CA ASP A 78 0.92 -1.38 14.42
C ASP A 78 0.36 -2.13 13.19
N GLU A 79 -0.64 -1.48 12.57
CA GLU A 79 -1.43 -2.02 11.46
C GLU A 79 -0.58 -2.15 10.19
N LEU A 80 0.31 -1.16 9.98
CA LEU A 80 1.24 -1.12 8.83
C LEU A 80 2.10 -2.38 8.84
N GLU A 81 2.71 -2.65 10.01
CA GLU A 81 3.60 -3.79 10.19
C GLU A 81 2.84 -5.11 10.00
N GLN A 82 1.58 -5.20 10.50
CA GLN A 82 0.78 -6.44 10.39
C GLN A 82 0.49 -6.80 8.93
N VAL A 83 0.12 -5.78 8.13
CA VAL A 83 -0.19 -5.97 6.70
C VAL A 83 1.07 -6.37 5.91
N VAL A 84 2.15 -5.55 6.02
CA VAL A 84 3.39 -5.77 5.26
C VAL A 84 4.02 -7.13 5.61
N LYS A 85 4.13 -7.43 6.91
CA LYS A 85 4.75 -8.68 7.41
C LYS A 85 3.89 -9.91 7.06
N ASP A 86 2.61 -9.72 6.76
CA ASP A 86 1.73 -10.80 6.27
C ASP A 86 2.05 -11.09 4.79
N VAL A 87 2.39 -10.02 4.03
CA VAL A 87 2.69 -10.11 2.57
C VAL A 87 4.11 -10.68 2.32
N LYS A 88 5.11 -10.19 3.07
CA LYS A 88 6.53 -10.59 2.90
C LYS A 88 6.86 -11.88 3.68
N GLY A 89 6.23 -12.02 4.87
CA GLY A 89 6.61 -13.04 5.85
C GLY A 89 7.23 -12.38 7.08
N SER A 90 6.60 -12.55 8.25
CA SER A 90 7.01 -11.92 9.52
C SER A 90 8.36 -12.49 10.04
N GLY A 91 8.58 -13.79 9.76
CA GLY A 91 9.79 -14.49 10.18
C GLY A 91 9.92 -14.55 11.70
N LEU A 92 11.08 -14.15 12.22
CA LEU A 92 11.32 -14.01 13.67
C LEU A 92 11.67 -12.55 14.00
N GLU A 93 11.60 -12.22 15.30
CA GLU A 93 11.87 -10.88 15.86
C GLU A 93 10.83 -9.84 15.39
N HIS A 94 9.63 -10.32 14.97
CA HIS A 94 8.50 -9.43 14.64
C HIS A 94 7.84 -8.99 15.97
N HIS A 95 8.31 -7.83 16.48
CA HIS A 95 7.96 -7.32 17.82
C HIS A 95 6.44 -7.12 17.99
N HIS A 96 5.95 -7.43 19.20
CA HIS A 96 4.53 -7.32 19.55
C HIS A 96 4.25 -5.92 20.11
N HIS A 97 3.12 -5.32 19.70
CA HIS A 97 2.72 -3.98 20.16
C HIS A 97 1.81 -4.07 21.39
N HIS A 98 2.26 -3.42 22.47
CA HIS A 98 1.49 -3.22 23.72
C HIS A 98 1.34 -1.70 23.94
N HIS A 99 0.97 -1.02 22.82
CA HIS A 99 1.17 0.42 22.54
C HIS A 99 2.55 0.58 21.85
N MET A 1 6.17 -14.01 -5.10
CA MET A 1 6.41 -12.56 -4.88
C MET A 1 5.08 -11.81 -5.00
N GLY A 2 4.55 -11.36 -3.86
CA GLY A 2 3.36 -10.50 -3.82
C GLY A 2 3.77 -9.05 -3.66
N ARG A 3 3.45 -8.20 -4.66
CA ARG A 3 3.84 -6.80 -4.65
C ARG A 3 2.97 -5.99 -3.68
N LEU A 4 3.60 -5.23 -2.78
CA LEU A 4 2.92 -4.28 -1.90
C LEU A 4 3.29 -2.85 -2.30
N VAL A 5 2.27 -2.03 -2.57
CA VAL A 5 2.43 -0.57 -2.74
C VAL A 5 1.80 0.11 -1.52
N VAL A 6 2.61 0.79 -0.71
CA VAL A 6 2.13 1.54 0.45
C VAL A 6 1.94 3.00 0.01
N VAL A 7 0.71 3.38 -0.27
CA VAL A 7 0.36 4.75 -0.62
C VAL A 7 0.17 5.55 0.68
N VAL A 8 0.83 6.72 0.76
CA VAL A 8 0.78 7.62 1.91
C VAL A 8 0.34 9.02 1.44
N THR A 9 -0.22 9.82 2.34
CA THR A 9 -0.57 11.23 2.06
C THR A 9 0.48 12.22 2.62
N SER A 10 1.46 11.70 3.40
CA SER A 10 2.53 12.52 3.99
C SER A 10 3.91 11.88 3.74
N GLU A 11 4.88 12.73 3.38
CA GLU A 11 6.26 12.31 3.05
C GLU A 11 6.99 11.76 4.29
N GLN A 12 6.59 12.25 5.48
CA GLN A 12 7.09 11.73 6.78
C GLN A 12 6.71 10.23 6.96
N LEU A 13 5.54 9.85 6.45
CA LEU A 13 5.08 8.45 6.45
C LEU A 13 5.80 7.65 5.35
N LYS A 14 6.08 8.32 4.21
CA LYS A 14 6.76 7.70 3.04
C LYS A 14 8.14 7.15 3.42
N GLU A 15 9.01 8.05 3.91
CA GLU A 15 10.39 7.76 4.30
C GLU A 15 10.46 6.81 5.50
N GLU A 16 9.38 6.76 6.30
CA GLU A 16 9.28 5.90 7.49
C GLU A 16 9.10 4.44 7.09
N VAL A 17 8.09 4.18 6.24
CA VAL A 17 7.79 2.83 5.75
C VAL A 17 8.94 2.30 4.85
N ARG A 18 9.67 3.21 4.17
CA ARG A 18 10.87 2.84 3.37
C ARG A 18 12.11 2.61 4.26
N LYS A 19 12.17 3.32 5.40
CA LYS A 19 13.25 3.17 6.40
C LYS A 19 13.24 1.77 7.00
N LYS A 20 12.04 1.33 7.37
CA LYS A 20 11.81 0.06 8.04
C LYS A 20 11.62 -1.07 7.01
N PHE A 21 10.96 -0.77 5.89
CA PHE A 21 10.67 -1.75 4.82
C PHE A 21 11.08 -1.17 3.45
N PRO A 22 12.39 -1.23 3.10
CA PRO A 22 12.87 -0.79 1.76
C PRO A 22 12.53 -1.83 0.68
N GLN A 23 12.05 -3.01 1.14
CA GLN A 23 11.63 -4.13 0.28
C GLN A 23 10.23 -3.87 -0.31
N VAL A 24 9.49 -2.89 0.24
CA VAL A 24 8.19 -2.47 -0.33
C VAL A 24 8.32 -1.05 -0.91
N GLU A 25 7.59 -0.78 -2.01
CA GLU A 25 7.61 0.54 -2.67
C GLU A 25 6.49 1.41 -2.08
N VAL A 26 6.82 2.67 -1.77
CA VAL A 26 5.92 3.58 -1.06
C VAL A 26 5.69 4.84 -1.92
N ARG A 27 4.43 5.07 -2.29
CA ARG A 27 4.04 6.13 -3.21
C ARG A 27 3.40 7.30 -2.44
N LEU A 28 3.83 8.54 -2.72
CA LEU A 28 3.25 9.75 -2.11
C LEU A 28 2.14 10.31 -3.00
N VAL A 29 0.99 10.63 -2.38
CA VAL A 29 -0.16 11.26 -3.03
C VAL A 29 -0.58 12.50 -2.22
N THR A 30 -0.30 13.68 -2.77
CA THR A 30 -0.64 14.98 -2.15
C THR A 30 -1.81 15.65 -2.90
N THR A 31 -1.96 15.29 -4.19
CA THR A 31 -3.06 15.76 -5.06
C THR A 31 -3.74 14.53 -5.68
N GLU A 32 -4.98 14.74 -6.17
CA GLU A 32 -5.75 13.72 -6.88
C GLU A 32 -5.04 13.29 -8.19
N GLU A 33 -4.27 14.23 -8.78
CA GLU A 33 -3.46 14.00 -9.99
C GLU A 33 -2.40 12.89 -9.76
N ASP A 34 -1.75 12.91 -8.57
CA ASP A 34 -0.82 11.84 -8.14
C ASP A 34 -1.56 10.50 -8.15
N ALA A 35 -2.78 10.51 -7.55
CA ALA A 35 -3.61 9.31 -7.41
C ALA A 35 -4.04 8.72 -8.77
N LYS A 36 -4.21 9.60 -9.79
CA LYS A 36 -4.50 9.19 -11.18
C LYS A 36 -3.32 8.40 -11.77
N GLN A 37 -2.09 8.88 -11.49
CA GLN A 37 -0.85 8.18 -11.87
C GLN A 37 -0.73 6.82 -11.16
N VAL A 38 -1.20 6.76 -9.90
CA VAL A 38 -1.15 5.53 -9.06
C VAL A 38 -2.17 4.47 -9.52
N ILE A 39 -3.35 4.91 -10.04
CA ILE A 39 -4.36 3.99 -10.61
C ILE A 39 -3.76 3.23 -11.81
N LYS A 40 -3.00 3.95 -12.66
CA LYS A 40 -2.27 3.38 -13.80
C LYS A 40 -1.15 2.44 -13.32
N GLU A 41 -0.39 2.93 -12.33
CA GLU A 41 0.81 2.28 -11.79
C GLU A 41 0.47 0.88 -11.25
N ILE A 42 -0.40 0.84 -10.21
CA ILE A 42 -0.83 -0.40 -9.52
C ILE A 42 -1.27 -1.51 -10.51
N GLN A 43 -2.07 -1.12 -11.52
CA GLN A 43 -2.61 -2.07 -12.52
C GLN A 43 -1.47 -2.62 -13.42
N LYS A 44 -0.63 -1.72 -13.96
CA LYS A 44 0.45 -2.11 -14.90
C LYS A 44 1.63 -2.78 -14.19
N LYS A 45 1.71 -2.61 -12.86
CA LYS A 45 2.70 -3.30 -12.02
C LYS A 45 2.18 -4.71 -11.64
N GLY A 46 0.85 -4.89 -11.67
CA GLY A 46 0.22 -6.14 -11.27
C GLY A 46 0.28 -6.36 -9.77
N VAL A 47 -0.03 -5.30 -9.00
CA VAL A 47 0.03 -5.32 -7.53
C VAL A 47 -1.18 -6.08 -6.97
N GLN A 48 -0.93 -6.98 -6.02
CA GLN A 48 -1.97 -7.87 -5.46
C GLN A 48 -2.67 -7.16 -4.29
N LYS A 49 -1.87 -6.61 -3.36
CA LYS A 49 -2.36 -5.88 -2.16
C LYS A 49 -1.71 -4.50 -2.05
N VAL A 50 -2.53 -3.49 -1.72
CA VAL A 50 -2.12 -2.07 -1.56
C VAL A 50 -2.53 -1.57 -0.16
N VAL A 51 -1.66 -0.77 0.48
CA VAL A 51 -1.95 -0.12 1.77
C VAL A 51 -2.25 1.37 1.51
N LEU A 52 -3.34 1.90 2.10
CA LEU A 52 -3.68 3.33 2.05
C LEU A 52 -3.56 3.92 3.48
N VAL A 53 -2.45 4.62 3.74
CA VAL A 53 -2.12 5.18 5.07
C VAL A 53 -2.75 6.58 5.23
N GLY A 54 -3.92 6.62 5.88
CA GLY A 54 -4.63 7.86 6.23
C GLY A 54 -5.01 8.72 5.04
N VAL A 55 -5.56 8.08 4.00
CA VAL A 55 -6.00 8.77 2.77
C VAL A 55 -7.49 9.17 2.89
N SER A 56 -7.95 10.08 2.01
CA SER A 56 -9.37 10.48 1.92
C SER A 56 -10.18 9.37 1.24
N GLU A 57 -11.49 9.31 1.57
CA GLU A 57 -12.46 8.39 0.95
C GLU A 57 -12.62 8.67 -0.56
N LYS A 58 -12.35 9.94 -0.93
CA LYS A 58 -12.33 10.43 -2.33
C LYS A 58 -11.39 9.57 -3.20
N LEU A 59 -10.15 9.40 -2.68
CA LEU A 59 -9.09 8.66 -3.36
C LEU A 59 -9.10 7.18 -2.95
N LEU A 60 -9.61 6.87 -1.75
CA LEU A 60 -9.67 5.49 -1.22
C LEU A 60 -10.56 4.63 -2.11
N GLN A 61 -11.84 5.02 -2.19
CA GLN A 61 -12.86 4.27 -2.94
C GLN A 61 -12.58 4.28 -4.45
N LYS A 62 -11.96 5.35 -4.96
CA LYS A 62 -11.64 5.45 -6.39
C LYS A 62 -10.51 4.48 -6.78
N ILE A 63 -9.40 4.50 -6.01
CA ILE A 63 -8.26 3.57 -6.25
C ILE A 63 -8.72 2.10 -6.02
N LYS A 64 -9.61 1.91 -5.02
CA LYS A 64 -10.18 0.59 -4.66
C LYS A 64 -10.95 -0.02 -5.84
N GLN A 65 -11.87 0.77 -6.41
CA GLN A 65 -12.77 0.32 -7.48
C GLN A 65 -12.05 0.27 -8.84
N GLU A 66 -11.38 1.38 -9.22
CA GLU A 66 -10.74 1.53 -10.54
C GLU A 66 -9.59 0.51 -10.76
N ALA A 67 -8.74 0.31 -9.74
CA ALA A 67 -7.63 -0.66 -9.82
C ALA A 67 -8.13 -2.10 -9.50
N ASN A 68 -9.22 -2.18 -8.71
CA ASN A 68 -9.85 -3.45 -8.27
C ASN A 68 -8.80 -4.35 -7.56
N VAL A 69 -8.26 -3.81 -6.46
CA VAL A 69 -7.18 -4.44 -5.67
C VAL A 69 -7.57 -4.49 -4.20
N GLN A 70 -6.88 -5.37 -3.43
CA GLN A 70 -7.13 -5.51 -1.98
C GLN A 70 -6.57 -4.29 -1.24
N VAL A 71 -7.46 -3.47 -0.68
CA VAL A 71 -7.09 -2.22 -0.01
C VAL A 71 -7.08 -2.40 1.51
N TYR A 72 -5.96 -2.01 2.14
CA TYR A 72 -5.80 -2.01 3.60
C TYR A 72 -5.63 -0.57 4.09
N ARG A 73 -6.71 -0.01 4.65
CA ARG A 73 -6.66 1.32 5.25
C ARG A 73 -6.02 1.20 6.63
N VAL A 74 -4.85 1.84 6.80
CA VAL A 74 -4.15 1.91 8.09
C VAL A 74 -3.96 3.39 8.49
N THR A 75 -3.99 3.66 9.80
CA THR A 75 -3.69 4.98 10.37
C THR A 75 -2.65 4.85 11.52
N SER A 76 -2.21 3.61 11.79
CA SER A 76 -1.21 3.29 12.84
C SER A 76 -0.15 2.32 12.29
N ASN A 77 1.04 2.34 12.94
CA ASN A 77 2.20 1.47 12.61
C ASN A 77 1.86 -0.01 12.81
N ASP A 78 1.07 -0.30 13.86
CA ASP A 78 0.63 -1.67 14.21
C ASP A 78 0.00 -2.39 13.00
N GLU A 79 -0.94 -1.68 12.36
CA GLU A 79 -1.72 -2.20 11.24
C GLU A 79 -0.83 -2.34 9.99
N LEU A 80 -0.08 -1.26 9.70
CA LEU A 80 0.83 -1.14 8.53
C LEU A 80 1.79 -2.34 8.46
N GLU A 81 2.50 -2.57 9.57
CA GLU A 81 3.55 -3.60 9.67
C GLU A 81 2.95 -5.01 9.56
N GLN A 82 1.70 -5.19 10.08
CA GLN A 82 0.98 -6.47 9.96
C GLN A 82 0.66 -6.82 8.51
N VAL A 83 0.30 -5.80 7.71
CA VAL A 83 0.03 -5.98 6.27
C VAL A 83 1.33 -6.31 5.51
N VAL A 84 2.45 -5.66 5.90
CA VAL A 84 3.78 -5.92 5.28
C VAL A 84 4.25 -7.36 5.58
N LYS A 85 3.99 -7.83 6.81
CA LYS A 85 4.34 -9.20 7.25
C LYS A 85 3.44 -10.25 6.55
N ASP A 86 2.19 -9.86 6.28
CA ASP A 86 1.17 -10.68 5.61
C ASP A 86 1.55 -10.95 4.14
N VAL A 87 1.84 -9.86 3.40
CA VAL A 87 2.20 -9.93 1.96
C VAL A 87 3.65 -10.44 1.78
N LYS A 88 4.52 -10.11 2.74
CA LYS A 88 5.96 -10.40 2.68
C LYS A 88 6.43 -10.93 4.04
N GLY A 89 6.59 -12.27 4.14
CA GLY A 89 7.03 -12.93 5.36
C GLY A 89 8.46 -12.58 5.78
N SER A 90 9.22 -11.98 4.86
CA SER A 90 10.58 -11.43 5.14
C SER A 90 10.49 -9.98 5.64
N GLY A 91 9.34 -9.62 6.28
CA GLY A 91 9.17 -8.32 6.95
C GLY A 91 9.82 -8.29 8.33
N LEU A 92 11.06 -8.82 8.42
CA LEU A 92 11.85 -8.85 9.65
C LEU A 92 12.64 -7.54 9.76
N GLU A 93 12.09 -6.60 10.54
CA GLU A 93 12.77 -5.36 10.88
C GLU A 93 13.70 -5.62 12.08
N HIS A 94 14.98 -5.24 11.95
CA HIS A 94 15.99 -5.48 13.00
C HIS A 94 15.74 -4.60 14.23
N HIS A 95 16.33 -5.03 15.38
CA HIS A 95 15.99 -4.54 16.73
C HIS A 95 16.08 -3.01 16.86
N HIS A 96 15.00 -2.40 17.37
CA HIS A 96 14.81 -0.94 17.41
C HIS A 96 15.28 -0.38 18.77
N HIS A 97 14.93 0.88 19.06
CA HIS A 97 15.14 1.47 20.40
C HIS A 97 14.05 0.95 21.35
N HIS A 98 14.35 -0.15 22.05
CA HIS A 98 13.38 -0.83 22.94
C HIS A 98 13.21 -0.07 24.26
N HIS A 99 12.09 0.63 24.38
CA HIS A 99 11.67 1.30 25.60
C HIS A 99 11.15 0.24 26.61
N MET A 1 2.92 -12.51 -9.25
CA MET A 1 3.67 -11.71 -8.25
C MET A 1 2.70 -10.78 -7.50
N GLY A 2 2.36 -11.16 -6.25
CA GLY A 2 1.59 -10.31 -5.35
C GLY A 2 2.51 -9.37 -4.59
N ARG A 3 3.00 -8.33 -5.30
CA ARG A 3 3.89 -7.30 -4.72
C ARG A 3 3.06 -6.21 -4.01
N LEU A 4 3.68 -5.48 -3.06
CA LEU A 4 3.00 -4.47 -2.23
C LEU A 4 3.36 -3.03 -2.69
N VAL A 5 2.33 -2.15 -2.76
CA VAL A 5 2.50 -0.70 -2.88
C VAL A 5 1.80 -0.01 -1.70
N VAL A 6 2.54 0.86 -1.00
CA VAL A 6 2.05 1.59 0.17
C VAL A 6 1.75 3.04 -0.22
N VAL A 7 0.47 3.35 -0.41
CA VAL A 7 0.00 4.71 -0.74
C VAL A 7 -0.15 5.52 0.56
N VAL A 8 0.60 6.61 0.65
CA VAL A 8 0.56 7.56 1.78
C VAL A 8 0.15 8.93 1.25
N THR A 9 -0.42 9.78 2.12
CA THR A 9 -0.75 11.18 1.78
C THR A 9 0.24 12.15 2.45
N SER A 10 1.27 11.64 3.16
CA SER A 10 2.22 12.48 3.91
C SER A 10 3.67 11.99 3.73
N GLU A 11 4.61 12.95 3.58
CA GLU A 11 6.06 12.70 3.48
C GLU A 11 6.61 11.99 4.72
N GLN A 12 6.12 12.40 5.91
CA GLN A 12 6.50 11.81 7.20
C GLN A 12 6.19 10.29 7.26
N LEU A 13 5.09 9.89 6.58
CA LEU A 13 4.65 8.49 6.50
C LEU A 13 5.41 7.74 5.39
N LYS A 14 5.79 8.49 4.32
CA LYS A 14 6.52 7.93 3.17
C LYS A 14 7.92 7.44 3.58
N GLU A 15 8.70 8.36 4.18
CA GLU A 15 10.05 8.05 4.68
C GLU A 15 10.02 7.00 5.82
N GLU A 16 8.88 6.94 6.55
CA GLU A 16 8.63 5.99 7.65
C GLU A 16 8.69 4.54 7.11
N VAL A 17 7.80 4.26 6.14
CA VAL A 17 7.66 2.93 5.53
C VAL A 17 8.92 2.54 4.73
N ARG A 18 9.46 3.49 3.92
CA ARG A 18 10.66 3.24 3.08
C ARG A 18 11.91 2.96 3.95
N LYS A 19 11.95 3.58 5.16
CA LYS A 19 13.04 3.37 6.14
C LYS A 19 13.06 1.90 6.57
N LYS A 20 11.90 1.44 7.07
CA LYS A 20 11.77 0.09 7.64
C LYS A 20 11.72 -0.99 6.53
N PHE A 21 11.17 -0.60 5.36
CA PHE A 21 10.87 -1.52 4.24
C PHE A 21 11.27 -0.86 2.90
N PRO A 22 12.57 -0.96 2.49
CA PRO A 22 13.04 -0.46 1.17
C PRO A 22 12.68 -1.39 -0.01
N GLN A 23 12.10 -2.58 0.30
CA GLN A 23 11.73 -3.61 -0.70
C GLN A 23 10.35 -3.31 -1.33
N VAL A 24 9.52 -2.53 -0.62
CA VAL A 24 8.16 -2.15 -1.09
C VAL A 24 8.19 -0.73 -1.68
N GLU A 25 7.33 -0.47 -2.68
CA GLU A 25 7.23 0.86 -3.34
C GLU A 25 6.16 1.70 -2.65
N VAL A 26 6.61 2.78 -1.99
CA VAL A 26 5.75 3.69 -1.24
C VAL A 26 5.51 4.96 -2.07
N ARG A 27 4.24 5.19 -2.44
CA ARG A 27 3.83 6.29 -3.32
C ARG A 27 3.11 7.38 -2.53
N LEU A 28 3.56 8.63 -2.72
CA LEU A 28 2.95 9.82 -2.10
C LEU A 28 1.77 10.31 -2.94
N VAL A 29 0.73 10.82 -2.27
CA VAL A 29 -0.40 11.50 -2.91
C VAL A 29 -0.52 12.91 -2.32
N THR A 30 -0.13 13.91 -3.12
CA THR A 30 -0.29 15.34 -2.80
C THR A 30 -1.58 15.85 -3.47
N THR A 31 -1.75 15.46 -4.74
CA THR A 31 -2.87 15.92 -5.61
C THR A 31 -3.66 14.71 -6.14
N GLU A 32 -4.81 14.98 -6.80
CA GLU A 32 -5.64 13.94 -7.45
C GLU A 32 -4.84 13.20 -8.53
N GLU A 33 -4.22 13.99 -9.43
CA GLU A 33 -3.47 13.46 -10.57
C GLU A 33 -2.25 12.64 -10.10
N ASP A 34 -1.72 12.98 -8.90
CA ASP A 34 -0.64 12.22 -8.26
C ASP A 34 -1.15 10.82 -7.84
N ALA A 35 -2.38 10.79 -7.31
CA ALA A 35 -3.08 9.52 -6.99
C ALA A 35 -3.34 8.69 -8.26
N LYS A 36 -3.68 9.37 -9.38
CA LYS A 36 -3.92 8.71 -10.68
C LYS A 36 -2.64 8.04 -11.21
N GLN A 37 -1.48 8.67 -10.94
CA GLN A 37 -0.14 8.11 -11.25
C GLN A 37 0.07 6.79 -10.48
N VAL A 38 -0.27 6.84 -9.17
CA VAL A 38 -0.19 5.69 -8.27
C VAL A 38 -1.05 4.51 -8.76
N ILE A 39 -2.32 4.82 -9.13
CA ILE A 39 -3.33 3.81 -9.54
C ILE A 39 -2.82 2.96 -10.73
N LYS A 40 -2.23 3.65 -11.73
CA LYS A 40 -1.69 3.00 -12.94
C LYS A 40 -0.45 2.14 -12.60
N GLU A 41 0.35 2.61 -11.61
CA GLU A 41 1.56 1.89 -11.18
C GLU A 41 1.21 0.59 -10.43
N ILE A 42 0.14 0.66 -9.61
CA ILE A 42 -0.46 -0.50 -8.93
C ILE A 42 -0.84 -1.59 -9.95
N GLN A 43 -1.49 -1.14 -11.04
CA GLN A 43 -1.94 -2.02 -12.13
C GLN A 43 -0.74 -2.58 -12.92
N LYS A 44 0.34 -1.78 -13.02
CA LYS A 44 1.59 -2.17 -13.69
C LYS A 44 2.24 -3.39 -12.99
N LYS A 45 2.39 -3.29 -11.66
CA LYS A 45 2.99 -4.36 -10.83
C LYS A 45 2.00 -5.52 -10.62
N GLY A 46 0.69 -5.25 -10.77
CA GLY A 46 -0.35 -6.23 -10.47
C GLY A 46 -0.48 -6.47 -8.98
N VAL A 47 -0.51 -5.35 -8.24
CA VAL A 47 -0.55 -5.34 -6.77
C VAL A 47 -1.97 -5.68 -6.34
N GLN A 48 -2.13 -6.87 -5.76
CA GLN A 48 -3.44 -7.39 -5.34
C GLN A 48 -3.94 -6.66 -4.09
N LYS A 49 -3.01 -6.38 -3.17
CA LYS A 49 -3.29 -5.76 -1.86
C LYS A 49 -2.53 -4.44 -1.76
N VAL A 50 -3.25 -3.31 -1.62
CA VAL A 50 -2.66 -1.96 -1.51
C VAL A 50 -2.87 -1.41 -0.09
N VAL A 51 -1.80 -0.86 0.50
CA VAL A 51 -1.84 -0.23 1.82
C VAL A 51 -2.19 1.26 1.68
N LEU A 52 -3.40 1.63 2.07
CA LEU A 52 -3.86 3.03 2.04
C LEU A 52 -3.71 3.65 3.44
N VAL A 53 -2.56 4.32 3.66
CA VAL A 53 -2.20 4.96 4.93
C VAL A 53 -2.77 6.38 5.01
N GLY A 54 -3.87 6.52 5.77
CA GLY A 54 -4.48 7.82 6.09
C GLY A 54 -4.91 8.62 4.87
N VAL A 55 -5.42 7.90 3.84
CA VAL A 55 -5.93 8.53 2.60
C VAL A 55 -7.41 8.87 2.78
N SER A 56 -7.89 9.95 2.15
CA SER A 56 -9.31 10.33 2.18
C SER A 56 -10.18 9.19 1.59
N GLU A 57 -11.42 9.05 2.08
CA GLU A 57 -12.34 7.96 1.66
C GLU A 57 -12.68 8.02 0.17
N LYS A 58 -12.61 9.24 -0.41
CA LYS A 58 -12.77 9.44 -1.86
C LYS A 58 -11.61 8.78 -2.65
N LEU A 59 -10.37 8.89 -2.10
CA LEU A 59 -9.16 8.28 -2.68
C LEU A 59 -9.17 6.77 -2.44
N LEU A 60 -9.70 6.37 -1.27
CA LEU A 60 -9.78 4.97 -0.83
C LEU A 60 -10.60 4.14 -1.84
N GLN A 61 -11.82 4.62 -2.11
CA GLN A 61 -12.78 3.98 -3.02
C GLN A 61 -12.36 4.14 -4.51
N LYS A 62 -11.49 5.12 -4.79
CA LYS A 62 -11.01 5.43 -6.17
C LYS A 62 -9.91 4.45 -6.60
N ILE A 63 -8.89 4.28 -5.74
CA ILE A 63 -7.82 3.27 -5.92
C ILE A 63 -8.46 1.86 -6.01
N LYS A 64 -9.52 1.65 -5.20
CA LYS A 64 -10.29 0.39 -5.16
C LYS A 64 -10.95 0.10 -6.52
N GLN A 65 -11.75 1.08 -7.01
CA GLN A 65 -12.63 0.88 -8.20
C GLN A 65 -11.84 0.76 -9.50
N GLU A 66 -10.72 1.51 -9.61
CA GLU A 66 -9.90 1.55 -10.83
C GLU A 66 -8.88 0.41 -10.86
N ALA A 67 -8.10 0.25 -9.77
CA ALA A 67 -7.01 -0.74 -9.70
C ALA A 67 -7.54 -2.16 -9.38
N ASN A 68 -8.79 -2.24 -8.84
CA ASN A 68 -9.51 -3.53 -8.57
C ASN A 68 -8.78 -4.31 -7.46
N VAL A 69 -8.51 -3.63 -6.33
CA VAL A 69 -7.58 -4.13 -5.29
C VAL A 69 -8.25 -4.22 -3.91
N GLN A 70 -7.62 -5.02 -3.03
CA GLN A 70 -7.97 -5.11 -1.61
C GLN A 70 -7.44 -3.85 -0.90
N VAL A 71 -8.32 -3.19 -0.14
CA VAL A 71 -8.01 -1.95 0.59
C VAL A 71 -7.61 -2.27 2.04
N TYR A 72 -6.48 -1.72 2.48
CA TYR A 72 -6.05 -1.77 3.88
C TYR A 72 -5.93 -0.35 4.40
N ARG A 73 -6.97 0.08 5.13
CA ARG A 73 -7.03 1.38 5.79
C ARG A 73 -6.11 1.34 7.02
N VAL A 74 -5.00 2.06 6.92
CA VAL A 74 -3.93 2.07 7.93
C VAL A 74 -3.76 3.48 8.48
N THR A 75 -3.73 3.60 9.81
CA THR A 75 -3.37 4.86 10.52
C THR A 75 -2.46 4.53 11.73
N SER A 76 -1.87 3.32 11.73
CA SER A 76 -0.96 2.85 12.79
C SER A 76 0.27 2.16 12.17
N ASN A 77 1.42 2.23 12.88
CA ASN A 77 2.66 1.52 12.49
C ASN A 77 2.40 0.02 12.38
N ASP A 78 1.65 -0.50 13.37
CA ASP A 78 1.26 -1.92 13.48
C ASP A 78 0.57 -2.40 12.20
N GLU A 79 -0.47 -1.63 11.78
CA GLU A 79 -1.30 -1.96 10.61
C GLU A 79 -0.47 -2.04 9.32
N LEU A 80 0.38 -1.02 9.14
CA LEU A 80 1.30 -0.92 8.00
C LEU A 80 2.19 -2.18 7.91
N GLU A 81 2.85 -2.49 9.04
CA GLU A 81 3.82 -3.59 9.15
C GLU A 81 3.14 -4.95 8.99
N GLN A 82 1.87 -5.05 9.47
CA GLN A 82 1.09 -6.30 9.42
C GLN A 82 0.72 -6.66 7.98
N VAL A 83 0.38 -5.64 7.16
CA VAL A 83 0.04 -5.86 5.73
C VAL A 83 1.31 -6.20 4.91
N VAL A 84 2.47 -5.70 5.38
CA VAL A 84 3.80 -6.11 4.84
C VAL A 84 4.07 -7.60 5.17
N LYS A 85 3.55 -8.06 6.32
CA LYS A 85 3.63 -9.48 6.74
C LYS A 85 2.51 -10.30 6.06
N ASP A 86 1.39 -9.63 5.69
CA ASP A 86 0.22 -10.28 5.03
C ASP A 86 0.47 -10.48 3.53
N VAL A 87 1.32 -9.61 2.93
CA VAL A 87 1.57 -9.65 1.48
C VAL A 87 2.35 -10.93 1.11
N LYS A 88 3.30 -11.31 1.98
CA LYS A 88 4.06 -12.57 1.85
C LYS A 88 3.31 -13.72 2.56
N GLY A 89 2.58 -13.37 3.64
CA GLY A 89 1.81 -14.35 4.43
C GLY A 89 0.38 -14.53 3.93
N SER A 90 -0.54 -14.88 4.84
CA SER A 90 -1.93 -15.22 4.49
C SER A 90 -2.88 -14.81 5.62
N GLY A 91 -2.55 -13.73 6.34
CA GLY A 91 -3.43 -13.19 7.38
C GLY A 91 -4.68 -12.54 6.78
N LEU A 92 -4.56 -11.23 6.46
CA LEU A 92 -5.58 -10.44 5.70
C LEU A 92 -6.90 -10.21 6.50
N GLU A 93 -7.01 -10.81 7.72
CA GLU A 93 -8.26 -10.88 8.49
C GLU A 93 -8.17 -10.01 9.76
N HIS A 94 -7.53 -8.82 9.63
CA HIS A 94 -7.63 -7.76 10.65
C HIS A 94 -9.11 -7.33 10.79
N HIS A 95 -9.79 -7.26 9.64
CA HIS A 95 -11.23 -6.95 9.56
C HIS A 95 -12.08 -8.11 10.12
N HIS A 96 -13.34 -7.80 10.44
CA HIS A 96 -14.33 -8.77 10.95
C HIS A 96 -15.51 -8.87 9.97
N HIS A 97 -16.21 -10.03 9.98
CA HIS A 97 -17.31 -10.30 9.03
C HIS A 97 -18.66 -9.84 9.62
N HIS A 98 -19.55 -9.34 8.76
CA HIS A 98 -20.88 -8.85 9.16
C HIS A 98 -21.85 -10.03 9.34
N HIS A 99 -22.54 -10.06 10.50
CA HIS A 99 -23.59 -11.07 10.78
C HIS A 99 -24.93 -10.59 10.16
N MET A 1 2.20 -14.29 -2.94
CA MET A 1 3.16 -13.15 -2.82
C MET A 1 3.13 -12.29 -4.10
N GLY A 2 2.21 -11.31 -4.11
CA GLY A 2 2.20 -10.23 -5.10
C GLY A 2 2.90 -9.00 -4.55
N ARG A 3 3.22 -8.04 -5.43
CA ARG A 3 3.94 -6.81 -5.02
C ARG A 3 3.00 -5.89 -4.20
N LEU A 4 3.53 -5.36 -3.09
CA LEU A 4 2.78 -4.47 -2.18
C LEU A 4 3.22 -3.01 -2.41
N VAL A 5 2.26 -2.14 -2.74
CA VAL A 5 2.48 -0.69 -2.88
C VAL A 5 1.81 0.02 -1.70
N VAL A 6 2.58 0.85 -0.98
CA VAL A 6 2.08 1.66 0.13
C VAL A 6 1.86 3.09 -0.35
N VAL A 7 0.67 3.64 -0.13
CA VAL A 7 0.34 5.03 -0.45
C VAL A 7 0.23 5.83 0.85
N VAL A 8 0.95 6.95 0.91
CA VAL A 8 0.92 7.89 2.05
C VAL A 8 0.56 9.28 1.51
N THR A 9 -0.02 10.14 2.35
CA THR A 9 -0.29 11.55 1.98
C THR A 9 0.69 12.50 2.69
N SER A 10 1.55 11.92 3.55
CA SER A 10 2.47 12.66 4.42
C SER A 10 3.90 12.14 4.26
N GLU A 11 4.88 13.09 4.17
CA GLU A 11 6.31 12.78 3.98
C GLU A 11 6.93 12.12 5.23
N GLN A 12 6.39 12.44 6.42
CA GLN A 12 6.83 11.80 7.69
C GLN A 12 6.41 10.33 7.71
N LEU A 13 5.21 10.03 7.16
CA LEU A 13 4.71 8.64 6.98
C LEU A 13 5.46 7.95 5.80
N LYS A 14 5.90 8.75 4.82
CA LYS A 14 6.64 8.26 3.64
C LYS A 14 8.01 7.68 4.06
N GLU A 15 8.86 8.53 4.66
CA GLU A 15 10.20 8.15 5.14
C GLU A 15 10.13 7.03 6.19
N GLU A 16 9.00 6.99 6.92
CA GLU A 16 8.72 5.97 7.94
C GLU A 16 8.66 4.56 7.33
N VAL A 17 7.73 4.37 6.38
CA VAL A 17 7.50 3.07 5.73
C VAL A 17 8.70 2.67 4.83
N ARG A 18 9.37 3.68 4.21
CA ARG A 18 10.57 3.45 3.37
C ARG A 18 11.78 2.98 4.19
N LYS A 19 11.94 3.53 5.42
CA LYS A 19 13.11 3.22 6.27
C LYS A 19 12.95 1.82 6.89
N LYS A 20 11.73 1.54 7.40
CA LYS A 20 11.37 0.22 7.93
C LYS A 20 11.39 -0.84 6.81
N PHE A 21 10.81 -0.49 5.64
CA PHE A 21 10.65 -1.41 4.50
C PHE A 21 11.08 -0.70 3.19
N PRO A 22 12.40 -0.78 2.81
CA PRO A 22 12.86 -0.38 1.45
C PRO A 22 12.41 -1.40 0.36
N GLN A 23 11.79 -2.52 0.81
CA GLN A 23 11.27 -3.59 -0.08
C GLN A 23 9.93 -3.20 -0.73
N VAL A 24 9.11 -2.38 -0.05
CA VAL A 24 7.81 -1.91 -0.58
C VAL A 24 7.98 -0.52 -1.22
N GLU A 25 7.24 -0.27 -2.30
CA GLU A 25 7.28 1.02 -3.02
C GLU A 25 6.23 1.97 -2.42
N VAL A 26 6.72 3.05 -1.77
CA VAL A 26 5.89 4.01 -1.05
C VAL A 26 5.67 5.24 -1.94
N ARG A 27 4.43 5.39 -2.45
CA ARG A 27 4.00 6.49 -3.31
C ARG A 27 3.35 7.61 -2.47
N LEU A 28 3.89 8.84 -2.62
CA LEU A 28 3.34 10.02 -1.96
C LEU A 28 2.25 10.62 -2.86
N VAL A 29 1.03 10.68 -2.32
CA VAL A 29 -0.14 11.23 -2.98
C VAL A 29 -0.64 12.45 -2.19
N THR A 30 -0.37 13.64 -2.71
CA THR A 30 -0.87 14.90 -2.13
C THR A 30 -2.02 15.44 -3.02
N THR A 31 -1.92 15.17 -4.34
CA THR A 31 -2.96 15.53 -5.34
C THR A 31 -3.61 14.27 -5.93
N GLU A 32 -4.75 14.45 -6.59
CA GLU A 32 -5.51 13.37 -7.24
C GLU A 32 -4.72 12.80 -8.44
N GLU A 33 -3.94 13.67 -9.11
CA GLU A 33 -3.07 13.28 -10.25
C GLU A 33 -2.04 12.20 -9.83
N ASP A 34 -1.53 12.32 -8.58
CA ASP A 34 -0.62 11.31 -7.98
C ASP A 34 -1.36 9.98 -7.85
N ALA A 35 -2.57 10.03 -7.25
CA ALA A 35 -3.43 8.85 -7.01
C ALA A 35 -3.77 8.13 -8.32
N LYS A 36 -3.96 8.93 -9.40
CA LYS A 36 -4.21 8.42 -10.76
C LYS A 36 -3.00 7.60 -11.26
N GLN A 37 -1.77 8.18 -11.17
CA GLN A 37 -0.53 7.49 -11.60
C GLN A 37 -0.29 6.20 -10.81
N VAL A 38 -0.66 6.20 -9.50
CA VAL A 38 -0.59 5.01 -8.65
C VAL A 38 -1.56 3.93 -9.16
N ILE A 39 -2.82 4.33 -9.45
CA ILE A 39 -3.87 3.43 -9.97
C ILE A 39 -3.44 2.75 -11.28
N LYS A 40 -2.81 3.53 -12.19
CA LYS A 40 -2.30 3.02 -13.48
C LYS A 40 -1.13 2.04 -13.24
N GLU A 41 -0.26 2.41 -12.28
CA GLU A 41 0.91 1.60 -11.88
C GLU A 41 0.48 0.25 -11.31
N ILE A 42 -0.58 0.27 -10.49
CA ILE A 42 -1.17 -0.93 -9.85
C ILE A 42 -1.61 -1.95 -10.92
N GLN A 43 -2.23 -1.44 -12.00
CA GLN A 43 -2.72 -2.26 -13.13
C GLN A 43 -1.56 -2.82 -13.96
N LYS A 44 -0.57 -1.95 -14.25
CA LYS A 44 0.61 -2.29 -15.08
C LYS A 44 1.56 -3.30 -14.40
N LYS A 45 1.71 -3.13 -13.09
CA LYS A 45 2.64 -3.93 -12.25
C LYS A 45 1.96 -5.22 -11.77
N GLY A 46 0.61 -5.21 -11.73
CA GLY A 46 -0.18 -6.36 -11.29
C GLY A 46 -0.25 -6.48 -9.77
N VAL A 47 -0.31 -5.31 -9.10
CA VAL A 47 -0.36 -5.21 -7.64
C VAL A 47 -1.69 -5.77 -7.12
N GLN A 48 -1.63 -6.61 -6.09
CA GLN A 48 -2.80 -7.30 -5.54
C GLN A 48 -3.35 -6.54 -4.31
N LYS A 49 -2.43 -6.14 -3.42
CA LYS A 49 -2.76 -5.41 -2.18
C LYS A 49 -2.07 -4.04 -2.17
N VAL A 50 -2.82 -3.00 -1.76
CA VAL A 50 -2.32 -1.62 -1.63
C VAL A 50 -2.63 -1.11 -0.21
N VAL A 51 -1.58 -0.74 0.55
CA VAL A 51 -1.71 -0.21 1.92
C VAL A 51 -1.89 1.31 1.86
N LEU A 52 -3.09 1.78 2.17
CA LEU A 52 -3.42 3.21 2.15
C LEU A 52 -3.26 3.81 3.56
N VAL A 53 -2.06 4.36 3.83
CA VAL A 53 -1.71 4.99 5.11
C VAL A 53 -2.11 6.47 5.11
N GLY A 54 -3.21 6.77 5.84
CA GLY A 54 -3.69 8.13 6.07
C GLY A 54 -4.18 8.85 4.82
N VAL A 55 -5.04 8.18 4.04
CA VAL A 55 -5.65 8.76 2.81
C VAL A 55 -7.10 9.19 3.11
N SER A 56 -7.71 9.94 2.17
CA SER A 56 -9.15 10.22 2.22
C SER A 56 -9.92 8.99 1.69
N GLU A 57 -11.16 8.81 2.18
CA GLU A 57 -12.03 7.68 1.76
C GLU A 57 -12.42 7.77 0.27
N LYS A 58 -12.35 9.00 -0.29
CA LYS A 58 -12.55 9.25 -1.72
C LYS A 58 -11.40 8.60 -2.53
N LEU A 59 -10.15 8.79 -2.05
CA LEU A 59 -8.96 8.17 -2.67
C LEU A 59 -8.98 6.64 -2.47
N LEU A 60 -9.44 6.20 -1.28
CA LEU A 60 -9.53 4.78 -0.93
C LEU A 60 -10.44 4.03 -1.91
N GLN A 61 -11.64 4.58 -2.09
CA GLN A 61 -12.65 4.04 -3.00
C GLN A 61 -12.19 4.17 -4.46
N LYS A 62 -11.44 5.23 -4.76
CA LYS A 62 -10.92 5.50 -6.12
C LYS A 62 -9.97 4.37 -6.57
N ILE A 63 -9.07 3.95 -5.66
CA ILE A 63 -8.10 2.84 -5.89
C ILE A 63 -8.88 1.50 -6.06
N LYS A 64 -9.77 1.14 -5.09
CA LYS A 64 -10.48 -0.17 -5.11
C LYS A 64 -11.47 -0.28 -6.31
N GLN A 65 -11.87 0.86 -6.90
CA GLN A 65 -12.75 0.89 -8.10
C GLN A 65 -11.91 0.74 -9.39
N GLU A 66 -11.03 1.72 -9.66
CA GLU A 66 -10.30 1.82 -10.94
C GLU A 66 -9.11 0.86 -11.01
N ALA A 67 -8.28 0.82 -9.95
CA ALA A 67 -7.17 -0.14 -9.85
C ALA A 67 -7.72 -1.55 -9.54
N ASN A 68 -8.91 -1.55 -8.89
CA ASN A 68 -9.73 -2.76 -8.61
C ASN A 68 -8.91 -3.81 -7.83
N VAL A 69 -8.54 -3.45 -6.58
CA VAL A 69 -7.66 -4.25 -5.72
C VAL A 69 -8.07 -4.19 -4.25
N GLN A 70 -7.42 -5.02 -3.42
CA GLN A 70 -7.65 -5.08 -1.98
C GLN A 70 -6.97 -3.89 -1.29
N VAL A 71 -7.80 -3.03 -0.68
CA VAL A 71 -7.34 -1.81 0.02
C VAL A 71 -7.21 -2.11 1.51
N TYR A 72 -6.08 -1.72 2.10
CA TYR A 72 -5.83 -1.85 3.53
C TYR A 72 -5.62 -0.45 4.11
N ARG A 73 -6.71 0.10 4.67
CA ARG A 73 -6.71 1.39 5.35
C ARG A 73 -5.89 1.29 6.65
N VAL A 74 -4.90 2.17 6.78
CA VAL A 74 -3.95 2.19 7.90
C VAL A 74 -3.82 3.64 8.40
N THR A 75 -3.92 3.83 9.73
CA THR A 75 -3.79 5.14 10.38
C THR A 75 -2.69 5.10 11.47
N SER A 76 -1.93 3.98 11.53
CA SER A 76 -0.87 3.76 12.52
C SER A 76 0.13 2.69 12.02
N ASN A 77 1.42 2.84 12.40
CA ASN A 77 2.55 1.98 11.96
C ASN A 77 2.26 0.48 12.17
N ASP A 78 1.54 0.16 13.26
CA ASP A 78 1.15 -1.21 13.66
C ASP A 78 0.54 -1.98 12.47
N GLU A 79 -0.53 -1.37 11.91
CA GLU A 79 -1.36 -1.99 10.87
C GLU A 79 -0.59 -2.13 9.56
N LEU A 80 0.24 -1.09 9.27
CA LEU A 80 1.14 -1.05 8.10
C LEU A 80 2.03 -2.32 8.08
N GLU A 81 2.69 -2.58 9.22
CA GLU A 81 3.65 -3.67 9.38
C GLU A 81 2.95 -5.04 9.33
N GLN A 82 1.70 -5.12 9.84
CA GLN A 82 0.89 -6.35 9.81
C GLN A 82 0.61 -6.79 8.36
N VAL A 83 0.20 -5.82 7.51
CA VAL A 83 -0.16 -6.10 6.10
C VAL A 83 1.09 -6.52 5.28
N VAL A 84 2.27 -5.99 5.66
CA VAL A 84 3.56 -6.40 5.06
C VAL A 84 3.89 -7.86 5.42
N LYS A 85 3.57 -8.27 6.66
CA LYS A 85 3.74 -9.67 7.12
C LYS A 85 2.72 -10.59 6.44
N ASP A 86 1.55 -10.04 6.12
CA ASP A 86 0.44 -10.78 5.47
C ASP A 86 0.82 -11.12 4.01
N VAL A 87 1.43 -10.15 3.30
CA VAL A 87 1.80 -10.30 1.88
C VAL A 87 3.09 -11.15 1.73
N LYS A 88 4.03 -11.01 2.70
CA LYS A 88 5.32 -11.72 2.69
C LYS A 88 5.88 -11.91 4.12
N GLY A 89 6.56 -13.04 4.35
CA GLY A 89 7.20 -13.34 5.64
C GLY A 89 6.30 -14.15 6.57
N SER A 90 4.98 -13.94 6.42
CA SER A 90 3.92 -14.56 7.25
C SER A 90 3.94 -14.01 8.69
N GLY A 91 2.78 -13.48 9.15
CA GLY A 91 2.60 -13.06 10.54
C GLY A 91 2.46 -14.26 11.47
N LEU A 92 3.59 -15.00 11.64
CA LEU A 92 3.72 -16.16 12.56
C LEU A 92 3.36 -15.78 14.01
N GLU A 93 3.59 -14.49 14.33
CA GLU A 93 3.15 -13.85 15.57
C GLU A 93 1.61 -13.95 15.72
N HIS A 94 1.16 -14.30 16.93
CA HIS A 94 -0.27 -14.39 17.25
C HIS A 94 -0.83 -12.98 17.47
N HIS A 95 -1.86 -12.61 16.70
CA HIS A 95 -2.38 -11.23 16.61
C HIS A 95 -3.50 -10.99 17.64
N HIS A 96 -3.20 -11.36 18.91
CA HIS A 96 -4.08 -11.16 20.10
C HIS A 96 -5.31 -12.09 20.09
N HIS A 97 -5.76 -12.46 21.31
CA HIS A 97 -6.93 -13.36 21.51
C HIS A 97 -7.36 -13.30 22.99
N HIS A 98 -8.59 -13.78 23.27
CA HIS A 98 -9.16 -13.84 24.63
C HIS A 98 -8.51 -14.99 25.44
N HIS A 99 -8.58 -14.87 26.78
CA HIS A 99 -8.09 -15.90 27.72
C HIS A 99 -9.30 -16.42 28.53
N MET A 1 3.42 -11.46 -9.55
CA MET A 1 3.81 -11.42 -8.13
C MET A 1 2.92 -10.39 -7.41
N GLY A 2 2.24 -10.82 -6.33
CA GLY A 2 1.35 -9.95 -5.56
C GLY A 2 2.11 -9.13 -4.53
N ARG A 3 2.78 -8.06 -5.00
CA ARG A 3 3.55 -7.13 -4.13
C ARG A 3 2.63 -6.09 -3.46
N LEU A 4 3.16 -5.42 -2.44
CA LEU A 4 2.43 -4.40 -1.65
C LEU A 4 2.83 -2.98 -2.08
N VAL A 5 1.83 -2.11 -2.28
CA VAL A 5 2.02 -0.65 -2.44
C VAL A 5 1.40 0.06 -1.22
N VAL A 6 2.14 1.04 -0.67
CA VAL A 6 1.68 1.84 0.46
C VAL A 6 1.44 3.28 -0.03
N VAL A 7 0.17 3.65 -0.18
CA VAL A 7 -0.23 5.01 -0.58
C VAL A 7 -0.24 5.91 0.65
N VAL A 8 0.68 6.87 0.67
CA VAL A 8 0.84 7.84 1.75
C VAL A 8 0.55 9.24 1.19
N THR A 9 0.05 10.12 2.04
CA THR A 9 -0.21 11.52 1.66
C THR A 9 0.89 12.47 2.19
N SER A 10 1.84 11.91 2.96
CA SER A 10 2.91 12.68 3.60
C SER A 10 4.29 12.09 3.22
N GLU A 11 5.24 12.99 2.94
CA GLU A 11 6.66 12.64 2.69
C GLU A 11 7.30 11.99 3.94
N GLN A 12 6.78 12.33 5.13
CA GLN A 12 7.24 11.79 6.41
C GLN A 12 6.86 10.30 6.53
N LEU A 13 5.64 9.96 6.07
CA LEU A 13 5.15 8.57 6.06
C LEU A 13 5.87 7.77 4.95
N LYS A 14 6.16 8.45 3.82
CA LYS A 14 6.92 7.88 2.69
C LYS A 14 8.31 7.38 3.14
N GLU A 15 9.11 8.31 3.70
CA GLU A 15 10.48 8.02 4.14
C GLU A 15 10.52 6.98 5.27
N GLU A 16 9.45 6.96 6.12
CA GLU A 16 9.36 6.07 7.28
C GLU A 16 9.17 4.61 6.84
N VAL A 17 8.12 4.36 6.03
CA VAL A 17 7.78 3.02 5.51
C VAL A 17 8.95 2.46 4.67
N ARG A 18 9.66 3.34 3.94
CA ARG A 18 10.83 2.94 3.12
C ARG A 18 12.13 2.83 3.96
N LYS A 19 12.12 3.39 5.19
CA LYS A 19 13.26 3.24 6.13
C LYS A 19 13.21 1.86 6.81
N LYS A 20 11.99 1.52 7.26
CA LYS A 20 11.71 0.26 7.98
C LYS A 20 11.65 -0.92 6.99
N PHE A 21 10.96 -0.69 5.85
CA PHE A 21 10.73 -1.70 4.81
C PHE A 21 11.18 -1.12 3.45
N PRO A 22 12.48 -1.21 3.08
CA PRO A 22 13.00 -0.62 1.82
C PRO A 22 12.60 -1.42 0.56
N GLN A 23 12.10 -2.65 0.78
CA GLN A 23 11.79 -3.62 -0.28
C GLN A 23 10.36 -3.47 -0.81
N VAL A 24 9.51 -2.69 -0.12
CA VAL A 24 8.09 -2.49 -0.53
C VAL A 24 7.94 -1.24 -1.40
N GLU A 25 6.86 -1.17 -2.18
CA GLU A 25 6.52 -0.01 -3.01
C GLU A 25 5.73 0.99 -2.17
N VAL A 26 6.04 2.29 -2.34
CA VAL A 26 5.31 3.40 -1.67
C VAL A 26 5.01 4.48 -2.73
N ARG A 27 3.76 5.00 -2.73
CA ARG A 27 3.32 6.05 -3.66
C ARG A 27 2.87 7.28 -2.86
N LEU A 28 3.44 8.45 -3.19
CA LEU A 28 3.12 9.72 -2.54
C LEU A 28 2.00 10.44 -3.31
N VAL A 29 0.91 10.79 -2.60
CA VAL A 29 -0.22 11.53 -3.17
C VAL A 29 -0.37 12.89 -2.45
N THR A 30 0.03 13.96 -3.14
CA THR A 30 -0.11 15.34 -2.64
C THR A 30 -1.23 16.07 -3.41
N THR A 31 -1.43 15.68 -4.68
CA THR A 31 -2.46 16.26 -5.56
C THR A 31 -3.30 15.15 -6.18
N GLU A 32 -4.37 15.54 -6.91
CA GLU A 32 -5.22 14.60 -7.66
C GLU A 32 -4.41 13.90 -8.76
N GLU A 33 -3.49 14.64 -9.41
CA GLU A 33 -2.64 14.12 -10.49
C GLU A 33 -1.86 12.87 -10.04
N ASP A 34 -1.37 12.91 -8.78
CA ASP A 34 -0.68 11.77 -8.16
C ASP A 34 -1.61 10.55 -8.11
N ALA A 35 -2.79 10.73 -7.46
CA ALA A 35 -3.78 9.65 -7.22
C ALA A 35 -4.17 8.92 -8.53
N LYS A 36 -4.36 9.71 -9.60
CA LYS A 36 -4.62 9.22 -10.97
C LYS A 36 -3.50 8.29 -11.46
N GLN A 37 -2.24 8.77 -11.35
CA GLN A 37 -1.05 8.02 -11.79
C GLN A 37 -0.80 6.77 -10.92
N VAL A 38 -1.15 6.85 -9.64
CA VAL A 38 -0.98 5.77 -8.65
C VAL A 38 -1.87 4.57 -9.02
N ILE A 39 -3.15 4.84 -9.35
CA ILE A 39 -4.11 3.82 -9.84
C ILE A 39 -3.49 2.97 -10.97
N LYS A 40 -2.87 3.68 -11.92
CA LYS A 40 -2.29 3.09 -13.14
C LYS A 40 -1.02 2.30 -12.79
N GLU A 41 -0.19 2.89 -11.89
CA GLU A 41 1.12 2.36 -11.51
C GLU A 41 0.99 1.00 -10.81
N ILE A 42 0.01 0.91 -9.90
CA ILE A 42 -0.38 -0.32 -9.19
C ILE A 42 -0.71 -1.46 -10.19
N GLN A 43 -1.50 -1.11 -11.24
CA GLN A 43 -1.93 -2.05 -12.29
C GLN A 43 -0.73 -2.53 -13.14
N LYS A 44 0.23 -1.62 -13.38
CA LYS A 44 1.44 -1.90 -14.19
C LYS A 44 2.44 -2.76 -13.40
N LYS A 45 2.41 -2.64 -12.07
CA LYS A 45 3.19 -3.50 -11.17
C LYS A 45 2.50 -4.87 -10.99
N GLY A 46 1.17 -4.92 -11.18
CA GLY A 46 0.38 -6.13 -10.94
C GLY A 46 0.21 -6.41 -9.46
N VAL A 47 -0.10 -5.35 -8.72
CA VAL A 47 -0.22 -5.35 -7.25
C VAL A 47 -1.64 -5.74 -6.83
N GLN A 48 -1.72 -6.48 -5.72
CA GLN A 48 -2.97 -7.10 -5.26
C GLN A 48 -3.44 -6.45 -3.95
N LYS A 49 -2.49 -6.08 -3.08
CA LYS A 49 -2.80 -5.40 -1.79
C LYS A 49 -2.23 -3.99 -1.80
N VAL A 50 -3.05 -3.01 -1.39
CA VAL A 50 -2.61 -1.60 -1.22
C VAL A 50 -3.00 -1.10 0.18
N VAL A 51 -1.98 -0.61 0.90
CA VAL A 51 -2.11 0.02 2.21
C VAL A 51 -2.34 1.53 2.03
N LEU A 52 -3.56 1.97 2.35
CA LEU A 52 -3.99 3.37 2.29
C LEU A 52 -3.82 4.03 3.67
N VAL A 53 -2.73 4.82 3.84
CA VAL A 53 -2.41 5.53 5.09
C VAL A 53 -2.72 7.03 4.96
N GLY A 54 -3.60 7.53 5.86
CA GLY A 54 -3.91 8.97 5.95
C GLY A 54 -4.55 9.55 4.69
N VAL A 55 -5.29 8.71 3.95
CA VAL A 55 -5.89 9.10 2.66
C VAL A 55 -7.33 9.62 2.86
N SER A 56 -7.91 10.16 1.79
CA SER A 56 -9.33 10.48 1.73
C SER A 56 -10.13 9.18 1.49
N GLU A 57 -11.33 9.11 2.08
CA GLU A 57 -12.28 8.00 1.86
C GLU A 57 -12.72 7.94 0.38
N LYS A 58 -12.67 9.11 -0.29
CA LYS A 58 -12.94 9.25 -1.72
C LYS A 58 -11.88 8.49 -2.54
N LEU A 59 -10.60 8.66 -2.16
CA LEU A 59 -9.46 8.01 -2.83
C LEU A 59 -9.34 6.54 -2.41
N LEU A 60 -9.84 6.21 -1.20
CA LEU A 60 -9.89 4.84 -0.70
C LEU A 60 -10.69 3.95 -1.66
N GLN A 61 -11.92 4.42 -1.96
CA GLN A 61 -12.85 3.72 -2.87
C GLN A 61 -12.38 3.81 -4.33
N LYS A 62 -11.90 5.01 -4.73
CA LYS A 62 -11.48 5.28 -6.13
C LYS A 62 -10.35 4.33 -6.60
N ILE A 63 -9.26 4.29 -5.79
CA ILE A 63 -8.08 3.47 -6.09
C ILE A 63 -8.46 1.96 -6.13
N LYS A 64 -9.24 1.48 -5.15
CA LYS A 64 -9.55 0.02 -5.04
C LYS A 64 -10.45 -0.46 -6.20
N GLN A 65 -11.30 0.45 -6.73
CA GLN A 65 -12.20 0.13 -7.87
C GLN A 65 -11.38 -0.02 -9.16
N GLU A 66 -10.67 1.06 -9.53
CA GLU A 66 -10.02 1.19 -10.85
C GLU A 66 -8.68 0.43 -10.92
N ALA A 67 -7.89 0.50 -9.83
CA ALA A 67 -6.63 -0.29 -9.71
C ALA A 67 -6.92 -1.77 -9.43
N ASN A 68 -8.14 -2.05 -8.90
CA ASN A 68 -8.64 -3.42 -8.62
C ASN A 68 -7.76 -4.11 -7.58
N VAL A 69 -7.79 -3.58 -6.34
CA VAL A 69 -6.94 -4.04 -5.23
C VAL A 69 -7.72 -4.17 -3.92
N GLN A 70 -7.09 -4.87 -2.95
CA GLN A 70 -7.63 -5.04 -1.60
C GLN A 70 -7.43 -3.75 -0.79
N VAL A 71 -8.40 -3.45 0.07
CA VAL A 71 -8.41 -2.23 0.90
C VAL A 71 -7.80 -2.54 2.26
N TYR A 72 -6.70 -1.89 2.59
CA TYR A 72 -6.15 -1.87 3.95
C TYR A 72 -6.03 -0.42 4.40
N ARG A 73 -7.02 0.05 5.16
CA ARG A 73 -6.97 1.38 5.76
C ARG A 73 -6.23 1.23 7.08
N VAL A 74 -5.01 1.73 7.10
CA VAL A 74 -4.17 1.72 8.29
C VAL A 74 -4.31 3.05 8.99
N THR A 75 -4.60 3.00 10.30
CA THR A 75 -4.72 4.19 11.17
C THR A 75 -3.82 4.03 12.42
N SER A 76 -3.17 2.86 12.53
CA SER A 76 -2.11 2.60 13.52
C SER A 76 -0.97 1.83 12.84
N ASN A 77 0.28 2.11 13.26
CA ASN A 77 1.52 1.58 12.66
C ASN A 77 1.50 0.04 12.44
N ASP A 78 0.87 -0.66 13.40
CA ASP A 78 0.89 -2.13 13.49
C ASP A 78 0.17 -2.78 12.31
N GLU A 79 -0.84 -2.09 11.74
CA GLU A 79 -1.65 -2.63 10.63
C GLU A 79 -0.79 -2.70 9.37
N LEU A 80 -0.07 -1.60 9.07
CA LEU A 80 0.87 -1.50 7.93
C LEU A 80 1.92 -2.61 8.05
N GLU A 81 2.55 -2.68 9.24
CA GLU A 81 3.62 -3.63 9.56
C GLU A 81 3.14 -5.11 9.40
N GLN A 82 1.86 -5.36 9.70
CA GLN A 82 1.25 -6.69 9.62
C GLN A 82 1.03 -7.11 8.15
N VAL A 83 0.53 -6.15 7.32
CA VAL A 83 0.23 -6.41 5.90
C VAL A 83 1.54 -6.65 5.09
N VAL A 84 2.64 -5.99 5.51
CA VAL A 84 3.98 -6.20 4.89
C VAL A 84 4.45 -7.67 5.09
N LYS A 85 4.15 -8.22 6.27
CA LYS A 85 4.50 -9.61 6.59
C LYS A 85 3.57 -10.60 5.86
N ASP A 86 2.26 -10.27 5.80
CA ASP A 86 1.23 -11.14 5.21
C ASP A 86 1.39 -11.26 3.68
N VAL A 87 1.70 -10.13 3.02
CA VAL A 87 1.87 -10.06 1.55
C VAL A 87 3.05 -10.98 1.08
N LYS A 88 4.01 -11.19 1.98
CA LYS A 88 5.18 -12.07 1.77
C LYS A 88 4.98 -13.45 2.44
N GLY A 89 3.85 -13.60 3.16
CA GLY A 89 3.51 -14.86 3.84
C GLY A 89 4.14 -14.95 5.21
N SER A 90 3.42 -14.48 6.25
CA SER A 90 3.89 -14.46 7.65
C SER A 90 4.28 -15.87 8.14
N GLY A 91 3.42 -16.86 7.87
CA GLY A 91 3.64 -18.25 8.25
C GLY A 91 3.96 -19.15 7.07
N LEU A 92 4.47 -18.54 5.97
CA LEU A 92 4.92 -19.27 4.78
C LEU A 92 6.46 -19.27 4.72
N GLU A 93 7.04 -20.41 4.31
CA GLU A 93 8.48 -20.56 4.09
C GLU A 93 8.87 -19.92 2.75
N HIS A 94 9.92 -19.07 2.76
CA HIS A 94 10.42 -18.37 1.55
C HIS A 94 11.85 -18.85 1.21
N HIS A 95 12.17 -20.10 1.60
CA HIS A 95 13.51 -20.69 1.42
C HIS A 95 13.73 -21.16 -0.03
N HIS A 96 12.66 -21.21 -0.85
CA HIS A 96 12.72 -21.70 -2.25
C HIS A 96 13.54 -20.74 -3.15
N HIS A 97 14.85 -20.92 -3.11
CA HIS A 97 15.82 -20.23 -3.97
C HIS A 97 16.67 -21.33 -4.59
N HIS A 98 16.62 -21.43 -5.94
CA HIS A 98 17.16 -22.59 -6.67
C HIS A 98 18.67 -22.76 -6.39
N HIS A 99 19.08 -24.01 -6.27
CA HIS A 99 20.48 -24.40 -6.11
C HIS A 99 20.79 -25.46 -7.21
N MET A 1 2.34 -13.55 -7.02
CA MET A 1 3.42 -12.89 -6.22
C MET A 1 2.82 -11.75 -5.41
N GLY A 2 3.00 -11.80 -4.07
CA GLY A 2 2.45 -10.79 -3.17
C GLY A 2 3.30 -9.52 -3.12
N ARG A 3 3.25 -8.73 -4.23
CA ARG A 3 3.84 -7.38 -4.26
C ARG A 3 2.92 -6.40 -3.52
N LEU A 4 3.51 -5.62 -2.62
CA LEU A 4 2.80 -4.59 -1.87
C LEU A 4 3.23 -3.20 -2.35
N VAL A 5 2.25 -2.33 -2.56
CA VAL A 5 2.48 -0.89 -2.78
C VAL A 5 1.90 -0.14 -1.58
N VAL A 6 2.77 0.49 -0.77
CA VAL A 6 2.33 1.28 0.37
C VAL A 6 2.29 2.75 -0.06
N VAL A 7 1.09 3.22 -0.36
CA VAL A 7 0.84 4.60 -0.69
C VAL A 7 0.64 5.41 0.60
N VAL A 8 1.17 6.62 0.63
CA VAL A 8 1.06 7.57 1.74
C VAL A 8 0.65 8.94 1.18
N THR A 9 0.07 9.79 2.01
CA THR A 9 -0.30 11.17 1.62
C THR A 9 0.62 12.21 2.31
N SER A 10 1.57 11.73 3.12
CA SER A 10 2.54 12.57 3.83
C SER A 10 3.97 12.16 3.44
N GLU A 11 4.82 13.17 3.19
CA GLU A 11 6.26 12.99 2.94
C GLU A 11 6.96 12.44 4.20
N GLN A 12 6.44 12.81 5.38
CA GLN A 12 6.90 12.31 6.69
C GLN A 12 6.59 10.82 6.85
N LEU A 13 5.48 10.37 6.24
CA LEU A 13 5.08 8.95 6.24
C LEU A 13 5.78 8.18 5.10
N LYS A 14 6.23 8.90 4.04
CA LYS A 14 6.99 8.28 2.93
C LYS A 14 8.35 7.81 3.44
N GLU A 15 9.08 8.72 4.11
CA GLU A 15 10.41 8.44 4.70
C GLU A 15 10.31 7.37 5.80
N GLU A 16 9.15 7.31 6.48
CA GLU A 16 8.88 6.36 7.57
C GLU A 16 8.77 4.91 7.02
N VAL A 17 7.91 4.73 6.01
CA VAL A 17 7.67 3.42 5.40
C VAL A 17 8.88 2.90 4.59
N ARG A 18 9.59 3.80 3.86
CA ARG A 18 10.81 3.40 3.10
C ARG A 18 11.94 2.96 4.07
N LYS A 19 11.96 3.58 5.26
CA LYS A 19 12.92 3.24 6.34
C LYS A 19 12.63 1.83 6.90
N LYS A 20 11.33 1.58 7.19
CA LYS A 20 10.86 0.29 7.73
C LYS A 20 11.02 -0.86 6.70
N PHE A 21 10.48 -0.64 5.49
CA PHE A 21 10.40 -1.66 4.42
C PHE A 21 10.77 -1.00 3.05
N PRO A 22 12.06 -1.07 2.63
CA PRO A 22 12.46 -0.66 1.25
C PRO A 22 12.14 -1.76 0.20
N GLN A 23 11.66 -2.92 0.68
CA GLN A 23 11.28 -4.08 -0.14
C GLN A 23 9.94 -3.86 -0.87
N VAL A 24 9.13 -2.90 -0.39
CA VAL A 24 7.80 -2.58 -0.96
C VAL A 24 7.87 -1.27 -1.77
N GLU A 25 6.99 -1.14 -2.79
CA GLU A 25 6.91 0.10 -3.61
C GLU A 25 6.13 1.18 -2.84
N VAL A 26 6.85 2.15 -2.28
CA VAL A 26 6.26 3.24 -1.48
C VAL A 26 5.99 4.44 -2.39
N ARG A 27 4.72 4.86 -2.47
CA ARG A 27 4.27 5.96 -3.35
C ARG A 27 3.72 7.12 -2.53
N LEU A 28 3.93 8.36 -3.02
CA LEU A 28 3.42 9.58 -2.38
C LEU A 28 2.19 10.10 -3.15
N VAL A 29 1.22 10.64 -2.41
CA VAL A 29 0.02 11.31 -2.95
C VAL A 29 -0.11 12.70 -2.31
N THR A 30 0.19 13.72 -3.11
CA THR A 30 0.00 15.13 -2.73
C THR A 30 -1.44 15.55 -2.98
N THR A 31 -1.98 15.07 -4.12
CA THR A 31 -3.31 15.45 -4.63
C THR A 31 -4.02 14.20 -5.18
N GLU A 32 -5.31 14.35 -5.52
CA GLU A 32 -6.11 13.31 -6.20
C GLU A 32 -5.49 12.97 -7.58
N GLU A 33 -4.97 14.01 -8.27
CA GLU A 33 -4.23 13.84 -9.56
C GLU A 33 -3.06 12.85 -9.41
N ASP A 34 -2.30 13.05 -8.32
CA ASP A 34 -1.12 12.23 -7.98
C ASP A 34 -1.56 10.79 -7.66
N ALA A 35 -2.73 10.65 -6.99
CA ALA A 35 -3.33 9.36 -6.64
C ALA A 35 -3.71 8.58 -7.91
N LYS A 36 -4.28 9.29 -8.90
CA LYS A 36 -4.69 8.72 -10.20
C LYS A 36 -3.48 8.20 -10.99
N GLN A 37 -2.35 8.93 -10.89
CA GLN A 37 -1.07 8.51 -11.48
C GLN A 37 -0.54 7.21 -10.82
N VAL A 38 -0.72 7.09 -9.49
CA VAL A 38 -0.35 5.87 -8.74
C VAL A 38 -1.22 4.66 -9.17
N ILE A 39 -2.54 4.90 -9.38
CA ILE A 39 -3.52 3.87 -9.80
C ILE A 39 -3.08 3.15 -11.09
N LYS A 40 -2.54 3.93 -12.05
CA LYS A 40 -1.99 3.41 -13.32
C LYS A 40 -0.88 2.38 -13.04
N GLU A 41 0.07 2.79 -12.16
CA GLU A 41 1.28 2.05 -11.86
C GLU A 41 0.97 0.75 -11.09
N ILE A 42 -0.02 0.80 -10.18
CA ILE A 42 -0.51 -0.36 -9.43
C ILE A 42 -0.95 -1.49 -10.39
N GLN A 43 -1.68 -1.13 -11.44
CA GLN A 43 -2.17 -2.07 -12.46
C GLN A 43 -1.01 -2.62 -13.30
N LYS A 44 -0.07 -1.72 -13.68
CA LYS A 44 1.05 -2.06 -14.58
C LYS A 44 2.05 -3.02 -13.91
N LYS A 45 2.28 -2.83 -12.61
CA LYS A 45 3.14 -3.70 -11.80
C LYS A 45 2.46 -5.06 -11.51
N GLY A 46 1.12 -5.10 -11.62
CA GLY A 46 0.34 -6.30 -11.35
C GLY A 46 0.19 -6.56 -9.86
N VAL A 47 -0.09 -5.49 -9.12
CA VAL A 47 -0.20 -5.53 -7.65
C VAL A 47 -1.60 -6.03 -7.26
N GLN A 48 -1.65 -6.79 -6.17
CA GLN A 48 -2.90 -7.39 -5.66
C GLN A 48 -3.39 -6.59 -4.45
N LYS A 49 -2.46 -6.36 -3.52
CA LYS A 49 -2.74 -5.76 -2.20
C LYS A 49 -2.00 -4.42 -2.10
N VAL A 50 -2.75 -3.33 -1.89
CA VAL A 50 -2.22 -1.97 -1.74
C VAL A 50 -2.62 -1.41 -0.37
N VAL A 51 -1.65 -0.83 0.34
CA VAL A 51 -1.91 -0.11 1.59
C VAL A 51 -2.10 1.38 1.26
N LEU A 52 -3.19 1.97 1.75
CA LEU A 52 -3.45 3.41 1.63
C LEU A 52 -3.36 4.05 3.05
N VAL A 53 -2.17 4.58 3.36
CA VAL A 53 -1.88 5.19 4.68
C VAL A 53 -2.33 6.65 4.72
N GLY A 54 -3.27 6.95 5.64
CA GLY A 54 -3.70 8.31 5.94
C GLY A 54 -4.51 8.95 4.83
N VAL A 55 -5.30 8.16 4.11
CA VAL A 55 -6.12 8.64 2.98
C VAL A 55 -7.55 8.92 3.44
N SER A 56 -8.31 9.63 2.59
CA SER A 56 -9.74 9.87 2.77
C SER A 56 -10.54 8.64 2.28
N GLU A 57 -11.85 8.62 2.61
CA GLU A 57 -12.78 7.57 2.14
C GLU A 57 -12.88 7.62 0.59
N LYS A 58 -12.74 8.86 0.05
CA LYS A 58 -12.71 9.12 -1.39
C LYS A 58 -11.54 8.35 -2.07
N LEU A 59 -10.30 8.63 -1.61
CA LEU A 59 -9.07 8.04 -2.18
C LEU A 59 -9.07 6.51 -2.01
N LEU A 60 -9.61 6.03 -0.86
CA LEU A 60 -9.76 4.60 -0.54
C LEU A 60 -10.53 3.89 -1.66
N GLN A 61 -11.73 4.43 -1.95
CA GLN A 61 -12.65 3.84 -2.92
C GLN A 61 -12.14 3.96 -4.37
N LYS A 62 -11.40 5.05 -4.66
CA LYS A 62 -10.84 5.29 -6.00
C LYS A 62 -9.82 4.22 -6.41
N ILE A 63 -8.80 3.98 -5.55
CA ILE A 63 -7.73 3.02 -5.86
C ILE A 63 -8.30 1.57 -6.02
N LYS A 64 -9.27 1.16 -5.18
CA LYS A 64 -9.83 -0.21 -5.24
C LYS A 64 -10.74 -0.43 -6.47
N GLN A 65 -11.50 0.62 -6.89
CA GLN A 65 -12.46 0.48 -8.01
C GLN A 65 -11.75 0.62 -9.37
N GLU A 66 -10.72 1.48 -9.44
CA GLU A 66 -10.02 1.80 -10.69
C GLU A 66 -8.84 0.84 -10.93
N ALA A 67 -8.04 0.56 -9.89
CA ALA A 67 -6.90 -0.39 -9.99
C ALA A 67 -7.35 -1.85 -9.85
N ASN A 68 -8.57 -2.04 -9.28
CA ASN A 68 -9.22 -3.37 -9.11
C ASN A 68 -8.40 -4.23 -8.12
N VAL A 69 -8.08 -3.63 -6.96
CA VAL A 69 -7.16 -4.21 -5.96
C VAL A 69 -7.76 -4.20 -4.54
N GLN A 70 -7.17 -5.01 -3.66
CA GLN A 70 -7.55 -5.09 -2.24
C GLN A 70 -6.85 -3.97 -1.47
N VAL A 71 -7.64 -3.01 -0.96
CA VAL A 71 -7.13 -1.83 -0.24
C VAL A 71 -7.19 -2.04 1.27
N TYR A 72 -6.11 -1.61 1.95
CA TYR A 72 -5.98 -1.67 3.41
C TYR A 72 -5.65 -0.26 3.93
N ARG A 73 -6.67 0.43 4.49
CA ARG A 73 -6.50 1.81 4.99
C ARG A 73 -5.85 1.78 6.37
N VAL A 74 -4.61 2.24 6.42
CA VAL A 74 -3.78 2.26 7.64
C VAL A 74 -3.57 3.71 8.11
N THR A 75 -3.58 3.92 9.44
CA THR A 75 -3.24 5.22 10.06
C THR A 75 -2.28 5.01 11.27
N SER A 76 -1.78 3.78 11.45
CA SER A 76 -0.94 3.37 12.60
C SER A 76 0.18 2.43 12.13
N ASN A 77 1.38 2.52 12.75
CA ASN A 77 2.54 1.66 12.40
C ASN A 77 2.19 0.18 12.61
N ASP A 78 1.45 -0.11 13.70
CA ASP A 78 1.00 -1.48 14.01
C ASP A 78 0.19 -2.06 12.85
N GLU A 79 -0.81 -1.30 12.37
CA GLU A 79 -1.70 -1.72 11.27
C GLU A 79 -0.91 -1.92 9.96
N LEU A 80 0.08 -1.03 9.73
CA LEU A 80 0.95 -1.07 8.55
C LEU A 80 1.72 -2.39 8.52
N GLU A 81 2.48 -2.63 9.60
CA GLU A 81 3.35 -3.81 9.74
C GLU A 81 2.55 -5.12 9.67
N GLN A 82 1.30 -5.12 10.20
CA GLN A 82 0.38 -6.28 10.16
C GLN A 82 0.05 -6.66 8.70
N VAL A 83 -0.33 -5.65 7.88
CA VAL A 83 -0.67 -5.88 6.46
C VAL A 83 0.57 -6.33 5.66
N VAL A 84 1.78 -5.79 6.01
CA VAL A 84 3.04 -6.16 5.34
C VAL A 84 3.42 -7.64 5.64
N LYS A 85 3.10 -8.10 6.86
CA LYS A 85 3.28 -9.51 7.28
C LYS A 85 2.32 -10.43 6.49
N ASP A 86 1.10 -9.92 6.25
CA ASP A 86 0.00 -10.66 5.60
C ASP A 86 0.27 -10.88 4.09
N VAL A 87 0.74 -9.82 3.40
CA VAL A 87 1.06 -9.87 1.96
C VAL A 87 2.37 -10.65 1.71
N LYS A 88 3.28 -10.65 2.70
CA LYS A 88 4.53 -11.48 2.65
C LYS A 88 4.35 -12.80 3.45
N GLY A 89 3.08 -13.28 3.56
CA GLY A 89 2.77 -14.55 4.21
C GLY A 89 1.34 -14.98 3.90
N SER A 90 0.95 -14.81 2.64
CA SER A 90 -0.43 -14.98 2.17
C SER A 90 -0.78 -16.48 1.93
N GLY A 91 -1.29 -17.15 2.99
CA GLY A 91 -1.63 -18.58 2.91
C GLY A 91 -3.12 -18.81 2.77
N LEU A 92 -3.65 -18.43 1.58
CA LEU A 92 -5.09 -18.58 1.27
C LEU A 92 -5.43 -20.07 1.05
N GLU A 93 -4.45 -20.82 0.51
CA GLU A 93 -4.61 -22.24 0.15
C GLU A 93 -4.48 -23.15 1.38
N HIS A 94 -4.04 -22.57 2.54
CA HIS A 94 -4.09 -23.27 3.84
C HIS A 94 -5.57 -23.53 4.20
N HIS A 95 -6.44 -22.61 3.78
CA HIS A 95 -7.88 -22.86 3.68
C HIS A 95 -8.13 -23.73 2.42
N HIS A 96 -7.83 -25.04 2.54
CA HIS A 96 -8.01 -26.00 1.44
C HIS A 96 -9.40 -26.63 1.56
N HIS A 97 -10.41 -25.83 1.17
CA HIS A 97 -11.84 -26.20 1.26
C HIS A 97 -12.33 -26.71 -0.10
N HIS A 98 -13.16 -27.77 -0.07
CA HIS A 98 -13.76 -28.34 -1.29
C HIS A 98 -14.81 -27.39 -1.88
N HIS A 99 -14.86 -27.35 -3.22
CA HIS A 99 -15.76 -26.48 -3.98
C HIS A 99 -16.08 -27.15 -5.34
N MET A 1 4.23 -13.06 -8.00
CA MET A 1 4.78 -11.70 -7.80
C MET A 1 3.96 -10.97 -6.72
N GLY A 2 4.27 -11.28 -5.45
CA GLY A 2 3.61 -10.69 -4.29
C GLY A 2 4.24 -9.36 -3.90
N ARG A 3 4.01 -8.34 -4.73
CA ARG A 3 4.49 -6.97 -4.49
C ARG A 3 3.44 -6.15 -3.71
N LEU A 4 3.91 -5.42 -2.68
CA LEU A 4 3.07 -4.53 -1.86
C LEU A 4 3.44 -3.07 -2.15
N VAL A 5 2.41 -2.25 -2.46
CA VAL A 5 2.55 -0.80 -2.59
C VAL A 5 1.87 -0.12 -1.41
N VAL A 6 2.61 0.65 -0.63
CA VAL A 6 2.04 1.43 0.48
C VAL A 6 1.81 2.87 -0.03
N VAL A 7 0.57 3.21 -0.33
CA VAL A 7 0.20 4.53 -0.85
C VAL A 7 -0.10 5.47 0.33
N VAL A 8 0.65 6.58 0.38
CA VAL A 8 0.57 7.59 1.45
C VAL A 8 0.15 8.93 0.84
N THR A 9 -0.42 9.82 1.67
CA THR A 9 -0.82 11.18 1.24
C THR A 9 0.06 12.24 1.95
N SER A 10 1.19 11.78 2.51
CA SER A 10 2.18 12.64 3.20
C SER A 10 3.59 12.05 3.04
N GLU A 11 4.59 12.93 2.79
CA GLU A 11 6.02 12.54 2.72
C GLU A 11 6.54 12.14 4.12
N GLN A 12 5.90 12.71 5.15
CA GLN A 12 6.21 12.41 6.56
C GLN A 12 5.84 10.94 6.88
N LEU A 13 4.71 10.49 6.30
CA LEU A 13 4.28 9.09 6.38
C LEU A 13 5.11 8.20 5.41
N LYS A 14 5.51 8.78 4.26
CA LYS A 14 6.27 8.05 3.22
C LYS A 14 7.61 7.52 3.78
N GLU A 15 8.44 8.44 4.31
CA GLU A 15 9.78 8.13 4.84
C GLU A 15 9.70 7.20 6.07
N GLU A 16 8.57 7.26 6.80
CA GLU A 16 8.31 6.39 7.94
C GLU A 16 8.17 4.92 7.49
N VAL A 17 7.31 4.70 6.49
CA VAL A 17 7.07 3.36 5.91
C VAL A 17 8.37 2.78 5.31
N ARG A 18 9.11 3.63 4.55
CA ARG A 18 10.37 3.22 3.89
C ARG A 18 11.47 2.87 4.93
N LYS A 19 11.44 3.58 6.07
CA LYS A 19 12.35 3.31 7.22
C LYS A 19 12.12 1.87 7.73
N LYS A 20 10.85 1.57 8.03
CA LYS A 20 10.43 0.29 8.58
C LYS A 20 10.63 -0.85 7.56
N PHE A 21 10.32 -0.54 6.28
CA PHE A 21 10.31 -1.52 5.18
C PHE A 21 10.97 -0.91 3.92
N PRO A 22 12.31 -1.06 3.75
CA PRO A 22 12.98 -0.86 2.45
C PRO A 22 12.64 -2.00 1.45
N GLN A 23 11.94 -3.03 1.97
CA GLN A 23 11.51 -4.21 1.20
C GLN A 23 10.23 -3.95 0.36
N VAL A 24 9.39 -2.96 0.75
CA VAL A 24 8.15 -2.63 -0.01
C VAL A 24 8.30 -1.27 -0.73
N GLU A 25 7.59 -1.13 -1.86
CA GLU A 25 7.57 0.11 -2.66
C GLU A 25 6.43 1.03 -2.15
N VAL A 26 6.73 2.32 -2.02
CA VAL A 26 5.81 3.32 -1.43
C VAL A 26 5.50 4.43 -2.46
N ARG A 27 4.20 4.71 -2.68
CA ARG A 27 3.74 5.73 -3.64
C ARG A 27 3.05 6.89 -2.90
N LEU A 28 3.44 8.12 -3.25
CA LEU A 28 2.92 9.36 -2.67
C LEU A 28 1.72 9.89 -3.50
N VAL A 29 0.77 10.54 -2.81
CA VAL A 29 -0.37 11.24 -3.44
C VAL A 29 -0.40 12.70 -2.94
N THR A 30 0.01 13.62 -3.82
CA THR A 30 -0.04 15.09 -3.56
C THR A 30 -1.36 15.68 -4.10
N THR A 31 -1.73 15.24 -5.30
CA THR A 31 -2.96 15.64 -6.00
C THR A 31 -3.77 14.39 -6.36
N GLU A 32 -5.02 14.60 -6.85
CA GLU A 32 -5.82 13.52 -7.44
C GLU A 32 -5.16 13.05 -8.73
N GLU A 33 -4.53 13.99 -9.48
CA GLU A 33 -3.69 13.67 -10.66
C GLU A 33 -2.60 12.65 -10.31
N ASP A 34 -1.97 12.85 -9.13
CA ASP A 34 -0.87 11.99 -8.64
C ASP A 34 -1.43 10.62 -8.22
N ALA A 35 -2.65 10.63 -7.64
CA ALA A 35 -3.39 9.42 -7.30
C ALA A 35 -3.72 8.59 -8.56
N LYS A 36 -4.09 9.30 -9.65
CA LYS A 36 -4.45 8.68 -10.95
C LYS A 36 -3.22 7.99 -11.58
N GLN A 37 -2.04 8.64 -11.43
CA GLN A 37 -0.74 8.05 -11.85
C GLN A 37 -0.50 6.72 -11.11
N VAL A 38 -0.70 6.76 -9.77
CA VAL A 38 -0.53 5.59 -8.88
C VAL A 38 -1.50 4.45 -9.28
N ILE A 39 -2.78 4.79 -9.50
CA ILE A 39 -3.86 3.82 -9.81
C ILE A 39 -3.54 3.04 -11.10
N LYS A 40 -3.22 3.78 -12.18
CA LYS A 40 -2.90 3.19 -13.49
C LYS A 40 -1.59 2.37 -13.43
N GLU A 41 -0.64 2.83 -12.58
CA GLU A 41 0.67 2.18 -12.42
C GLU A 41 0.54 0.86 -11.62
N ILE A 42 -0.43 0.83 -10.69
CA ILE A 42 -0.79 -0.39 -9.92
C ILE A 42 -1.25 -1.49 -10.91
N GLN A 43 -2.11 -1.10 -11.86
CA GLN A 43 -2.65 -2.00 -12.88
C GLN A 43 -1.56 -2.43 -13.89
N LYS A 44 -0.72 -1.44 -14.27
CA LYS A 44 0.37 -1.61 -15.26
C LYS A 44 1.43 -2.60 -14.75
N LYS A 45 1.83 -2.44 -13.50
CA LYS A 45 2.84 -3.30 -12.84
C LYS A 45 2.22 -4.59 -12.29
N GLY A 46 0.88 -4.58 -12.15
CA GLY A 46 0.13 -5.76 -11.73
C GLY A 46 0.24 -6.06 -10.23
N VAL A 47 0.07 -5.01 -9.42
CA VAL A 47 0.08 -5.10 -7.96
C VAL A 47 -1.26 -5.67 -7.47
N GLN A 48 -1.20 -6.54 -6.44
CA GLN A 48 -2.37 -7.23 -5.89
C GLN A 48 -2.87 -6.49 -4.64
N LYS A 49 -1.93 -6.14 -3.76
CA LYS A 49 -2.20 -5.60 -2.42
C LYS A 49 -1.67 -4.15 -2.31
N VAL A 50 -2.50 -3.22 -1.80
CA VAL A 50 -2.06 -1.85 -1.47
C VAL A 50 -2.43 -1.50 -0.01
N VAL A 51 -1.54 -0.77 0.66
CA VAL A 51 -1.76 -0.23 2.00
C VAL A 51 -1.99 1.28 1.89
N LEU A 52 -3.24 1.72 1.99
CA LEU A 52 -3.58 3.15 1.92
C LEU A 52 -3.42 3.77 3.32
N VAL A 53 -2.22 4.34 3.57
CA VAL A 53 -1.88 5.02 4.83
C VAL A 53 -2.20 6.53 4.73
N GLY A 54 -3.09 6.99 5.62
CA GLY A 54 -3.41 8.42 5.76
C GLY A 54 -3.99 9.05 4.50
N VAL A 55 -4.86 8.29 3.79
CA VAL A 55 -5.53 8.78 2.57
C VAL A 55 -6.91 9.35 2.91
N SER A 56 -7.44 10.20 2.01
CA SER A 56 -8.77 10.80 2.17
C SER A 56 -9.84 9.79 1.68
N GLU A 57 -11.07 9.89 2.24
CA GLU A 57 -12.15 8.89 2.04
C GLU A 57 -12.62 8.78 0.56
N LYS A 58 -12.63 9.92 -0.16
CA LYS A 58 -12.99 9.99 -1.59
C LYS A 58 -11.95 9.21 -2.44
N LEU A 59 -10.67 9.45 -2.11
CA LEU A 59 -9.52 8.83 -2.82
C LEU A 59 -9.36 7.35 -2.42
N LEU A 60 -9.77 7.01 -1.19
CA LEU A 60 -9.74 5.63 -0.68
C LEU A 60 -10.56 4.70 -1.57
N GLN A 61 -11.84 5.10 -1.74
CA GLN A 61 -12.83 4.37 -2.53
C GLN A 61 -12.49 4.41 -4.02
N LYS A 62 -11.64 5.38 -4.42
CA LYS A 62 -11.24 5.57 -5.82
C LYS A 62 -10.10 4.60 -6.21
N ILE A 63 -9.08 4.44 -5.33
CA ILE A 63 -8.01 3.43 -5.54
C ILE A 63 -8.62 2.01 -5.49
N LYS A 64 -9.58 1.83 -4.54
CA LYS A 64 -10.38 0.59 -4.36
C LYS A 64 -11.02 0.14 -5.69
N GLN A 65 -11.88 1.01 -6.25
CA GLN A 65 -12.66 0.71 -7.47
C GLN A 65 -11.76 0.66 -8.73
N GLU A 66 -11.02 1.75 -8.97
CA GLU A 66 -10.30 1.96 -10.25
C GLU A 66 -9.11 1.00 -10.42
N ALA A 67 -8.32 0.78 -9.34
CA ALA A 67 -7.14 -0.11 -9.39
C ALA A 67 -7.54 -1.59 -9.14
N ASN A 68 -8.73 -1.78 -8.52
CA ASN A 68 -9.36 -3.12 -8.31
C ASN A 68 -8.50 -4.00 -7.38
N VAL A 69 -7.96 -3.40 -6.31
CA VAL A 69 -6.95 -4.05 -5.43
C VAL A 69 -7.41 -4.08 -3.97
N GLN A 70 -6.79 -4.97 -3.18
CA GLN A 70 -7.08 -5.14 -1.75
C GLN A 70 -6.53 -3.93 -0.99
N VAL A 71 -7.46 -3.15 -0.41
CA VAL A 71 -7.16 -1.89 0.28
C VAL A 71 -7.04 -2.12 1.79
N TYR A 72 -5.86 -1.83 2.34
CA TYR A 72 -5.60 -1.88 3.77
C TYR A 72 -5.43 -0.45 4.29
N ARG A 73 -6.48 0.09 4.93
CA ARG A 73 -6.47 1.48 5.44
C ARG A 73 -5.74 1.48 6.78
N VAL A 74 -4.52 2.03 6.81
CA VAL A 74 -3.65 2.02 7.99
C VAL A 74 -3.32 3.47 8.42
N THR A 75 -3.24 3.68 9.74
CA THR A 75 -2.84 4.96 10.36
C THR A 75 -1.74 4.74 11.42
N SER A 76 -1.48 3.47 11.78
CA SER A 76 -0.58 3.10 12.90
C SER A 76 0.44 2.04 12.46
N ASN A 77 1.61 2.01 13.12
CA ASN A 77 2.76 1.16 12.71
C ASN A 77 2.42 -0.35 12.71
N ASP A 78 1.61 -0.78 13.70
CA ASP A 78 1.28 -2.20 13.94
C ASP A 78 0.57 -2.82 12.72
N GLU A 79 -0.54 -2.19 12.29
CA GLU A 79 -1.41 -2.69 11.21
C GLU A 79 -0.63 -2.84 9.89
N LEU A 80 0.27 -1.88 9.63
CA LEU A 80 1.13 -1.84 8.43
C LEU A 80 2.06 -3.08 8.43
N GLU A 81 2.77 -3.26 9.57
CA GLU A 81 3.71 -4.38 9.78
C GLU A 81 2.99 -5.73 9.61
N GLN A 82 1.72 -5.78 10.07
CA GLN A 82 0.89 -6.97 10.00
C GLN A 82 0.55 -7.34 8.54
N VAL A 83 0.29 -6.31 7.71
CA VAL A 83 0.02 -6.50 6.26
C VAL A 83 1.30 -6.99 5.53
N VAL A 84 2.46 -6.37 5.83
CA VAL A 84 3.76 -6.71 5.19
C VAL A 84 4.15 -8.19 5.47
N LYS A 85 3.88 -8.63 6.71
CA LYS A 85 4.06 -10.04 7.13
C LYS A 85 3.11 -10.99 6.35
N ASP A 86 1.94 -10.46 5.94
CA ASP A 86 0.91 -11.22 5.21
C ASP A 86 1.24 -11.34 3.71
N VAL A 87 1.95 -10.33 3.17
CA VAL A 87 2.39 -10.32 1.76
C VAL A 87 3.49 -11.38 1.52
N LYS A 88 4.10 -11.87 2.62
CA LYS A 88 5.10 -12.94 2.57
C LYS A 88 4.44 -14.33 2.42
N GLY A 89 3.11 -14.40 2.62
CA GLY A 89 2.34 -15.63 2.43
C GLY A 89 0.94 -15.52 3.02
N SER A 90 0.84 -15.76 4.33
CA SER A 90 -0.40 -15.61 5.10
C SER A 90 -0.01 -15.29 6.57
N GLY A 91 0.09 -13.98 6.86
CA GLY A 91 0.58 -13.49 8.15
C GLY A 91 -0.55 -12.98 9.03
N LEU A 92 -1.57 -12.35 8.41
CA LEU A 92 -2.80 -11.93 9.10
C LEU A 92 -3.62 -13.17 9.46
N GLU A 93 -3.19 -13.89 10.51
CA GLU A 93 -3.84 -15.11 10.97
C GLU A 93 -5.06 -14.72 11.82
N HIS A 94 -6.14 -14.37 11.11
CA HIS A 94 -7.40 -13.92 11.69
C HIS A 94 -8.53 -14.69 10.98
N HIS A 95 -8.48 -16.02 11.11
CA HIS A 95 -9.45 -16.95 10.51
C HIS A 95 -10.67 -17.05 11.44
N HIS A 96 -11.50 -15.99 11.44
CA HIS A 96 -12.66 -15.86 12.35
C HIS A 96 -13.99 -15.96 11.57
N HIS A 97 -13.90 -15.83 10.22
CA HIS A 97 -15.09 -15.93 9.34
C HIS A 97 -15.67 -17.37 9.38
N HIS A 98 -14.77 -18.37 9.42
CA HIS A 98 -15.14 -19.77 9.64
C HIS A 98 -14.96 -20.11 11.13
N HIS A 99 -16.07 -20.49 11.78
CA HIS A 99 -16.12 -20.79 13.22
C HIS A 99 -17.18 -21.90 13.47
N MET A 1 0.66 -12.58 -3.78
CA MET A 1 0.46 -12.18 -5.20
C MET A 1 0.93 -10.72 -5.38
N GLY A 2 1.95 -10.52 -6.22
CA GLY A 2 2.44 -9.19 -6.57
C GLY A 2 3.17 -8.47 -5.43
N ARG A 3 3.47 -7.20 -5.68
CA ARG A 3 4.14 -6.29 -4.73
C ARG A 3 3.09 -5.65 -3.79
N LEU A 4 3.57 -5.05 -2.69
CA LEU A 4 2.73 -4.19 -1.84
C LEU A 4 3.05 -2.71 -2.14
N VAL A 5 1.99 -1.90 -2.35
CA VAL A 5 2.09 -0.44 -2.52
C VAL A 5 1.57 0.23 -1.26
N VAL A 6 2.44 0.97 -0.54
CA VAL A 6 2.04 1.74 0.64
C VAL A 6 1.87 3.21 0.23
N VAL A 7 0.62 3.61 0.05
CA VAL A 7 0.25 4.99 -0.27
C VAL A 7 0.14 5.80 1.02
N VAL A 8 0.82 6.94 1.05
CA VAL A 8 0.81 7.89 2.17
C VAL A 8 0.52 9.28 1.58
N THR A 9 -0.03 10.18 2.41
CA THR A 9 -0.23 11.60 2.04
C THR A 9 0.62 12.51 2.94
N SER A 10 1.56 11.90 3.68
CA SER A 10 2.51 12.60 4.55
C SER A 10 3.94 12.15 4.20
N GLU A 11 4.84 13.13 3.99
CA GLU A 11 6.29 12.88 3.75
C GLU A 11 6.93 12.19 4.98
N GLN A 12 6.42 12.54 6.18
CA GLN A 12 6.86 11.95 7.46
C GLN A 12 6.56 10.44 7.49
N LEU A 13 5.38 10.06 6.97
CA LEU A 13 4.96 8.65 6.90
C LEU A 13 5.60 7.93 5.69
N LYS A 14 6.02 8.71 4.68
CA LYS A 14 6.73 8.17 3.50
C LYS A 14 8.10 7.64 3.91
N GLU A 15 8.94 8.55 4.46
CA GLU A 15 10.29 8.23 4.93
C GLU A 15 10.25 7.16 6.03
N GLU A 16 9.14 7.13 6.80
CA GLU A 16 8.91 6.17 7.89
C GLU A 16 8.87 4.74 7.32
N VAL A 17 7.89 4.47 6.43
CA VAL A 17 7.67 3.14 5.86
C VAL A 17 8.86 2.69 4.98
N ARG A 18 9.52 3.64 4.28
CA ARG A 18 10.71 3.35 3.45
C ARG A 18 11.93 2.97 4.33
N LYS A 19 12.09 3.66 5.46
CA LYS A 19 13.20 3.43 6.41
C LYS A 19 13.09 2.05 7.05
N LYS A 20 11.84 1.64 7.32
CA LYS A 20 11.53 0.33 7.90
C LYS A 20 11.56 -0.77 6.82
N PHE A 21 11.02 -0.44 5.63
CA PHE A 21 10.83 -1.41 4.51
C PHE A 21 11.22 -0.73 3.18
N PRO A 22 12.52 -0.82 2.75
CA PRO A 22 12.95 -0.32 1.42
C PRO A 22 12.51 -1.27 0.28
N GLN A 23 11.94 -2.44 0.64
CA GLN A 23 11.53 -3.50 -0.31
C GLN A 23 10.05 -3.36 -0.74
N VAL A 24 9.32 -2.39 -0.15
CA VAL A 24 7.93 -2.07 -0.58
C VAL A 24 7.93 -0.74 -1.36
N GLU A 25 6.99 -0.62 -2.32
CA GLU A 25 6.84 0.58 -3.16
C GLU A 25 5.92 1.58 -2.48
N VAL A 26 6.51 2.62 -1.89
CA VAL A 26 5.78 3.68 -1.18
C VAL A 26 5.48 4.83 -2.18
N ARG A 27 4.21 5.28 -2.20
CA ARG A 27 3.75 6.34 -3.12
C ARG A 27 3.14 7.49 -2.31
N LEU A 28 3.80 8.65 -2.36
CA LEU A 28 3.33 9.87 -1.71
C LEU A 28 2.37 10.61 -2.64
N VAL A 29 1.07 10.56 -2.32
CA VAL A 29 0.03 11.24 -3.10
C VAL A 29 -0.08 12.68 -2.59
N THR A 30 0.34 13.61 -3.46
CA THR A 30 0.29 15.06 -3.22
C THR A 30 -0.91 15.68 -3.94
N THR A 31 -1.13 15.24 -5.19
CA THR A 31 -2.28 15.63 -6.02
C THR A 31 -3.10 14.38 -6.39
N GLU A 32 -4.30 14.60 -6.99
CA GLU A 32 -5.11 13.51 -7.56
C GLU A 32 -4.39 12.87 -8.76
N GLU A 33 -3.64 13.72 -9.50
CA GLU A 33 -2.82 13.27 -10.65
C GLU A 33 -1.71 12.31 -10.19
N ASP A 34 -1.20 12.54 -8.97
CA ASP A 34 -0.22 11.65 -8.34
C ASP A 34 -0.89 10.30 -8.04
N ALA A 35 -2.11 10.37 -7.46
CA ALA A 35 -2.92 9.17 -7.17
C ALA A 35 -3.21 8.36 -8.44
N LYS A 36 -3.42 9.06 -9.56
CA LYS A 36 -3.65 8.45 -10.89
C LYS A 36 -2.40 7.71 -11.39
N GLN A 37 -1.19 8.30 -11.14
CA GLN A 37 0.09 7.64 -11.46
C GLN A 37 0.22 6.32 -10.67
N VAL A 38 -0.25 6.33 -9.42
CA VAL A 38 -0.27 5.14 -8.55
C VAL A 38 -1.23 4.06 -9.15
N ILE A 39 -2.49 4.46 -9.45
CA ILE A 39 -3.57 3.55 -9.92
C ILE A 39 -3.18 2.84 -11.25
N LYS A 40 -2.67 3.63 -12.21
CA LYS A 40 -2.26 3.13 -13.55
C LYS A 40 -1.10 2.11 -13.43
N GLU A 41 -0.15 2.41 -12.54
CA GLU A 41 1.05 1.59 -12.30
C GLU A 41 0.65 0.28 -11.57
N ILE A 42 -0.35 0.40 -10.67
CA ILE A 42 -0.94 -0.74 -9.94
C ILE A 42 -1.52 -1.76 -10.92
N GLN A 43 -2.30 -1.27 -11.90
CA GLN A 43 -2.98 -2.11 -12.92
C GLN A 43 -1.96 -2.78 -13.86
N LYS A 44 -0.93 -2.00 -14.23
CA LYS A 44 0.12 -2.45 -15.17
C LYS A 44 0.97 -3.58 -14.55
N LYS A 45 1.38 -3.40 -13.28
CA LYS A 45 2.28 -4.35 -12.59
C LYS A 45 1.49 -5.46 -11.89
N GLY A 46 0.17 -5.24 -11.73
CA GLY A 46 -0.77 -6.27 -11.27
C GLY A 46 -0.77 -6.45 -9.76
N VAL A 47 -0.82 -5.32 -9.05
CA VAL A 47 -0.71 -5.29 -7.57
C VAL A 47 -2.02 -5.82 -6.94
N GLN A 48 -1.89 -6.63 -5.89
CA GLN A 48 -3.04 -7.28 -5.24
C GLN A 48 -3.52 -6.44 -4.05
N LYS A 49 -2.56 -6.07 -3.16
CA LYS A 49 -2.86 -5.31 -1.93
C LYS A 49 -2.23 -3.93 -1.99
N VAL A 50 -2.99 -2.91 -1.58
CA VAL A 50 -2.53 -1.52 -1.47
C VAL A 50 -2.91 -0.99 -0.07
N VAL A 51 -1.90 -0.56 0.69
CA VAL A 51 -2.06 0.05 2.01
C VAL A 51 -2.29 1.56 1.85
N LEU A 52 -3.51 2.03 2.14
CA LEU A 52 -3.84 3.46 2.08
C LEU A 52 -3.77 4.07 3.50
N VAL A 53 -2.60 4.65 3.83
CA VAL A 53 -2.35 5.28 5.13
C VAL A 53 -2.78 6.76 5.08
N GLY A 54 -3.81 7.10 5.88
CA GLY A 54 -4.26 8.48 6.08
C GLY A 54 -4.73 9.18 4.81
N VAL A 55 -5.60 8.51 4.04
CA VAL A 55 -6.16 9.07 2.78
C VAL A 55 -7.65 9.44 2.98
N SER A 56 -8.18 10.26 2.06
CA SER A 56 -9.62 10.55 1.99
C SER A 56 -10.34 9.36 1.34
N GLU A 57 -11.60 9.10 1.77
CA GLU A 57 -12.44 8.02 1.18
C GLU A 57 -12.83 8.34 -0.28
N LYS A 58 -12.72 9.64 -0.65
CA LYS A 58 -12.81 10.14 -2.04
C LYS A 58 -11.82 9.40 -2.95
N LEU A 59 -10.58 9.23 -2.45
CA LEU A 59 -9.53 8.50 -3.15
C LEU A 59 -9.62 6.99 -2.85
N LEU A 60 -9.95 6.62 -1.60
CA LEU A 60 -9.91 5.23 -1.11
C LEU A 60 -10.80 4.29 -1.94
N GLN A 61 -12.09 4.65 -2.04
CA GLN A 61 -13.10 3.89 -2.80
C GLN A 61 -12.75 3.85 -4.30
N LYS A 62 -12.03 4.88 -4.77
CA LYS A 62 -11.64 5.01 -6.18
C LYS A 62 -10.46 4.07 -6.50
N ILE A 63 -9.41 4.06 -5.66
CA ILE A 63 -8.28 3.11 -5.80
C ILE A 63 -8.81 1.66 -5.76
N LYS A 64 -9.80 1.43 -4.86
CA LYS A 64 -10.48 0.13 -4.69
C LYS A 64 -11.09 -0.33 -6.04
N GLN A 65 -11.93 0.54 -6.63
CA GLN A 65 -12.70 0.22 -7.87
C GLN A 65 -11.79 0.21 -9.11
N GLU A 66 -11.15 1.35 -9.40
CA GLU A 66 -10.36 1.56 -10.63
C GLU A 66 -9.20 0.56 -10.75
N ALA A 67 -8.44 0.39 -9.65
CA ALA A 67 -7.25 -0.47 -9.63
C ALA A 67 -7.62 -1.93 -9.35
N ASN A 68 -8.82 -2.16 -8.77
CA ASN A 68 -9.35 -3.50 -8.40
C ASN A 68 -8.37 -4.20 -7.45
N VAL A 69 -8.25 -3.64 -6.24
CA VAL A 69 -7.27 -4.08 -5.21
C VAL A 69 -7.92 -4.21 -3.84
N GLN A 70 -7.30 -5.05 -3.01
CA GLN A 70 -7.62 -5.20 -1.59
C GLN A 70 -6.98 -4.03 -0.82
N VAL A 71 -7.84 -3.18 -0.27
CA VAL A 71 -7.46 -1.93 0.39
C VAL A 71 -7.33 -2.18 1.90
N TYR A 72 -6.21 -1.73 2.47
CA TYR A 72 -5.97 -1.74 3.92
C TYR A 72 -5.71 -0.29 4.35
N ARG A 73 -6.73 0.34 4.94
CA ARG A 73 -6.62 1.70 5.46
C ARG A 73 -6.01 1.64 6.85
N VAL A 74 -4.78 2.10 6.97
CA VAL A 74 -3.97 1.97 8.18
C VAL A 74 -3.89 3.31 8.95
N THR A 75 -4.14 3.23 10.27
CA THR A 75 -4.04 4.36 11.21
C THR A 75 -2.90 4.12 12.24
N SER A 76 -2.31 2.92 12.23
CA SER A 76 -1.29 2.51 13.22
C SER A 76 -0.22 1.63 12.56
N ASN A 77 1.06 1.81 12.99
CA ASN A 77 2.23 1.06 12.47
C ASN A 77 2.02 -0.46 12.56
N ASP A 78 1.22 -0.88 13.57
CA ASP A 78 0.82 -2.29 13.80
C ASP A 78 0.24 -2.89 12.50
N GLU A 79 -0.81 -2.22 11.99
CA GLU A 79 -1.60 -2.66 10.82
C GLU A 79 -0.78 -2.59 9.53
N LEU A 80 0.02 -1.51 9.40
CA LEU A 80 0.96 -1.31 8.26
C LEU A 80 1.84 -2.55 8.12
N GLU A 81 2.50 -2.90 9.24
CA GLU A 81 3.46 -3.99 9.31
C GLU A 81 2.78 -5.36 9.17
N GLN A 82 1.49 -5.47 9.57
CA GLN A 82 0.72 -6.73 9.39
C GLN A 82 0.57 -7.07 7.91
N VAL A 83 0.24 -6.04 7.10
CA VAL A 83 0.04 -6.20 5.65
C VAL A 83 1.38 -6.40 4.94
N VAL A 84 2.45 -5.72 5.43
CA VAL A 84 3.80 -5.85 4.85
C VAL A 84 4.32 -7.28 5.07
N LYS A 85 4.32 -7.73 6.34
CA LYS A 85 4.71 -9.11 6.74
C LYS A 85 3.93 -10.16 5.94
N ASP A 86 2.62 -9.88 5.75
CA ASP A 86 1.69 -10.73 4.99
C ASP A 86 2.18 -10.94 3.55
N VAL A 87 2.48 -9.82 2.87
CA VAL A 87 2.95 -9.82 1.47
C VAL A 87 4.38 -10.43 1.37
N LYS A 88 5.16 -10.33 2.46
CA LYS A 88 6.49 -10.95 2.57
C LYS A 88 6.37 -12.48 2.80
N GLY A 89 5.25 -12.92 3.41
CA GLY A 89 5.04 -14.31 3.80
C GLY A 89 4.99 -14.46 5.32
N SER A 90 3.86 -14.94 5.84
CA SER A 90 3.60 -15.11 7.29
C SER A 90 2.71 -16.33 7.53
N GLY A 91 2.92 -17.00 8.67
CA GLY A 91 2.06 -18.08 9.12
C GLY A 91 0.80 -17.54 9.78
N LEU A 92 -0.19 -17.17 8.94
CA LEU A 92 -1.50 -16.67 9.40
C LEU A 92 -2.29 -17.79 10.09
N GLU A 93 -3.23 -17.39 10.95
CA GLU A 93 -4.13 -18.32 11.67
C GLU A 93 -5.13 -19.00 10.71
N HIS A 94 -5.93 -19.92 11.24
CA HIS A 94 -6.71 -20.87 10.45
C HIS A 94 -7.90 -20.18 9.75
N HIS A 95 -7.74 -19.95 8.43
CA HIS A 95 -8.72 -19.24 7.59
C HIS A 95 -9.03 -20.01 6.31
N HIS A 96 -8.44 -21.21 6.15
CA HIS A 96 -8.56 -22.02 4.92
C HIS A 96 -9.99 -22.55 4.77
N HIS A 97 -10.85 -21.72 4.16
CA HIS A 97 -12.27 -22.02 3.91
C HIS A 97 -12.84 -21.10 2.82
N HIS A 98 -11.95 -20.39 2.10
CA HIS A 98 -12.33 -19.53 0.97
C HIS A 98 -12.41 -20.40 -0.30
N HIS A 99 -13.63 -20.64 -0.79
CA HIS A 99 -13.86 -21.46 -2.00
C HIS A 99 -13.53 -20.62 -3.26
N MET A 1 6.59 -12.47 -6.38
CA MET A 1 5.77 -12.12 -5.20
C MET A 1 4.66 -11.12 -5.60
N GLY A 2 3.51 -11.19 -4.92
CA GLY A 2 2.49 -10.16 -4.99
C GLY A 2 2.95 -8.91 -4.27
N ARG A 3 3.56 -7.98 -5.04
CA ARG A 3 4.20 -6.75 -4.52
C ARG A 3 3.21 -5.89 -3.70
N LEU A 4 3.75 -5.23 -2.68
CA LEU A 4 2.96 -4.36 -1.80
C LEU A 4 3.27 -2.90 -2.13
N VAL A 5 2.29 -2.20 -2.72
CA VAL A 5 2.38 -0.76 -3.01
C VAL A 5 1.64 0.00 -1.91
N VAL A 6 2.41 0.67 -1.05
CA VAL A 6 1.89 1.42 0.10
C VAL A 6 1.70 2.89 -0.30
N VAL A 7 0.46 3.28 -0.59
CA VAL A 7 0.13 4.66 -0.96
C VAL A 7 -0.10 5.50 0.31
N VAL A 8 0.71 6.55 0.48
CA VAL A 8 0.65 7.45 1.64
C VAL A 8 0.28 8.86 1.17
N THR A 9 -0.32 9.64 2.07
CA THR A 9 -0.70 11.04 1.81
C THR A 9 0.31 12.05 2.40
N SER A 10 1.38 11.53 3.04
CA SER A 10 2.45 12.37 3.64
C SER A 10 3.82 11.75 3.35
N GLU A 11 4.78 12.60 2.93
CA GLU A 11 6.17 12.19 2.63
C GLU A 11 6.88 11.73 3.91
N GLN A 12 6.40 12.23 5.05
CA GLN A 12 6.85 11.81 6.39
C GLN A 12 6.58 10.30 6.57
N LEU A 13 5.41 9.86 6.04
CA LEU A 13 5.00 8.44 6.04
C LEU A 13 5.69 7.65 4.92
N LYS A 14 6.03 8.32 3.80
CA LYS A 14 6.77 7.69 2.69
C LYS A 14 8.15 7.22 3.16
N GLU A 15 8.91 8.18 3.72
CA GLU A 15 10.24 7.95 4.26
C GLU A 15 10.19 7.01 5.46
N GLU A 16 9.07 7.03 6.22
CA GLU A 16 8.88 6.18 7.39
C GLU A 16 8.80 4.71 6.98
N VAL A 17 7.78 4.38 6.18
CA VAL A 17 7.48 2.99 5.75
C VAL A 17 8.66 2.36 4.96
N ARG A 18 9.40 3.18 4.19
CA ARG A 18 10.59 2.68 3.45
C ARG A 18 11.84 2.59 4.36
N LYS A 19 11.91 3.39 5.43
CA LYS A 19 13.00 3.28 6.44
C LYS A 19 12.87 1.96 7.21
N LYS A 20 11.62 1.65 7.57
CA LYS A 20 11.26 0.43 8.31
C LYS A 20 11.35 -0.80 7.38
N PHE A 21 10.81 -0.63 6.15
CA PHE A 21 10.71 -1.70 5.15
C PHE A 21 11.14 -1.14 3.77
N PRO A 22 12.45 -1.23 3.40
CA PRO A 22 12.93 -0.82 2.05
C PRO A 22 12.48 -1.79 0.92
N GLN A 23 11.83 -2.89 1.36
CA GLN A 23 11.31 -3.95 0.51
C GLN A 23 9.94 -3.61 -0.11
N VAL A 24 9.20 -2.65 0.49
CA VAL A 24 7.86 -2.25 0.00
C VAL A 24 7.95 -0.92 -0.76
N GLU A 25 7.19 -0.81 -1.85
CA GLU A 25 7.23 0.33 -2.76
C GLU A 25 6.13 1.34 -2.38
N VAL A 26 6.56 2.43 -1.73
CA VAL A 26 5.66 3.43 -1.14
C VAL A 26 5.52 4.64 -2.08
N ARG A 27 4.28 4.90 -2.51
CA ARG A 27 3.96 6.00 -3.43
C ARG A 27 3.33 7.17 -2.66
N LEU A 28 3.88 8.37 -2.87
CA LEU A 28 3.44 9.60 -2.18
C LEU A 28 2.34 10.33 -2.98
N VAL A 29 1.32 10.81 -2.25
CA VAL A 29 0.25 11.65 -2.80
C VAL A 29 0.26 13.00 -2.05
N THR A 30 0.79 14.05 -2.70
CA THR A 30 0.69 15.44 -2.21
C THR A 30 -0.42 16.17 -2.98
N THR A 31 -0.59 15.75 -4.24
CA THR A 31 -1.68 16.20 -5.12
C THR A 31 -2.45 14.95 -5.57
N GLU A 32 -3.77 15.06 -5.80
CA GLU A 32 -4.61 13.92 -6.22
C GLU A 32 -4.13 13.33 -7.56
N GLU A 33 -3.49 14.19 -8.39
CA GLU A 33 -2.88 13.78 -9.67
C GLU A 33 -1.84 12.67 -9.46
N ASP A 34 -1.09 12.75 -8.33
CA ASP A 34 -0.14 11.69 -7.91
C ASP A 34 -0.89 10.36 -7.76
N ALA A 35 -1.99 10.39 -6.99
CA ALA A 35 -2.84 9.21 -6.69
C ALA A 35 -3.34 8.54 -7.98
N LYS A 36 -3.74 9.39 -8.95
CA LYS A 36 -4.25 8.95 -10.26
C LYS A 36 -3.18 8.21 -11.09
N GLN A 37 -1.95 8.76 -11.08
CA GLN A 37 -0.78 8.17 -11.78
C GLN A 37 -0.36 6.84 -11.14
N VAL A 38 -0.55 6.75 -9.80
CA VAL A 38 -0.30 5.53 -9.02
C VAL A 38 -1.34 4.44 -9.41
N ILE A 39 -2.62 4.84 -9.58
CA ILE A 39 -3.69 3.92 -10.01
C ILE A 39 -3.32 3.24 -11.35
N LYS A 40 -2.81 4.05 -12.31
CA LYS A 40 -2.38 3.57 -13.64
C LYS A 40 -1.24 2.53 -13.51
N GLU A 41 -0.34 2.79 -12.54
CA GLU A 41 0.81 1.92 -12.24
C GLU A 41 0.35 0.57 -11.68
N ILE A 42 -0.59 0.63 -10.72
CA ILE A 42 -1.16 -0.55 -10.07
C ILE A 42 -1.86 -1.46 -11.12
N GLN A 43 -2.47 -0.83 -12.12
CA GLN A 43 -3.13 -1.52 -13.25
C GLN A 43 -2.09 -2.16 -14.19
N LYS A 44 -1.02 -1.39 -14.50
CA LYS A 44 0.00 -1.79 -15.48
C LYS A 44 0.82 -3.00 -14.96
N LYS A 45 1.32 -2.90 -13.71
CA LYS A 45 2.12 -3.97 -13.08
C LYS A 45 1.26 -5.15 -12.65
N GLY A 46 -0.05 -4.90 -12.45
CA GLY A 46 -0.97 -5.92 -11.96
C GLY A 46 -0.72 -6.24 -10.51
N VAL A 47 -0.63 -5.18 -9.68
CA VAL A 47 -0.35 -5.29 -8.24
C VAL A 47 -1.53 -5.97 -7.53
N GLN A 48 -1.26 -6.92 -6.64
CA GLN A 48 -2.29 -7.69 -5.94
C GLN A 48 -2.86 -6.87 -4.76
N LYS A 49 -1.96 -6.49 -3.83
CA LYS A 49 -2.33 -5.83 -2.57
C LYS A 49 -1.74 -4.41 -2.51
N VAL A 50 -2.59 -3.43 -2.20
CA VAL A 50 -2.21 -2.01 -2.05
C VAL A 50 -2.68 -1.50 -0.68
N VAL A 51 -1.75 -0.86 0.07
CA VAL A 51 -2.01 -0.33 1.41
C VAL A 51 -2.19 1.20 1.37
N LEU A 52 -3.43 1.63 1.51
CA LEU A 52 -3.80 3.05 1.51
C LEU A 52 -3.73 3.62 2.94
N VAL A 53 -2.59 4.25 3.26
CA VAL A 53 -2.30 4.83 4.58
C VAL A 53 -2.73 6.32 4.65
N GLY A 54 -3.62 6.62 5.61
CA GLY A 54 -4.01 7.99 5.95
C GLY A 54 -4.83 8.68 4.86
N VAL A 55 -5.54 7.88 4.05
CA VAL A 55 -6.35 8.39 2.94
C VAL A 55 -7.80 8.62 3.39
N SER A 56 -8.45 9.62 2.78
CA SER A 56 -9.89 9.82 2.94
C SER A 56 -10.64 8.76 2.13
N GLU A 57 -11.94 8.54 2.43
CA GLU A 57 -12.78 7.54 1.73
C GLU A 57 -13.06 7.96 0.26
N LYS A 58 -12.91 9.27 -0.01
CA LYS A 58 -12.93 9.82 -1.39
C LYS A 58 -11.76 9.25 -2.22
N LEU A 59 -10.62 9.03 -1.55
CA LEU A 59 -9.41 8.45 -2.15
C LEU A 59 -9.43 6.92 -2.07
N LEU A 60 -9.98 6.38 -0.96
CA LEU A 60 -9.95 4.94 -0.67
C LEU A 60 -10.77 4.16 -1.70
N GLN A 61 -12.09 4.45 -1.73
CA GLN A 61 -13.08 3.73 -2.53
C GLN A 61 -12.85 3.95 -4.03
N LYS A 62 -12.18 5.08 -4.34
CA LYS A 62 -11.87 5.48 -5.72
C LYS A 62 -10.63 4.74 -6.25
N ILE A 63 -9.51 4.78 -5.49
CA ILE A 63 -8.28 4.05 -5.85
C ILE A 63 -8.58 2.53 -5.95
N LYS A 64 -9.46 2.02 -5.05
CA LYS A 64 -9.78 0.58 -5.00
C LYS A 64 -10.69 0.20 -6.20
N GLN A 65 -11.67 1.08 -6.57
CA GLN A 65 -12.62 0.80 -7.69
C GLN A 65 -11.90 0.88 -9.04
N GLU A 66 -10.90 1.76 -9.15
CA GLU A 66 -10.17 2.02 -10.39
C GLU A 66 -9.04 1.01 -10.59
N ALA A 67 -8.28 0.74 -9.52
CA ALA A 67 -7.16 -0.22 -9.55
C ALA A 67 -7.65 -1.69 -9.46
N ASN A 68 -8.85 -1.90 -8.89
CA ASN A 68 -9.53 -3.24 -8.80
C ASN A 68 -8.76 -4.21 -7.87
N VAL A 69 -8.10 -3.68 -6.82
CA VAL A 69 -7.14 -4.47 -5.99
C VAL A 69 -7.60 -4.64 -4.54
N GLN A 70 -6.87 -5.51 -3.81
CA GLN A 70 -7.12 -5.82 -2.40
C GLN A 70 -6.97 -4.55 -1.53
N VAL A 71 -7.99 -4.27 -0.70
CA VAL A 71 -8.12 -2.99 0.04
C VAL A 71 -7.57 -3.13 1.45
N TYR A 72 -6.43 -2.49 1.74
CA TYR A 72 -5.88 -2.38 3.10
C TYR A 72 -5.79 -0.89 3.47
N ARG A 73 -6.75 -0.40 4.24
CA ARG A 73 -6.73 0.97 4.75
C ARG A 73 -6.04 0.96 6.12
N VAL A 74 -4.89 1.62 6.18
CA VAL A 74 -4.12 1.78 7.42
C VAL A 74 -4.26 3.22 7.91
N THR A 75 -4.57 3.38 9.20
CA THR A 75 -4.66 4.68 9.88
C THR A 75 -3.75 4.72 11.14
N SER A 76 -2.90 3.69 11.29
CA SER A 76 -1.93 3.56 12.40
C SER A 76 -0.71 2.74 11.95
N ASN A 77 0.50 3.14 12.41
CA ASN A 77 1.79 2.50 12.03
C ASN A 77 1.80 1.01 12.37
N ASP A 78 1.14 0.65 13.52
CA ASP A 78 0.98 -0.74 13.98
C ASP A 78 0.34 -1.62 12.90
N GLU A 79 -0.73 -1.08 12.28
CA GLU A 79 -1.51 -1.77 11.24
C GLU A 79 -0.63 -2.04 10.01
N LEU A 80 0.13 -0.99 9.60
CA LEU A 80 1.04 -1.03 8.45
C LEU A 80 2.06 -2.18 8.62
N GLU A 81 2.71 -2.21 9.80
CA GLU A 81 3.79 -3.17 10.11
C GLU A 81 3.29 -4.62 10.01
N GLN A 82 2.13 -4.89 10.64
CA GLN A 82 1.57 -6.26 10.71
C GLN A 82 1.10 -6.74 9.33
N VAL A 83 0.60 -5.80 8.50
CA VAL A 83 0.20 -6.09 7.11
C VAL A 83 1.45 -6.49 6.29
N VAL A 84 2.54 -5.68 6.38
CA VAL A 84 3.79 -5.91 5.62
C VAL A 84 4.42 -7.28 6.00
N LYS A 85 4.46 -7.55 7.31
CA LYS A 85 5.02 -8.81 7.87
C LYS A 85 4.22 -10.03 7.38
N ASP A 86 2.90 -9.85 7.26
CA ASP A 86 1.98 -10.89 6.74
C ASP A 86 2.20 -11.10 5.22
N VAL A 87 2.47 -10.00 4.48
CA VAL A 87 2.76 -10.03 3.03
C VAL A 87 4.10 -10.75 2.77
N LYS A 88 5.06 -10.56 3.70
CA LYS A 88 6.37 -11.21 3.64
C LYS A 88 6.38 -12.54 4.41
N GLY A 89 5.18 -13.00 4.80
CA GLY A 89 4.99 -14.34 5.38
C GLY A 89 4.85 -15.40 4.30
N SER A 90 5.90 -15.54 3.48
CA SER A 90 5.92 -16.44 2.31
C SER A 90 6.63 -17.78 2.63
N GLY A 91 7.24 -17.88 3.82
CA GLY A 91 7.84 -19.12 4.32
C GLY A 91 9.19 -19.47 3.69
N LEU A 92 9.78 -18.53 2.93
CA LEU A 92 11.04 -18.75 2.22
C LEU A 92 12.21 -18.82 3.22
N GLU A 93 12.88 -19.99 3.29
CA GLU A 93 13.91 -20.27 4.32
C GLU A 93 15.02 -21.22 3.78
N HIS A 94 16.25 -20.99 4.28
CA HIS A 94 17.42 -21.89 4.06
C HIS A 94 18.43 -21.69 5.22
N HIS A 95 17.93 -21.14 6.35
CA HIS A 95 18.78 -20.67 7.47
C HIS A 95 17.90 -20.53 8.74
N HIS A 96 17.03 -21.53 8.98
CA HIS A 96 16.16 -21.54 10.18
C HIS A 96 16.95 -21.96 11.43
N HIS A 97 16.51 -21.45 12.58
CA HIS A 97 17.11 -21.74 13.91
C HIS A 97 16.00 -22.30 14.83
N HIS A 98 15.13 -23.13 14.23
CA HIS A 98 13.93 -23.73 14.86
C HIS A 98 12.81 -22.68 15.09
N HIS A 99 11.56 -23.09 14.78
CA HIS A 99 10.35 -22.28 14.95
C HIS A 99 9.33 -23.08 15.79
N MET A 1 4.75 -15.00 -5.92
CA MET A 1 5.27 -13.62 -5.92
C MET A 1 4.13 -12.64 -5.62
N GLY A 2 4.44 -11.53 -4.94
CA GLY A 2 3.44 -10.54 -4.57
C GLY A 2 4.06 -9.20 -4.21
N ARG A 3 3.94 -8.21 -5.09
CA ARG A 3 4.36 -6.82 -4.82
C ARG A 3 3.33 -6.15 -3.90
N LEU A 4 3.81 -5.60 -2.77
CA LEU A 4 3.00 -4.81 -1.85
C LEU A 4 3.38 -3.34 -2.03
N VAL A 5 2.40 -2.52 -2.45
CA VAL A 5 2.59 -1.07 -2.66
C VAL A 5 1.77 -0.31 -1.61
N VAL A 6 2.46 0.54 -0.84
CA VAL A 6 1.85 1.42 0.15
C VAL A 6 1.66 2.80 -0.49
N VAL A 7 0.55 3.47 -0.18
CA VAL A 7 0.23 4.80 -0.71
C VAL A 7 -0.05 5.73 0.47
N VAL A 8 0.64 6.87 0.51
CA VAL A 8 0.53 7.87 1.58
C VAL A 8 0.21 9.22 0.94
N THR A 9 -0.21 10.22 1.75
CA THR A 9 -0.44 11.59 1.25
C THR A 9 0.54 12.60 1.90
N SER A 10 1.55 12.09 2.64
CA SER A 10 2.55 12.92 3.33
C SER A 10 3.92 12.22 3.35
N GLU A 11 4.99 13.01 3.10
CA GLU A 11 6.39 12.50 3.04
C GLU A 11 6.82 11.86 4.37
N GLN A 12 6.32 12.44 5.48
CA GLN A 12 6.56 11.93 6.85
C GLN A 12 6.21 10.43 6.96
N LEU A 13 5.05 10.08 6.37
CA LEU A 13 4.54 8.70 6.33
C LEU A 13 5.34 7.84 5.34
N LYS A 14 5.68 8.43 4.17
CA LYS A 14 6.38 7.71 3.07
C LYS A 14 7.73 7.14 3.54
N GLU A 15 8.60 8.05 4.02
CA GLU A 15 9.96 7.71 4.44
C GLU A 15 9.97 6.84 5.70
N GLU A 16 8.86 6.87 6.47
CA GLU A 16 8.67 6.02 7.66
C GLU A 16 8.42 4.55 7.27
N VAL A 17 7.47 4.34 6.34
CA VAL A 17 7.14 2.99 5.82
C VAL A 17 8.38 2.35 5.15
N ARG A 18 9.16 3.18 4.41
CA ARG A 18 10.40 2.72 3.75
C ARG A 18 11.59 2.60 4.74
N LYS A 19 11.52 3.35 5.86
CA LYS A 19 12.51 3.25 6.97
C LYS A 19 12.43 1.86 7.61
N LYS A 20 11.19 1.43 7.90
CA LYS A 20 10.91 0.09 8.40
C LYS A 20 11.15 -0.97 7.30
N PHE A 21 10.65 -0.69 6.07
CA PHE A 21 10.56 -1.69 4.98
C PHE A 21 10.99 -1.08 3.62
N PRO A 22 12.30 -1.21 3.24
CA PRO A 22 12.77 -0.83 1.88
C PRO A 22 12.36 -1.85 0.79
N GLN A 23 11.75 -2.98 1.21
CA GLN A 23 11.30 -4.06 0.28
C GLN A 23 9.94 -3.73 -0.34
N VAL A 24 9.15 -2.85 0.30
CA VAL A 24 7.84 -2.40 -0.23
C VAL A 24 8.00 -1.03 -0.92
N GLU A 25 7.23 -0.81 -2.01
CA GLU A 25 7.27 0.44 -2.79
C GLU A 25 6.14 1.38 -2.34
N VAL A 26 6.50 2.62 -1.98
CA VAL A 26 5.53 3.59 -1.42
C VAL A 26 5.39 4.81 -2.34
N ARG A 27 4.18 5.01 -2.88
CA ARG A 27 3.84 6.16 -3.72
C ARG A 27 3.23 7.28 -2.86
N LEU A 28 3.68 8.52 -3.12
CA LEU A 28 3.22 9.72 -2.42
C LEU A 28 2.20 10.48 -3.28
N VAL A 29 0.97 10.61 -2.77
CA VAL A 29 -0.08 11.44 -3.38
C VAL A 29 0.01 12.87 -2.81
N THR A 30 0.54 13.79 -3.63
CA THR A 30 0.60 15.21 -3.32
C THR A 30 -0.70 15.90 -3.78
N THR A 31 -1.12 15.53 -4.99
CA THR A 31 -2.23 16.16 -5.71
C THR A 31 -3.27 15.09 -6.15
N GLU A 32 -4.41 15.54 -6.69
CA GLU A 32 -5.55 14.67 -7.04
C GLU A 32 -5.24 13.69 -8.20
N GLU A 33 -4.73 14.26 -9.32
CA GLU A 33 -4.31 13.47 -10.51
C GLU A 33 -3.19 12.50 -10.16
N ASP A 34 -2.34 12.89 -9.19
CA ASP A 34 -1.20 12.08 -8.71
C ASP A 34 -1.71 10.74 -8.13
N ALA A 35 -2.86 10.78 -7.43
CA ALA A 35 -3.55 9.57 -6.92
C ALA A 35 -4.01 8.64 -8.06
N LYS A 36 -4.49 9.27 -9.15
CA LYS A 36 -4.92 8.55 -10.37
C LYS A 36 -3.71 7.90 -11.07
N GLN A 37 -2.56 8.57 -11.00
CA GLN A 37 -1.28 8.08 -11.56
C GLN A 37 -0.73 6.91 -10.71
N VAL A 38 -1.05 6.91 -9.40
CA VAL A 38 -0.76 5.77 -8.49
C VAL A 38 -1.62 4.55 -8.88
N ILE A 39 -2.89 4.79 -9.29
CA ILE A 39 -3.78 3.72 -9.85
C ILE A 39 -3.13 3.08 -11.10
N LYS A 40 -2.55 3.93 -11.97
CA LYS A 40 -1.83 3.49 -13.19
C LYS A 40 -0.61 2.64 -12.81
N GLU A 41 0.04 3.02 -11.70
CA GLU A 41 1.23 2.33 -11.15
C GLU A 41 0.86 0.91 -10.67
N ILE A 42 -0.31 0.81 -10.01
CA ILE A 42 -0.88 -0.45 -9.50
C ILE A 42 -1.13 -1.44 -10.66
N GLN A 43 -1.75 -0.91 -11.73
CA GLN A 43 -2.11 -1.70 -12.93
C GLN A 43 -0.85 -2.19 -13.68
N LYS A 44 0.18 -1.31 -13.78
CA LYS A 44 1.46 -1.62 -14.47
C LYS A 44 2.29 -2.67 -13.70
N LYS A 45 2.35 -2.55 -12.37
CA LYS A 45 3.07 -3.53 -11.51
C LYS A 45 2.24 -4.82 -11.34
N GLY A 46 0.92 -4.73 -11.57
CA GLY A 46 0.00 -5.85 -11.33
C GLY A 46 -0.07 -6.18 -9.85
N VAL A 47 -0.23 -5.12 -9.04
CA VAL A 47 -0.14 -5.20 -7.57
C VAL A 47 -1.35 -5.97 -7.01
N GLN A 48 -1.06 -6.88 -6.09
CA GLN A 48 -2.07 -7.74 -5.48
C GLN A 48 -2.79 -6.96 -4.38
N LYS A 49 -1.99 -6.37 -3.46
CA LYS A 49 -2.49 -5.64 -2.29
C LYS A 49 -1.86 -4.24 -2.20
N VAL A 50 -2.71 -3.23 -1.95
CA VAL A 50 -2.26 -1.86 -1.68
C VAL A 50 -2.62 -1.48 -0.23
N VAL A 51 -1.76 -0.66 0.40
CA VAL A 51 -1.94 -0.21 1.78
C VAL A 51 -2.10 1.32 1.77
N LEU A 52 -3.34 1.78 1.87
CA LEU A 52 -3.67 3.20 1.82
C LEU A 52 -3.57 3.82 3.23
N VAL A 53 -2.39 4.38 3.52
CA VAL A 53 -2.06 5.00 4.83
C VAL A 53 -2.35 6.51 4.80
N GLY A 54 -3.26 6.94 5.70
CA GLY A 54 -3.57 8.36 5.92
C GLY A 54 -4.10 9.10 4.69
N VAL A 55 -4.72 8.36 3.76
CA VAL A 55 -5.29 8.94 2.51
C VAL A 55 -6.73 9.41 2.78
N SER A 56 -7.23 10.33 1.93
CA SER A 56 -8.62 10.79 1.99
C SER A 56 -9.56 9.63 1.60
N GLU A 57 -10.72 9.55 2.29
CA GLU A 57 -11.65 8.43 2.17
C GLU A 57 -12.27 8.34 0.75
N LYS A 58 -12.43 9.50 0.10
CA LYS A 58 -12.97 9.59 -1.26
C LYS A 58 -11.98 9.01 -2.31
N LEU A 59 -10.66 9.29 -2.13
CA LEU A 59 -9.61 8.73 -3.00
C LEU A 59 -9.41 7.23 -2.71
N LEU A 60 -9.61 6.84 -1.44
CA LEU A 60 -9.52 5.43 -1.00
C LEU A 60 -10.51 4.54 -1.78
N GLN A 61 -11.76 5.01 -1.82
CA GLN A 61 -12.85 4.34 -2.54
C GLN A 61 -12.61 4.37 -4.06
N LYS A 62 -11.99 5.45 -4.55
CA LYS A 62 -11.65 5.59 -5.97
C LYS A 62 -10.65 4.50 -6.40
N ILE A 63 -9.54 4.36 -5.61
CA ILE A 63 -8.47 3.37 -5.88
C ILE A 63 -9.03 1.92 -5.90
N LYS A 64 -9.98 1.60 -4.98
CA LYS A 64 -10.55 0.23 -4.86
C LYS A 64 -11.52 -0.09 -6.02
N GLN A 65 -12.16 0.96 -6.58
CA GLN A 65 -13.02 0.79 -7.77
C GLN A 65 -12.16 0.65 -9.05
N GLU A 66 -11.25 1.61 -9.25
CA GLU A 66 -10.46 1.77 -10.48
C GLU A 66 -9.48 0.60 -10.70
N ALA A 67 -8.70 0.27 -9.65
CA ALA A 67 -7.68 -0.79 -9.72
C ALA A 67 -8.28 -2.17 -9.36
N ASN A 68 -9.34 -2.16 -8.51
CA ASN A 68 -10.05 -3.36 -8.03
C ASN A 68 -9.07 -4.37 -7.37
N VAL A 69 -8.37 -3.87 -6.34
CA VAL A 69 -7.33 -4.61 -5.60
C VAL A 69 -7.63 -4.60 -4.09
N GLN A 70 -6.93 -5.49 -3.32
CA GLN A 70 -7.13 -5.59 -1.87
C GLN A 70 -6.58 -4.35 -1.15
N VAL A 71 -7.51 -3.56 -0.55
CA VAL A 71 -7.20 -2.29 0.11
C VAL A 71 -7.08 -2.48 1.62
N TYR A 72 -6.00 -1.94 2.20
CA TYR A 72 -5.77 -1.89 3.65
C TYR A 72 -5.71 -0.43 4.09
N ARG A 73 -6.81 0.07 4.69
CA ARG A 73 -6.84 1.43 5.26
C ARG A 73 -6.07 1.41 6.58
N VAL A 74 -4.90 2.03 6.56
CA VAL A 74 -4.00 2.06 7.71
C VAL A 74 -3.84 3.51 8.21
N THR A 75 -3.95 3.68 9.52
CA THR A 75 -3.73 4.95 10.22
C THR A 75 -2.66 4.78 11.32
N SER A 76 -2.23 3.53 11.56
CA SER A 76 -1.23 3.18 12.58
C SER A 76 -0.19 2.20 12.01
N ASN A 77 1.08 2.39 12.41
CA ASN A 77 2.20 1.53 11.96
C ASN A 77 1.94 0.04 12.24
N ASP A 78 1.17 -0.25 13.32
CA ASP A 78 0.77 -1.63 13.70
C ASP A 78 0.18 -2.40 12.51
N GLU A 79 -0.83 -1.79 11.87
CA GLU A 79 -1.59 -2.37 10.75
C GLU A 79 -0.66 -2.55 9.53
N LEU A 80 0.11 -1.48 9.24
CA LEU A 80 1.09 -1.39 8.12
C LEU A 80 2.09 -2.57 8.17
N GLU A 81 2.66 -2.81 9.36
CA GLU A 81 3.67 -3.83 9.60
C GLU A 81 3.09 -5.25 9.42
N GLN A 82 1.83 -5.44 9.84
CA GLN A 82 1.15 -6.75 9.79
C GLN A 82 0.86 -7.15 8.32
N VAL A 83 0.54 -6.16 7.46
CA VAL A 83 0.29 -6.42 6.02
C VAL A 83 1.61 -6.84 5.33
N VAL A 84 2.74 -6.26 5.78
CA VAL A 84 4.08 -6.62 5.27
C VAL A 84 4.51 -8.01 5.79
N LYS A 85 4.03 -8.39 7.00
CA LYS A 85 4.22 -9.76 7.55
C LYS A 85 3.38 -10.77 6.75
N ASP A 86 2.23 -10.30 6.23
CA ASP A 86 1.28 -11.12 5.45
C ASP A 86 1.84 -11.43 4.05
N VAL A 87 2.51 -10.43 3.43
CA VAL A 87 3.05 -10.54 2.06
C VAL A 87 4.37 -11.38 2.04
N LYS A 88 4.88 -11.72 3.24
CA LYS A 88 5.97 -12.71 3.39
C LYS A 88 5.48 -14.10 2.96
N GLY A 89 6.22 -14.74 2.04
CA GLY A 89 5.87 -16.07 1.53
C GLY A 89 6.58 -16.35 0.21
N SER A 90 5.80 -16.82 -0.79
CA SER A 90 6.28 -17.12 -2.15
C SER A 90 7.40 -18.19 -2.13
N GLY A 91 7.14 -19.29 -1.37
CA GLY A 91 8.04 -20.44 -1.31
C GLY A 91 8.01 -21.24 -2.61
N LEU A 92 8.77 -20.74 -3.59
CA LEU A 92 8.74 -21.20 -4.98
C LEU A 92 9.47 -22.56 -5.16
N GLU A 93 8.70 -23.65 -4.93
CA GLU A 93 9.12 -25.02 -5.27
C GLU A 93 9.21 -25.16 -6.80
N HIS A 94 8.21 -24.58 -7.50
CA HIS A 94 8.34 -24.26 -8.92
C HIS A 94 9.16 -22.96 -9.01
N HIS A 95 10.46 -23.10 -9.27
CA HIS A 95 11.42 -21.98 -9.26
C HIS A 95 11.13 -20.98 -10.41
N HIS A 96 11.64 -19.75 -10.26
CA HIS A 96 11.29 -18.59 -11.12
C HIS A 96 11.73 -18.82 -12.59
N HIS A 97 10.86 -19.49 -13.34
CA HIS A 97 11.03 -19.79 -14.77
C HIS A 97 9.66 -19.69 -15.44
N HIS A 98 9.17 -18.45 -15.60
CA HIS A 98 7.87 -18.16 -16.22
C HIS A 98 8.08 -17.23 -17.43
N HIS A 99 8.05 -17.83 -18.64
CA HIS A 99 8.18 -17.09 -19.89
C HIS A 99 6.83 -16.38 -20.22
N MET A 1 3.08 -9.99 -9.17
CA MET A 1 1.69 -10.00 -8.68
C MET A 1 1.64 -9.82 -7.14
N GLY A 2 2.51 -10.56 -6.43
CA GLY A 2 2.43 -10.70 -4.97
C GLY A 2 3.16 -9.64 -4.17
N ARG A 3 3.49 -8.50 -4.81
CA ARG A 3 4.15 -7.37 -4.13
C ARG A 3 3.12 -6.51 -3.36
N LEU A 4 3.62 -5.71 -2.40
CA LEU A 4 2.81 -4.74 -1.66
C LEU A 4 3.28 -3.32 -1.99
N VAL A 5 2.34 -2.46 -2.39
CA VAL A 5 2.59 -1.03 -2.62
C VAL A 5 1.90 -0.21 -1.51
N VAL A 6 2.70 0.44 -0.66
CA VAL A 6 2.19 1.27 0.44
C VAL A 6 2.14 2.73 -0.02
N VAL A 7 0.95 3.18 -0.38
CA VAL A 7 0.71 4.56 -0.78
C VAL A 7 0.46 5.41 0.47
N VAL A 8 1.11 6.58 0.53
CA VAL A 8 1.02 7.52 1.64
C VAL A 8 0.66 8.91 1.08
N THR A 9 0.00 9.73 1.89
CA THR A 9 -0.35 11.12 1.52
C THR A 9 0.54 12.13 2.27
N SER A 10 1.67 11.66 2.84
CA SER A 10 2.62 12.50 3.57
C SER A 10 4.05 12.01 3.35
N GLU A 11 4.97 12.98 3.17
CA GLU A 11 6.41 12.73 3.01
C GLU A 11 7.04 12.18 4.31
N GLN A 12 6.49 12.63 5.46
CA GLN A 12 6.90 12.16 6.79
C GLN A 12 6.59 10.66 6.94
N LEU A 13 5.41 10.25 6.43
CA LEU A 13 4.98 8.85 6.41
C LEU A 13 5.74 8.03 5.35
N LYS A 14 6.14 8.71 4.24
CA LYS A 14 6.84 8.05 3.12
C LYS A 14 8.20 7.49 3.57
N GLU A 15 9.06 8.39 4.09
CA GLU A 15 10.41 8.05 4.56
C GLU A 15 10.34 7.05 5.73
N GLU A 16 9.26 7.16 6.55
CA GLU A 16 9.06 6.33 7.73
C GLU A 16 8.85 4.85 7.33
N VAL A 17 7.86 4.60 6.45
CA VAL A 17 7.55 3.24 5.97
C VAL A 17 8.71 2.65 5.14
N ARG A 18 9.47 3.51 4.42
CA ARG A 18 10.69 3.11 3.68
C ARG A 18 11.87 2.80 4.62
N LYS A 19 11.89 3.48 5.79
CA LYS A 19 12.94 3.31 6.81
C LYS A 19 12.74 1.97 7.53
N LYS A 20 11.46 1.69 7.84
CA LYS A 20 11.03 0.45 8.49
C LYS A 20 11.12 -0.73 7.51
N PHE A 21 10.58 -0.53 6.29
CA PHE A 21 10.45 -1.57 5.25
C PHE A 21 10.78 -0.98 3.86
N PRO A 22 12.07 -1.03 3.41
CA PRO A 22 12.44 -0.71 2.00
C PRO A 22 11.98 -1.80 1.01
N GLN A 23 11.56 -2.95 1.56
CA GLN A 23 11.14 -4.15 0.82
C GLN A 23 9.80 -3.94 0.05
N VAL A 24 9.04 -2.89 0.41
CA VAL A 24 7.76 -2.55 -0.24
C VAL A 24 7.87 -1.21 -0.98
N GLU A 25 7.06 -1.07 -2.05
CA GLU A 25 7.03 0.13 -2.91
C GLU A 25 6.14 1.20 -2.26
N VAL A 26 6.78 2.20 -1.63
CA VAL A 26 6.06 3.25 -0.91
C VAL A 26 5.89 4.48 -1.80
N ARG A 27 4.67 4.67 -2.31
CA ARG A 27 4.33 5.73 -3.27
C ARG A 27 3.79 6.97 -2.54
N LEU A 28 4.24 8.17 -2.96
CA LEU A 28 3.81 9.45 -2.38
C LEU A 28 2.66 10.06 -3.20
N VAL A 29 1.68 10.66 -2.50
CA VAL A 29 0.56 11.40 -3.11
C VAL A 29 0.43 12.77 -2.42
N THR A 30 0.65 13.86 -3.19
CA THR A 30 0.48 15.25 -2.70
C THR A 30 -0.90 15.80 -3.14
N THR A 31 -1.37 15.38 -4.33
CA THR A 31 -2.63 15.83 -4.94
C THR A 31 -3.42 14.60 -5.48
N GLU A 32 -4.71 14.83 -5.83
CA GLU A 32 -5.62 13.78 -6.36
C GLU A 32 -5.01 13.11 -7.61
N GLU A 33 -4.37 13.93 -8.47
CA GLU A 33 -3.76 13.48 -9.75
C GLU A 33 -2.74 12.37 -9.52
N ASP A 34 -1.91 12.52 -8.44
CA ASP A 34 -0.87 11.53 -8.08
C ASP A 34 -1.50 10.16 -7.80
N ALA A 35 -2.62 10.18 -7.05
CA ALA A 35 -3.38 8.96 -6.65
C ALA A 35 -3.99 8.27 -7.88
N LYS A 36 -4.43 9.08 -8.86
CA LYS A 36 -4.98 8.60 -10.14
C LYS A 36 -3.87 7.99 -11.02
N GLN A 37 -2.64 8.51 -10.87
CA GLN A 37 -1.43 7.95 -11.51
C GLN A 37 -1.01 6.63 -10.83
N VAL A 38 -1.31 6.52 -9.52
CA VAL A 38 -1.10 5.27 -8.76
C VAL A 38 -2.04 4.19 -9.29
N ILE A 39 -3.30 4.57 -9.64
CA ILE A 39 -4.28 3.63 -10.26
C ILE A 39 -3.66 2.97 -11.51
N LYS A 40 -3.04 3.80 -12.37
CA LYS A 40 -2.36 3.34 -13.60
C LYS A 40 -1.14 2.46 -13.26
N GLU A 41 -0.40 2.85 -12.21
CA GLU A 41 0.82 2.15 -11.76
C GLU A 41 0.47 0.74 -11.25
N ILE A 42 -0.65 0.61 -10.52
CA ILE A 42 -1.14 -0.67 -9.97
C ILE A 42 -1.50 -1.64 -11.11
N GLN A 43 -2.13 -1.09 -12.17
CA GLN A 43 -2.54 -1.87 -13.36
C GLN A 43 -1.31 -2.35 -14.17
N LYS A 44 -0.33 -1.44 -14.32
CA LYS A 44 0.92 -1.67 -15.06
C LYS A 44 1.82 -2.70 -14.36
N LYS A 45 2.04 -2.47 -13.06
CA LYS A 45 2.95 -3.25 -12.23
C LYS A 45 2.26 -4.56 -11.77
N GLY A 46 0.91 -4.56 -11.81
CA GLY A 46 0.09 -5.76 -11.55
C GLY A 46 0.00 -6.11 -10.08
N VAL A 47 -0.26 -5.09 -9.25
CA VAL A 47 -0.23 -5.22 -7.78
C VAL A 47 -1.59 -5.73 -7.28
N GLN A 48 -1.60 -6.91 -6.61
CA GLN A 48 -2.83 -7.50 -6.06
C GLN A 48 -3.30 -6.73 -4.81
N LYS A 49 -2.38 -6.54 -3.86
CA LYS A 49 -2.68 -5.92 -2.56
C LYS A 49 -1.93 -4.58 -2.43
N VAL A 50 -2.72 -3.52 -2.24
CA VAL A 50 -2.25 -2.13 -2.05
C VAL A 50 -2.67 -1.65 -0.66
N VAL A 51 -1.84 -0.80 -0.06
CA VAL A 51 -2.10 -0.16 1.24
C VAL A 51 -2.28 1.36 1.00
N LEU A 52 -3.30 1.96 1.63
CA LEU A 52 -3.53 3.42 1.58
C LEU A 52 -3.46 3.98 3.02
N VAL A 53 -2.37 4.72 3.30
CA VAL A 53 -2.05 5.27 4.64
C VAL A 53 -2.49 6.74 4.75
N GLY A 54 -3.45 6.99 5.66
CA GLY A 54 -3.89 8.34 6.02
C GLY A 54 -4.56 9.09 4.86
N VAL A 55 -5.29 8.35 4.01
CA VAL A 55 -5.96 8.91 2.82
C VAL A 55 -7.43 9.26 3.14
N SER A 56 -8.04 10.08 2.28
CA SER A 56 -9.48 10.37 2.32
C SER A 56 -10.23 9.18 1.69
N GLU A 57 -11.50 8.95 2.09
CA GLU A 57 -12.34 7.87 1.52
C GLU A 57 -12.72 8.20 0.06
N LYS A 58 -12.64 9.51 -0.29
CA LYS A 58 -12.85 9.99 -1.67
C LYS A 58 -11.76 9.41 -2.60
N LEU A 59 -10.53 9.31 -2.08
CA LEU A 59 -9.40 8.67 -2.78
C LEU A 59 -9.44 7.14 -2.57
N LEU A 60 -9.76 6.69 -1.34
CA LEU A 60 -9.62 5.28 -0.92
C LEU A 60 -10.49 4.38 -1.79
N GLN A 61 -11.81 4.64 -1.77
CA GLN A 61 -12.82 3.82 -2.45
C GLN A 61 -12.69 3.95 -3.97
N LYS A 62 -12.28 5.15 -4.44
CA LYS A 62 -12.10 5.40 -5.88
C LYS A 62 -10.95 4.55 -6.45
N ILE A 63 -9.75 4.69 -5.84
CA ILE A 63 -8.53 3.94 -6.22
C ILE A 63 -8.79 2.41 -6.13
N LYS A 64 -9.55 2.01 -5.10
CA LYS A 64 -9.95 0.61 -4.86
C LYS A 64 -10.76 0.06 -6.05
N GLN A 65 -11.77 0.84 -6.48
CA GLN A 65 -12.73 0.45 -7.54
C GLN A 65 -12.12 0.55 -8.96
N GLU A 66 -11.23 1.54 -9.17
CA GLU A 66 -10.68 1.86 -10.51
C GLU A 66 -9.52 0.92 -10.87
N ALA A 67 -8.65 0.64 -9.90
CA ALA A 67 -7.57 -0.36 -10.05
C ALA A 67 -8.14 -1.78 -9.87
N ASN A 68 -9.27 -1.86 -9.13
CA ASN A 68 -10.01 -3.11 -8.85
C ASN A 68 -9.11 -4.09 -8.08
N VAL A 69 -8.64 -3.63 -6.91
CA VAL A 69 -7.65 -4.36 -6.07
C VAL A 69 -8.05 -4.36 -4.59
N GLN A 70 -7.35 -5.18 -3.80
CA GLN A 70 -7.55 -5.25 -2.34
C GLN A 70 -6.77 -4.12 -1.66
N VAL A 71 -7.51 -3.17 -1.09
CA VAL A 71 -6.96 -2.00 -0.40
C VAL A 71 -7.08 -2.17 1.12
N TYR A 72 -5.93 -2.04 1.80
CA TYR A 72 -5.82 -2.10 3.26
C TYR A 72 -5.64 -0.68 3.81
N ARG A 73 -6.66 -0.21 4.53
CA ARG A 73 -6.67 1.13 5.14
C ARG A 73 -5.78 1.12 6.39
N VAL A 74 -4.72 1.93 6.36
CA VAL A 74 -3.79 2.08 7.49
C VAL A 74 -3.75 3.55 7.91
N THR A 75 -3.84 3.81 9.23
CA THR A 75 -3.56 5.14 9.83
C THR A 75 -2.69 4.98 11.11
N SER A 76 -2.16 3.76 11.32
CA SER A 76 -1.33 3.42 12.49
C SER A 76 -0.23 2.42 12.07
N ASN A 77 0.93 2.47 12.75
CA ASN A 77 2.09 1.62 12.44
C ASN A 77 1.76 0.13 12.65
N ASP A 78 0.85 -0.15 13.62
CA ASP A 78 0.41 -1.53 13.98
C ASP A 78 -0.14 -2.26 12.75
N GLU A 79 -1.06 -1.57 12.06
CA GLU A 79 -1.74 -2.04 10.84
C GLU A 79 -0.72 -2.22 9.70
N LEU A 80 0.14 -1.20 9.54
CA LEU A 80 1.15 -1.11 8.49
C LEU A 80 2.09 -2.33 8.54
N GLU A 81 2.75 -2.51 9.70
CA GLU A 81 3.75 -3.56 9.92
C GLU A 81 3.19 -4.94 9.59
N GLN A 82 1.96 -5.21 10.11
CA GLN A 82 1.29 -6.51 9.99
C GLN A 82 1.05 -6.90 8.52
N VAL A 83 0.45 -5.98 7.73
CA VAL A 83 0.18 -6.23 6.28
C VAL A 83 1.50 -6.50 5.52
N VAL A 84 2.57 -5.77 5.88
CA VAL A 84 3.90 -5.86 5.23
C VAL A 84 4.64 -7.18 5.61
N LYS A 85 4.42 -7.68 6.84
CA LYS A 85 5.04 -8.94 7.33
C LYS A 85 4.31 -10.16 6.73
N ASP A 86 2.96 -10.07 6.66
CA ASP A 86 2.09 -11.16 6.20
C ASP A 86 2.18 -11.36 4.68
N VAL A 87 2.40 -10.25 3.92
CA VAL A 87 2.41 -10.28 2.43
C VAL A 87 3.59 -11.12 1.90
N LYS A 88 4.73 -11.09 2.62
CA LYS A 88 5.91 -11.90 2.25
C LYS A 88 5.73 -13.36 2.71
N GLY A 89 5.21 -13.51 3.94
CA GLY A 89 5.08 -14.81 4.59
C GLY A 89 4.05 -15.72 3.92
N SER A 90 4.23 -17.05 4.12
CA SER A 90 3.37 -18.09 3.52
C SER A 90 2.32 -18.59 4.54
N GLY A 91 2.01 -17.76 5.55
CA GLY A 91 1.02 -18.09 6.57
C GLY A 91 -0.40 -18.20 5.99
N LEU A 92 -0.74 -17.23 5.13
CA LEU A 92 -2.04 -17.19 4.44
C LEU A 92 -2.01 -18.22 3.29
N GLU A 93 -2.97 -19.15 3.29
CA GLU A 93 -3.14 -20.14 2.21
C GLU A 93 -3.63 -19.44 0.94
N HIS A 94 -2.98 -19.75 -0.19
CA HIS A 94 -3.44 -19.31 -1.50
C HIS A 94 -4.71 -20.11 -1.83
N HIS A 95 -5.86 -19.41 -1.77
CA HIS A 95 -7.22 -20.00 -1.71
C HIS A 95 -7.51 -20.89 -2.92
N HIS A 96 -6.97 -20.49 -4.08
CA HIS A 96 -6.93 -21.32 -5.29
C HIS A 96 -5.59 -22.08 -5.27
N HIS A 97 -5.66 -23.40 -4.99
CA HIS A 97 -4.46 -24.24 -4.79
C HIS A 97 -3.76 -24.54 -6.13
N HIS A 98 -2.46 -24.84 -6.04
CA HIS A 98 -1.58 -25.07 -7.20
C HIS A 98 -1.71 -26.51 -7.72
N HIS A 99 -1.58 -26.67 -9.05
CA HIS A 99 -1.62 -27.97 -9.73
C HIS A 99 -1.08 -27.81 -11.18
N MET A 1 3.38 -14.48 -5.86
CA MET A 1 3.35 -13.01 -5.94
C MET A 1 2.03 -12.46 -5.35
N GLY A 2 2.16 -11.56 -4.37
CA GLY A 2 1.01 -10.89 -3.74
C GLY A 2 1.42 -9.53 -3.23
N ARG A 3 2.14 -8.79 -4.10
CA ARG A 3 2.94 -7.61 -3.73
C ARG A 3 2.10 -6.45 -3.17
N LEU A 4 2.75 -5.60 -2.35
CA LEU A 4 2.11 -4.51 -1.61
C LEU A 4 2.64 -3.13 -2.04
N VAL A 5 1.73 -2.25 -2.48
CA VAL A 5 2.00 -0.81 -2.68
C VAL A 5 1.47 -0.05 -1.47
N VAL A 6 2.36 0.67 -0.76
CA VAL A 6 1.97 1.51 0.39
C VAL A 6 1.90 2.97 -0.07
N VAL A 7 0.69 3.43 -0.34
CA VAL A 7 0.42 4.81 -0.73
C VAL A 7 0.31 5.69 0.53
N VAL A 8 1.08 6.78 0.56
CA VAL A 8 1.17 7.72 1.70
C VAL A 8 0.80 9.14 1.21
N THR A 9 0.19 9.95 2.09
CA THR A 9 -0.26 11.33 1.74
C THR A 9 0.57 12.41 2.46
N SER A 10 1.56 12.01 3.28
CA SER A 10 2.42 12.96 4.03
C SER A 10 3.88 12.52 3.98
N GLU A 11 4.80 13.52 4.07
CA GLU A 11 6.26 13.31 4.18
C GLU A 11 6.62 12.41 5.36
N GLN A 12 5.96 12.66 6.52
CA GLN A 12 6.17 11.87 7.75
C GLN A 12 5.83 10.39 7.55
N LEU A 13 4.75 10.13 6.76
CA LEU A 13 4.33 8.77 6.40
C LEU A 13 5.31 8.11 5.39
N LYS A 14 5.84 8.93 4.46
CA LYS A 14 6.76 8.49 3.40
C LYS A 14 8.08 7.96 3.98
N GLU A 15 8.78 8.84 4.73
CA GLU A 15 10.06 8.51 5.38
C GLU A 15 9.90 7.32 6.36
N GLU A 16 8.71 7.24 7.00
CA GLU A 16 8.38 6.18 7.96
C GLU A 16 8.43 4.80 7.29
N VAL A 17 7.53 4.59 6.31
CA VAL A 17 7.35 3.28 5.65
C VAL A 17 8.63 2.83 4.92
N ARG A 18 9.38 3.78 4.31
CA ARG A 18 10.65 3.45 3.63
C ARG A 18 11.75 3.06 4.63
N LYS A 19 11.72 3.66 5.85
CA LYS A 19 12.71 3.37 6.91
C LYS A 19 12.49 1.95 7.45
N LYS A 20 11.21 1.56 7.56
CA LYS A 20 10.79 0.25 8.07
C LYS A 20 11.03 -0.84 7.01
N PHE A 21 10.56 -0.56 5.77
CA PHE A 21 10.59 -1.50 4.63
C PHE A 21 10.91 -0.71 3.34
N PRO A 22 12.21 -0.62 2.93
CA PRO A 22 12.60 -0.04 1.61
C PRO A 22 12.07 -0.87 0.40
N GLN A 23 11.64 -2.11 0.69
CA GLN A 23 11.29 -3.11 -0.33
C GLN A 23 9.92 -2.82 -0.99
N VAL A 24 8.99 -2.22 -0.24
CA VAL A 24 7.59 -1.98 -0.71
C VAL A 24 7.50 -0.65 -1.46
N GLU A 25 6.53 -0.57 -2.41
CA GLU A 25 6.32 0.63 -3.25
C GLU A 25 5.67 1.74 -2.41
N VAL A 26 6.48 2.70 -1.93
CA VAL A 26 5.97 3.83 -1.12
C VAL A 26 5.71 5.00 -2.06
N ARG A 27 4.43 5.35 -2.24
CA ARG A 27 4.00 6.33 -3.25
C ARG A 27 3.34 7.54 -2.58
N LEU A 28 4.05 8.68 -2.59
CA LEU A 28 3.59 9.92 -1.95
C LEU A 28 2.64 10.67 -2.89
N VAL A 29 1.40 10.87 -2.43
CA VAL A 29 0.36 11.62 -3.14
C VAL A 29 0.46 13.10 -2.77
N THR A 30 0.77 13.94 -3.77
CA THR A 30 0.85 15.39 -3.61
C THR A 30 -0.31 16.08 -4.36
N THR A 31 -0.78 15.45 -5.47
CA THR A 31 -2.02 15.84 -6.17
C THR A 31 -2.93 14.61 -6.29
N GLU A 32 -4.23 14.82 -6.58
CA GLU A 32 -5.19 13.72 -6.78
C GLU A 32 -4.82 12.93 -8.06
N GLU A 33 -4.36 13.65 -9.10
CA GLU A 33 -3.88 13.05 -10.37
C GLU A 33 -2.62 12.18 -10.14
N ASP A 34 -1.82 12.56 -9.13
CA ASP A 34 -0.61 11.83 -8.72
C ASP A 34 -1.03 10.43 -8.19
N ALA A 35 -2.10 10.41 -7.37
CA ALA A 35 -2.72 9.17 -6.85
C ALA A 35 -3.27 8.31 -7.99
N LYS A 36 -3.85 8.98 -8.99
CA LYS A 36 -4.45 8.33 -10.18
C LYS A 36 -3.37 7.71 -11.10
N GLN A 37 -2.14 8.25 -11.04
CA GLN A 37 -0.96 7.66 -11.74
C GLN A 37 -0.50 6.40 -10.99
N VAL A 38 -0.52 6.49 -9.63
CA VAL A 38 -0.22 5.35 -8.74
C VAL A 38 -1.17 4.18 -9.05
N ILE A 39 -2.45 4.50 -9.32
CA ILE A 39 -3.47 3.51 -9.72
C ILE A 39 -3.03 2.74 -10.99
N LYS A 40 -2.58 3.50 -12.01
CA LYS A 40 -2.10 2.93 -13.30
C LYS A 40 -0.85 2.08 -13.10
N GLU A 41 -0.03 2.47 -12.11
CA GLU A 41 1.19 1.74 -11.72
C GLU A 41 0.82 0.37 -11.13
N ILE A 42 -0.16 0.39 -10.20
CA ILE A 42 -0.73 -0.79 -9.54
C ILE A 42 -1.27 -1.79 -10.58
N GLN A 43 -2.02 -1.26 -11.58
CA GLN A 43 -2.66 -2.08 -12.62
C GLN A 43 -1.61 -2.69 -13.58
N LYS A 44 -0.65 -1.85 -14.02
CA LYS A 44 0.39 -2.24 -14.99
C LYS A 44 1.29 -3.36 -14.42
N LYS A 45 1.77 -3.15 -13.19
CA LYS A 45 2.71 -4.07 -12.51
C LYS A 45 1.97 -5.31 -11.99
N GLY A 46 0.65 -5.18 -11.80
CA GLY A 46 -0.21 -6.30 -11.39
C GLY A 46 -0.10 -6.55 -9.90
N VAL A 47 -0.20 -5.47 -9.14
CA VAL A 47 -0.11 -5.47 -7.68
C VAL A 47 -1.42 -6.00 -7.10
N GLN A 48 -1.32 -6.95 -6.18
CA GLN A 48 -2.49 -7.62 -5.58
C GLN A 48 -3.05 -6.79 -4.40
N LYS A 49 -2.15 -6.39 -3.48
CA LYS A 49 -2.55 -5.67 -2.24
C LYS A 49 -1.99 -4.24 -2.26
N VAL A 50 -2.81 -3.28 -1.83
CA VAL A 50 -2.42 -1.86 -1.71
C VAL A 50 -2.91 -1.31 -0.36
N VAL A 51 -1.95 -0.87 0.48
CA VAL A 51 -2.25 -0.15 1.72
C VAL A 51 -2.38 1.35 1.41
N LEU A 52 -3.44 1.99 1.92
CA LEU A 52 -3.66 3.43 1.81
C LEU A 52 -3.53 4.08 3.20
N VAL A 53 -2.33 4.64 3.48
CA VAL A 53 -2.00 5.25 4.76
C VAL A 53 -2.48 6.72 4.83
N GLY A 54 -3.44 6.97 5.76
CA GLY A 54 -3.89 8.32 6.11
C GLY A 54 -4.53 9.08 4.97
N VAL A 55 -5.28 8.36 4.11
CA VAL A 55 -5.95 8.93 2.93
C VAL A 55 -7.39 9.35 3.28
N SER A 56 -7.99 10.16 2.39
CA SER A 56 -9.41 10.51 2.46
C SER A 56 -10.25 9.32 1.91
N GLU A 57 -11.51 9.20 2.36
CA GLU A 57 -12.45 8.13 1.92
C GLU A 57 -12.79 8.26 0.43
N LYS A 58 -12.76 9.51 -0.07
CA LYS A 58 -12.99 9.84 -1.49
C LYS A 58 -11.80 9.38 -2.37
N LEU A 59 -10.58 9.32 -1.78
CA LEU A 59 -9.41 8.70 -2.44
C LEU A 59 -9.44 7.17 -2.25
N LEU A 60 -9.90 6.74 -1.07
CA LEU A 60 -9.86 5.32 -0.65
C LEU A 60 -10.64 4.42 -1.63
N GLN A 61 -11.95 4.73 -1.75
CA GLN A 61 -12.91 3.97 -2.58
C GLN A 61 -12.58 4.16 -4.07
N LYS A 62 -11.83 5.23 -4.38
CA LYS A 62 -11.45 5.57 -5.76
C LYS A 62 -10.33 4.64 -6.25
N ILE A 63 -9.25 4.52 -5.43
CA ILE A 63 -8.13 3.58 -5.69
C ILE A 63 -8.67 2.12 -5.74
N LYS A 64 -9.67 1.83 -4.89
CA LYS A 64 -10.34 0.52 -4.82
C LYS A 64 -11.01 0.15 -6.17
N GLN A 65 -11.97 1.01 -6.61
CA GLN A 65 -12.74 0.81 -7.86
C GLN A 65 -11.83 0.68 -9.09
N GLU A 66 -10.82 1.56 -9.16
CA GLU A 66 -9.97 1.73 -10.35
C GLU A 66 -8.88 0.64 -10.44
N ALA A 67 -8.11 0.45 -9.35
CA ALA A 67 -6.97 -0.51 -9.33
C ALA A 67 -7.46 -1.98 -9.25
N ASN A 68 -8.67 -2.19 -8.68
CA ASN A 68 -9.33 -3.54 -8.53
C ASN A 68 -8.50 -4.45 -7.59
N VAL A 69 -8.13 -3.91 -6.43
CA VAL A 69 -7.18 -4.59 -5.50
C VAL A 69 -7.75 -4.67 -4.08
N GLN A 70 -7.02 -5.41 -3.20
CA GLN A 70 -7.33 -5.48 -1.77
C GLN A 70 -6.76 -4.23 -1.12
N VAL A 71 -7.64 -3.34 -0.65
CA VAL A 71 -7.26 -2.05 -0.07
C VAL A 71 -7.32 -2.12 1.46
N TYR A 72 -6.17 -1.88 2.11
CA TYR A 72 -6.03 -1.89 3.57
C TYR A 72 -5.80 -0.45 4.06
N ARG A 73 -6.82 0.18 4.65
CA ARG A 73 -6.72 1.57 5.15
C ARG A 73 -6.00 1.57 6.49
N VAL A 74 -4.77 2.08 6.49
CA VAL A 74 -3.89 2.12 7.66
C VAL A 74 -3.69 3.58 8.12
N THR A 75 -3.70 3.81 9.45
CA THR A 75 -3.38 5.12 10.05
C THR A 75 -2.23 4.98 11.07
N SER A 76 -1.90 3.74 11.43
CA SER A 76 -0.80 3.43 12.37
C SER A 76 0.08 2.35 11.74
N ASN A 77 1.41 2.53 11.90
CA ASN A 77 2.44 1.69 11.25
C ASN A 77 2.31 0.19 11.64
N ASP A 78 1.70 -0.09 12.81
CA ASP A 78 1.47 -1.47 13.32
C ASP A 78 0.63 -2.30 12.34
N GLU A 79 -0.45 -1.68 11.84
CA GLU A 79 -1.42 -2.29 10.90
C GLU A 79 -0.72 -2.63 9.57
N LEU A 80 0.13 -1.68 9.14
CA LEU A 80 0.95 -1.77 7.93
C LEU A 80 1.88 -3.00 8.04
N GLU A 81 2.56 -3.13 9.21
CA GLU A 81 3.51 -4.23 9.48
C GLU A 81 2.82 -5.60 9.44
N GLN A 82 1.53 -5.64 9.84
CA GLN A 82 0.69 -6.86 9.76
C GLN A 82 0.52 -7.31 8.30
N VAL A 83 0.15 -6.34 7.42
CA VAL A 83 -0.07 -6.60 5.99
C VAL A 83 1.26 -6.97 5.27
N VAL A 84 2.38 -6.35 5.72
CA VAL A 84 3.71 -6.57 5.14
C VAL A 84 4.23 -8.00 5.45
N LYS A 85 3.86 -8.56 6.60
CA LYS A 85 4.23 -9.96 6.96
C LYS A 85 3.62 -10.97 5.96
N ASP A 86 2.35 -10.74 5.60
CA ASP A 86 1.59 -11.66 4.75
C ASP A 86 2.11 -11.64 3.29
N VAL A 87 2.51 -10.44 2.80
CA VAL A 87 3.11 -10.31 1.44
C VAL A 87 4.52 -10.95 1.38
N LYS A 88 5.35 -10.69 2.42
CA LYS A 88 6.70 -11.27 2.52
C LYS A 88 6.65 -12.81 2.65
N GLY A 89 5.52 -13.33 3.12
CA GLY A 89 5.29 -14.77 3.21
C GLY A 89 3.95 -15.07 3.86
N SER A 90 3.03 -15.71 3.12
CA SER A 90 1.68 -16.00 3.61
C SER A 90 1.66 -17.31 4.41
N GLY A 91 2.43 -17.34 5.52
CA GLY A 91 2.43 -18.45 6.46
C GLY A 91 1.17 -18.48 7.32
N LEU A 92 0.50 -17.32 7.44
CA LEU A 92 -0.76 -17.15 8.17
C LEU A 92 -1.91 -17.88 7.45
N GLU A 93 -3.00 -18.15 8.22
CA GLU A 93 -4.25 -18.78 7.73
C GLU A 93 -4.02 -20.26 7.35
N HIS A 94 -4.60 -21.17 8.14
CA HIS A 94 -4.52 -22.64 7.92
C HIS A 94 -5.87 -23.17 7.42
N HIS A 95 -6.64 -22.31 6.72
CA HIS A 95 -7.99 -22.62 6.24
C HIS A 95 -7.97 -23.70 5.13
N HIS A 96 -6.84 -23.78 4.43
CA HIS A 96 -6.63 -24.72 3.30
C HIS A 96 -5.50 -25.71 3.67
N HIS A 97 -5.51 -26.90 3.02
CA HIS A 97 -4.45 -27.92 3.14
C HIS A 97 -3.10 -27.34 2.67
N HIS A 98 -2.09 -27.49 3.51
CA HIS A 98 -0.72 -26.96 3.29
C HIS A 98 0.31 -28.09 3.46
N HIS A 99 1.57 -27.79 3.16
CA HIS A 99 2.70 -28.69 3.37
C HIS A 99 3.11 -28.63 4.87
N MET A 1 2.23 -12.96 -7.66
CA MET A 1 0.86 -12.41 -7.79
C MET A 1 0.61 -11.36 -6.68
N GLY A 2 1.02 -11.71 -5.45
CA GLY A 2 0.88 -10.82 -4.30
C GLY A 2 1.93 -9.73 -4.28
N ARG A 3 1.70 -8.66 -5.05
CA ARG A 3 2.54 -7.44 -5.01
C ARG A 3 1.91 -6.43 -4.02
N LEU A 4 2.75 -5.77 -3.21
CA LEU A 4 2.33 -4.71 -2.28
C LEU A 4 2.89 -3.35 -2.74
N VAL A 5 2.01 -2.34 -2.74
CA VAL A 5 2.38 -0.92 -2.86
C VAL A 5 1.73 -0.17 -1.69
N VAL A 6 2.56 0.52 -0.90
CA VAL A 6 2.12 1.41 0.17
C VAL A 6 1.88 2.80 -0.42
N VAL A 7 0.84 3.49 0.06
CA VAL A 7 0.52 4.87 -0.33
C VAL A 7 0.43 5.70 0.96
N VAL A 8 1.06 6.87 0.96
CA VAL A 8 1.08 7.81 2.09
C VAL A 8 0.66 9.19 1.58
N THR A 9 0.19 10.04 2.49
CA THR A 9 -0.18 11.43 2.17
C THR A 9 0.84 12.44 2.76
N SER A 10 1.88 11.94 3.44
CA SER A 10 2.86 12.79 4.13
C SER A 10 4.30 12.28 3.95
N GLU A 11 5.26 13.21 3.85
CA GLU A 11 6.70 12.95 3.75
C GLU A 11 7.25 12.21 4.98
N GLN A 12 6.73 12.53 6.19
CA GLN A 12 7.18 11.90 7.43
C GLN A 12 6.76 10.42 7.48
N LEU A 13 5.55 10.12 6.95
CA LEU A 13 5.03 8.74 6.83
C LEU A 13 5.79 7.98 5.72
N LYS A 14 6.16 8.71 4.66
CA LYS A 14 6.86 8.17 3.48
C LYS A 14 8.24 7.62 3.87
N GLU A 15 9.06 8.51 4.44
CA GLU A 15 10.42 8.18 4.87
C GLU A 15 10.42 7.12 6.00
N GLU A 16 9.34 7.14 6.83
CA GLU A 16 9.17 6.21 7.96
C GLU A 16 8.96 4.78 7.46
N VAL A 17 7.91 4.56 6.64
CA VAL A 17 7.57 3.24 6.08
C VAL A 17 8.77 2.66 5.27
N ARG A 18 9.49 3.54 4.55
CA ARG A 18 10.71 3.12 3.80
C ARG A 18 11.88 2.78 4.75
N LYS A 19 11.95 3.44 5.92
CA LYS A 19 13.02 3.16 6.91
C LYS A 19 12.76 1.80 7.62
N LYS A 20 11.47 1.52 7.84
CA LYS A 20 11.01 0.26 8.45
C LYS A 20 11.23 -0.88 7.45
N PHE A 21 10.78 -0.63 6.20
CA PHE A 21 10.81 -1.61 5.10
C PHE A 21 11.29 -0.92 3.81
N PRO A 22 12.63 -0.87 3.54
CA PRO A 22 13.18 -0.38 2.24
C PRO A 22 12.80 -1.29 1.05
N GLN A 23 12.31 -2.49 1.38
CA GLN A 23 11.92 -3.54 0.43
C GLN A 23 10.60 -3.21 -0.31
N VAL A 24 9.68 -2.45 0.32
CA VAL A 24 8.36 -2.13 -0.27
C VAL A 24 8.38 -0.75 -0.96
N GLU A 25 7.43 -0.57 -1.89
CA GLU A 25 7.24 0.69 -2.63
C GLU A 25 6.31 1.61 -1.85
N VAL A 26 6.67 2.90 -1.75
CA VAL A 26 5.88 3.90 -1.04
C VAL A 26 5.62 5.12 -1.95
N ARG A 27 4.37 5.25 -2.41
CA ARG A 27 3.90 6.32 -3.30
C ARG A 27 3.36 7.48 -2.45
N LEU A 28 3.76 8.71 -2.78
CA LEU A 28 3.24 9.91 -2.11
C LEU A 28 2.05 10.44 -2.92
N VAL A 29 0.96 10.77 -2.22
CA VAL A 29 -0.23 11.40 -2.80
C VAL A 29 -0.55 12.68 -2.03
N THR A 30 -0.34 13.83 -2.68
CA THR A 30 -0.70 15.16 -2.15
C THR A 30 -1.87 15.76 -2.96
N THR A 31 -1.96 15.33 -4.22
CA THR A 31 -3.05 15.69 -5.16
C THR A 31 -3.71 14.40 -5.66
N GLU A 32 -4.94 14.51 -6.19
CA GLU A 32 -5.67 13.36 -6.76
C GLU A 32 -4.89 12.76 -7.95
N GLU A 33 -4.18 13.64 -8.69
CA GLU A 33 -3.38 13.27 -9.86
C GLU A 33 -2.35 12.17 -9.52
N ASP A 34 -1.73 12.30 -8.32
CA ASP A 34 -0.77 11.30 -7.80
C ASP A 34 -1.43 9.93 -7.65
N ALA A 35 -2.64 9.93 -7.05
CA ALA A 35 -3.43 8.70 -6.81
C ALA A 35 -3.85 8.04 -8.13
N LYS A 36 -4.14 8.87 -9.16
CA LYS A 36 -4.46 8.41 -10.52
C LYS A 36 -3.25 7.70 -11.15
N GLN A 37 -2.04 8.24 -10.88
CA GLN A 37 -0.75 7.65 -11.33
C GLN A 37 -0.53 6.28 -10.64
N VAL A 38 -0.89 6.20 -9.34
CA VAL A 38 -0.79 4.96 -8.55
C VAL A 38 -1.72 3.87 -9.14
N ILE A 39 -2.96 4.26 -9.52
CA ILE A 39 -3.97 3.36 -10.11
C ILE A 39 -3.41 2.66 -11.38
N LYS A 40 -2.79 3.45 -12.27
CA LYS A 40 -2.15 2.94 -13.50
C LYS A 40 -1.02 1.96 -13.15
N GLU A 41 -0.17 2.38 -12.20
CA GLU A 41 1.01 1.64 -11.71
C GLU A 41 0.62 0.24 -11.18
N ILE A 42 -0.52 0.22 -10.48
CA ILE A 42 -1.15 -1.00 -9.96
C ILE A 42 -1.51 -1.96 -11.12
N GLN A 43 -2.18 -1.41 -12.15
CA GLN A 43 -2.62 -2.19 -13.34
C GLN A 43 -1.42 -2.75 -14.13
N LYS A 44 -0.30 -1.99 -14.10
CA LYS A 44 0.94 -2.37 -14.83
C LYS A 44 1.62 -3.60 -14.21
N LYS A 45 1.82 -3.57 -12.88
CA LYS A 45 2.53 -4.64 -12.13
C LYS A 45 1.59 -5.76 -11.70
N GLY A 46 0.28 -5.46 -11.63
CA GLY A 46 -0.70 -6.40 -11.10
C GLY A 46 -0.66 -6.44 -9.57
N VAL A 47 -0.67 -5.24 -8.95
CA VAL A 47 -0.57 -5.10 -7.49
C VAL A 47 -1.85 -5.63 -6.82
N GLN A 48 -1.66 -6.53 -5.84
CA GLN A 48 -2.77 -7.27 -5.21
C GLN A 48 -3.28 -6.53 -3.98
N LYS A 49 -2.34 -6.12 -3.11
CA LYS A 49 -2.65 -5.37 -1.88
C LYS A 49 -2.09 -3.96 -1.98
N VAL A 50 -2.94 -2.98 -1.67
CA VAL A 50 -2.55 -1.56 -1.61
C VAL A 50 -2.88 -1.01 -0.21
N VAL A 51 -1.84 -0.49 0.46
CA VAL A 51 -1.97 0.18 1.74
C VAL A 51 -2.25 1.67 1.49
N LEU A 52 -3.26 2.21 2.17
CA LEU A 52 -3.62 3.64 2.08
C LEU A 52 -3.53 4.27 3.50
N VAL A 53 -2.35 4.90 3.78
CA VAL A 53 -2.05 5.51 5.08
C VAL A 53 -2.58 6.97 5.12
N GLY A 54 -3.68 7.15 5.87
CA GLY A 54 -4.28 8.46 6.11
C GLY A 54 -4.70 9.22 4.85
N VAL A 55 -5.29 8.51 3.88
CA VAL A 55 -5.75 9.12 2.61
C VAL A 55 -7.19 9.63 2.74
N SER A 56 -7.65 10.34 1.70
CA SER A 56 -9.04 10.72 1.56
C SER A 56 -9.88 9.48 1.23
N GLU A 57 -11.12 9.45 1.77
CA GLU A 57 -12.12 8.40 1.49
C GLU A 57 -12.43 8.36 -0.02
N LYS A 58 -12.37 9.55 -0.66
CA LYS A 58 -12.68 9.73 -2.09
C LYS A 58 -11.63 9.03 -2.97
N LEU A 59 -10.35 9.12 -2.53
CA LEU A 59 -9.21 8.46 -3.20
C LEU A 59 -9.26 6.94 -2.98
N LEU A 60 -9.66 6.55 -1.76
CA LEU A 60 -9.81 5.14 -1.36
C LEU A 60 -10.82 4.42 -2.27
N GLN A 61 -11.98 5.08 -2.47
CA GLN A 61 -13.06 4.59 -3.33
C GLN A 61 -12.63 4.53 -4.80
N LYS A 62 -11.81 5.53 -5.21
CA LYS A 62 -11.31 5.61 -6.59
C LYS A 62 -10.31 4.46 -6.89
N ILE A 63 -9.42 4.16 -5.93
CA ILE A 63 -8.40 3.09 -6.07
C ILE A 63 -9.09 1.69 -6.16
N LYS A 64 -10.14 1.44 -5.35
CA LYS A 64 -10.83 0.13 -5.35
C LYS A 64 -11.73 -0.07 -6.60
N GLN A 65 -12.30 1.03 -7.16
CA GLN A 65 -13.21 0.93 -8.33
C GLN A 65 -12.44 0.89 -9.67
N GLU A 66 -11.29 1.59 -9.72
CA GLU A 66 -10.48 1.72 -10.96
C GLU A 66 -9.42 0.60 -11.04
N ALA A 67 -8.63 0.46 -9.96
CA ALA A 67 -7.48 -0.48 -9.93
C ALA A 67 -7.91 -1.91 -9.49
N ASN A 68 -9.02 -2.00 -8.73
CA ASN A 68 -9.63 -3.29 -8.30
C ASN A 68 -8.65 -4.13 -7.43
N VAL A 69 -8.40 -3.63 -6.21
CA VAL A 69 -7.42 -4.23 -5.26
C VAL A 69 -8.03 -4.42 -3.86
N GLN A 70 -7.29 -5.17 -3.01
CA GLN A 70 -7.56 -5.22 -1.57
C GLN A 70 -6.99 -3.95 -0.92
N VAL A 71 -7.90 -3.13 -0.40
CA VAL A 71 -7.58 -1.84 0.23
C VAL A 71 -7.47 -2.03 1.75
N TYR A 72 -6.33 -1.59 2.30
CA TYR A 72 -6.08 -1.56 3.75
C TYR A 72 -5.82 -0.12 4.16
N ARG A 73 -6.85 0.54 4.72
CA ARG A 73 -6.71 1.92 5.19
C ARG A 73 -6.01 1.88 6.54
N VAL A 74 -4.75 2.29 6.55
CA VAL A 74 -3.90 2.21 7.73
C VAL A 74 -3.91 3.56 8.46
N THR A 75 -4.20 3.48 9.76
CA THR A 75 -4.24 4.61 10.69
C THR A 75 -2.95 4.65 11.55
N SER A 76 -2.41 3.46 11.82
CA SER A 76 -1.19 3.27 12.64
C SER A 76 -0.25 2.30 11.92
N ASN A 77 1.09 2.53 12.03
CA ASN A 77 2.15 1.71 11.40
C ASN A 77 1.99 0.20 11.73
N ASP A 78 1.38 -0.07 12.89
CA ASP A 78 1.10 -1.41 13.43
C ASP A 78 0.27 -2.28 12.43
N GLU A 79 -0.65 -1.64 11.71
CA GLU A 79 -1.42 -2.29 10.62
C GLU A 79 -0.52 -2.58 9.41
N LEU A 80 0.23 -1.55 9.00
CA LEU A 80 1.14 -1.56 7.82
C LEU A 80 2.15 -2.72 7.92
N GLU A 81 2.72 -2.90 9.13
CA GLU A 81 3.74 -3.93 9.40
C GLU A 81 3.21 -5.32 9.07
N GLN A 82 1.93 -5.57 9.45
CA GLN A 82 1.28 -6.86 9.23
C GLN A 82 1.01 -7.12 7.73
N VAL A 83 0.60 -6.08 6.99
CA VAL A 83 0.35 -6.18 5.53
C VAL A 83 1.67 -6.49 4.77
N VAL A 84 2.79 -5.93 5.27
CA VAL A 84 4.15 -6.18 4.70
C VAL A 84 4.63 -7.60 5.04
N LYS A 85 4.47 -8.00 6.32
CA LYS A 85 4.88 -9.32 6.82
C LYS A 85 4.04 -10.44 6.20
N ASP A 86 2.86 -10.08 5.67
CA ASP A 86 2.02 -10.99 4.88
C ASP A 86 2.63 -11.18 3.48
N VAL A 87 2.81 -10.08 2.74
CA VAL A 87 3.16 -10.13 1.30
C VAL A 87 4.63 -10.57 1.08
N LYS A 88 5.55 -9.88 1.78
CA LYS A 88 6.99 -10.10 1.65
C LYS A 88 7.38 -11.36 2.42
N GLY A 89 6.70 -11.61 3.56
CA GLY A 89 6.90 -12.82 4.35
C GLY A 89 6.29 -14.06 3.69
N SER A 90 4.95 -14.22 3.83
CA SER A 90 4.17 -15.37 3.27
C SER A 90 4.68 -16.73 3.82
N GLY A 91 5.24 -16.70 5.05
CA GLY A 91 5.86 -17.86 5.67
C GLY A 91 4.89 -18.96 6.14
N LEU A 92 3.56 -18.71 6.02
CA LEU A 92 2.52 -19.72 6.35
C LEU A 92 2.65 -20.94 5.43
N GLU A 93 3.04 -20.69 4.16
CA GLU A 93 3.30 -21.72 3.15
C GLU A 93 3.96 -21.10 1.90
N HIS A 94 4.87 -21.85 1.27
CA HIS A 94 5.52 -21.47 -0.01
C HIS A 94 5.64 -22.72 -0.93
N HIS A 95 4.91 -23.80 -0.57
CA HIS A 95 5.04 -25.16 -1.16
C HIS A 95 6.33 -25.86 -0.69
N HIS A 96 7.47 -25.18 -0.86
CA HIS A 96 8.78 -25.64 -0.35
C HIS A 96 9.36 -24.56 0.57
N HIS A 97 9.92 -24.98 1.73
CA HIS A 97 10.51 -24.06 2.72
C HIS A 97 11.77 -23.38 2.15
N HIS A 98 11.67 -22.06 1.87
CA HIS A 98 12.84 -21.23 1.52
C HIS A 98 13.64 -20.95 2.81
N HIS A 99 14.44 -21.96 3.19
CA HIS A 99 15.20 -21.97 4.45
C HIS A 99 16.64 -21.48 4.18
N MET A 1 5.98 -12.16 -8.37
CA MET A 1 4.59 -11.66 -8.54
C MET A 1 3.99 -11.34 -7.16
N GLY A 2 3.24 -10.22 -7.07
CA GLY A 2 2.54 -9.82 -5.85
C GLY A 2 3.29 -8.74 -5.09
N ARG A 3 3.17 -7.48 -5.55
CA ARG A 3 3.77 -6.32 -4.87
C ARG A 3 2.80 -5.75 -3.82
N LEU A 4 3.34 -5.01 -2.85
CA LEU A 4 2.56 -4.15 -1.95
C LEU A 4 2.90 -2.69 -2.24
N VAL A 5 1.87 -1.90 -2.59
CA VAL A 5 2.02 -0.44 -2.74
C VAL A 5 1.38 0.25 -1.53
N VAL A 6 2.19 1.02 -0.80
CA VAL A 6 1.73 1.82 0.33
C VAL A 6 1.58 3.26 -0.16
N VAL A 7 0.35 3.75 -0.20
CA VAL A 7 0.06 5.10 -0.65
C VAL A 7 -0.11 6.00 0.56
N VAL A 8 0.65 7.10 0.59
CA VAL A 8 0.65 8.06 1.71
C VAL A 8 0.33 9.45 1.17
N THR A 9 -0.18 10.31 2.05
CA THR A 9 -0.41 11.74 1.74
C THR A 9 0.62 12.63 2.46
N SER A 10 1.70 12.02 3.00
CA SER A 10 2.76 12.74 3.71
C SER A 10 4.15 12.11 3.42
N GLU A 11 5.14 12.98 3.13
CA GLU A 11 6.54 12.58 2.85
C GLU A 11 7.15 11.82 4.05
N GLN A 12 6.79 12.29 5.26
CA GLN A 12 7.27 11.73 6.54
C GLN A 12 6.76 10.29 6.73
N LEU A 13 5.49 10.03 6.33
CA LEU A 13 4.89 8.69 6.37
C LEU A 13 5.55 7.76 5.33
N LYS A 14 5.89 8.33 4.15
CA LYS A 14 6.55 7.60 3.05
C LYS A 14 7.91 7.02 3.49
N GLU A 15 8.79 7.94 3.91
CA GLU A 15 10.16 7.62 4.28
C GLU A 15 10.22 6.78 5.58
N GLU A 16 9.14 6.84 6.39
CA GLU A 16 8.99 6.04 7.62
C GLU A 16 8.75 4.57 7.29
N VAL A 17 7.74 4.31 6.43
CA VAL A 17 7.41 2.95 5.95
C VAL A 17 8.64 2.31 5.28
N ARG A 18 9.41 3.11 4.50
CA ARG A 18 10.61 2.61 3.82
C ARG A 18 11.85 2.60 4.72
N LYS A 19 11.82 3.34 5.85
CA LYS A 19 12.88 3.28 6.89
C LYS A 19 12.83 1.91 7.58
N LYS A 20 11.61 1.44 7.80
CA LYS A 20 11.35 0.15 8.43
C LYS A 20 11.34 -0.97 7.39
N PHE A 21 10.93 -0.65 6.14
CA PHE A 21 10.81 -1.64 5.04
C PHE A 21 11.31 -1.02 3.70
N PRO A 22 12.64 -1.04 3.43
CA PRO A 22 13.21 -0.52 2.14
C PRO A 22 12.82 -1.38 0.91
N GLN A 23 12.20 -2.56 1.18
CA GLN A 23 11.80 -3.51 0.13
C GLN A 23 10.45 -3.10 -0.51
N VAL A 24 9.56 -2.45 0.27
CA VAL A 24 8.20 -2.11 -0.20
C VAL A 24 8.23 -0.78 -0.98
N GLU A 25 7.26 -0.64 -1.89
CA GLU A 25 7.11 0.52 -2.76
C GLU A 25 6.06 1.45 -2.18
N VAL A 26 6.45 2.69 -1.86
CA VAL A 26 5.55 3.68 -1.26
C VAL A 26 5.36 4.88 -2.20
N ARG A 27 4.11 5.07 -2.64
CA ARG A 27 3.70 6.15 -3.55
C ARG A 27 3.22 7.35 -2.72
N LEU A 28 3.79 8.54 -2.99
CA LEU A 28 3.35 9.80 -2.36
C LEU A 28 2.21 10.41 -3.19
N VAL A 29 1.22 10.99 -2.50
CA VAL A 29 0.10 11.73 -3.12
C VAL A 29 0.03 13.14 -2.50
N THR A 30 0.44 14.14 -3.30
CA THR A 30 0.34 15.56 -2.94
C THR A 30 -0.88 16.20 -3.64
N THR A 31 -1.23 15.66 -4.83
CA THR A 31 -2.41 16.06 -5.61
C THR A 31 -3.16 14.79 -6.11
N GLU A 32 -4.38 14.98 -6.67
CA GLU A 32 -5.16 13.88 -7.28
C GLU A 32 -4.38 13.26 -8.45
N GLU A 33 -3.55 14.08 -9.15
CA GLU A 33 -2.69 13.63 -10.28
C GLU A 33 -1.84 12.41 -9.86
N ASP A 34 -1.18 12.53 -8.68
CA ASP A 34 -0.37 11.44 -8.09
C ASP A 34 -1.21 10.18 -7.91
N ALA A 35 -2.40 10.35 -7.27
CA ALA A 35 -3.31 9.23 -6.92
C ALA A 35 -3.78 8.46 -8.17
N LYS A 36 -4.05 9.18 -9.27
CA LYS A 36 -4.42 8.59 -10.57
C LYS A 36 -3.25 7.80 -11.17
N GLN A 37 -2.03 8.36 -11.04
CA GLN A 37 -0.78 7.73 -11.49
C GLN A 37 -0.46 6.48 -10.65
N VAL A 38 -0.92 6.47 -9.37
CA VAL A 38 -0.82 5.30 -8.48
C VAL A 38 -1.74 4.17 -8.98
N ILE A 39 -2.99 4.53 -9.38
CA ILE A 39 -3.96 3.57 -9.96
C ILE A 39 -3.33 2.82 -11.16
N LYS A 40 -2.58 3.58 -11.98
CA LYS A 40 -1.84 3.06 -13.15
C LYS A 40 -0.69 2.12 -12.72
N GLU A 41 0.11 2.60 -11.72
CA GLU A 41 1.27 1.89 -11.14
C GLU A 41 0.87 0.45 -10.70
N ILE A 42 -0.25 0.42 -9.96
CA ILE A 42 -0.87 -0.80 -9.44
C ILE A 42 -1.25 -1.77 -10.59
N GLN A 43 -1.93 -1.24 -11.62
CA GLN A 43 -2.44 -2.03 -12.77
C GLN A 43 -1.30 -2.68 -13.58
N LYS A 44 -0.20 -1.92 -13.77
CA LYS A 44 0.93 -2.37 -14.62
C LYS A 44 1.74 -3.48 -13.94
N LYS A 45 1.97 -3.34 -12.62
CA LYS A 45 2.70 -4.36 -11.84
C LYS A 45 1.79 -5.54 -11.47
N GLY A 46 0.46 -5.31 -11.48
CA GLY A 46 -0.53 -6.32 -11.09
C GLY A 46 -0.57 -6.52 -9.59
N VAL A 47 -0.56 -5.39 -8.87
CA VAL A 47 -0.52 -5.36 -7.40
C VAL A 47 -1.87 -5.84 -6.86
N GLN A 48 -1.83 -6.73 -5.86
CA GLN A 48 -3.02 -7.42 -5.36
C GLN A 48 -3.56 -6.75 -4.09
N LYS A 49 -2.65 -6.37 -3.17
CA LYS A 49 -2.99 -5.62 -1.95
C LYS A 49 -2.32 -4.24 -1.96
N VAL A 50 -3.08 -3.19 -1.61
CA VAL A 50 -2.59 -1.81 -1.50
C VAL A 50 -2.99 -1.24 -0.14
N VAL A 51 -2.02 -0.70 0.62
CA VAL A 51 -2.26 -0.02 1.89
C VAL A 51 -2.48 1.47 1.62
N LEU A 52 -3.57 2.05 2.15
CA LEU A 52 -3.84 3.49 2.05
C LEU A 52 -3.69 4.13 3.46
N VAL A 53 -2.71 5.06 3.56
CA VAL A 53 -2.31 5.71 4.81
C VAL A 53 -2.67 7.21 4.77
N GLY A 54 -3.62 7.61 5.63
CA GLY A 54 -4.02 9.02 5.80
C GLY A 54 -4.73 9.62 4.59
N VAL A 55 -5.33 8.78 3.73
CA VAL A 55 -6.01 9.24 2.50
C VAL A 55 -7.47 9.63 2.82
N SER A 56 -8.13 10.30 1.87
CA SER A 56 -9.54 10.70 2.01
C SER A 56 -10.46 9.52 1.60
N GLU A 57 -11.75 9.61 2.03
CA GLU A 57 -12.77 8.55 1.80
C GLU A 57 -13.00 8.26 0.30
N LYS A 58 -13.00 9.32 -0.54
CA LYS A 58 -13.32 9.21 -1.97
C LYS A 58 -12.10 8.69 -2.77
N LEU A 59 -10.88 9.10 -2.37
CA LEU A 59 -9.63 8.57 -2.96
C LEU A 59 -9.44 7.10 -2.58
N LEU A 60 -9.94 6.72 -1.37
CA LEU A 60 -9.91 5.33 -0.91
C LEU A 60 -10.72 4.44 -1.87
N GLN A 61 -11.98 4.84 -2.07
CA GLN A 61 -12.94 4.09 -2.89
C GLN A 61 -12.56 4.11 -4.38
N LYS A 62 -11.95 5.21 -4.85
CA LYS A 62 -11.58 5.37 -6.28
C LYS A 62 -10.38 4.47 -6.64
N ILE A 63 -9.32 4.50 -5.80
CA ILE A 63 -8.13 3.61 -5.99
C ILE A 63 -8.57 2.13 -5.90
N LYS A 64 -9.54 1.85 -5.01
CA LYS A 64 -10.12 0.50 -4.80
C LYS A 64 -10.78 -0.03 -6.09
N GLN A 65 -11.74 0.73 -6.64
CA GLN A 65 -12.58 0.29 -7.78
C GLN A 65 -11.82 0.34 -9.12
N GLU A 66 -11.01 1.40 -9.32
CA GLU A 66 -10.30 1.67 -10.58
C GLU A 66 -9.10 0.71 -10.77
N ALA A 67 -8.38 0.43 -9.67
CA ALA A 67 -7.22 -0.50 -9.71
C ALA A 67 -7.65 -1.96 -9.52
N ASN A 68 -8.82 -2.15 -8.85
CA ASN A 68 -9.39 -3.49 -8.57
C ASN A 68 -8.45 -4.29 -7.64
N VAL A 69 -8.35 -3.82 -6.38
CA VAL A 69 -7.43 -4.38 -5.35
C VAL A 69 -8.09 -4.48 -3.97
N GLN A 70 -7.43 -5.24 -3.07
CA GLN A 70 -7.78 -5.31 -1.64
C GLN A 70 -7.07 -4.14 -0.92
N VAL A 71 -7.89 -3.21 -0.39
CA VAL A 71 -7.42 -1.96 0.21
C VAL A 71 -7.39 -2.06 1.75
N TYR A 72 -6.26 -1.69 2.37
CA TYR A 72 -6.10 -1.71 3.83
C TYR A 72 -5.82 -0.30 4.34
N ARG A 73 -6.86 0.35 4.87
CA ARG A 73 -6.73 1.61 5.60
C ARG A 73 -6.17 1.28 6.99
N VAL A 74 -4.95 1.76 7.26
CA VAL A 74 -4.28 1.51 8.54
C VAL A 74 -4.52 2.68 9.51
N THR A 75 -4.85 2.34 10.76
CA THR A 75 -5.02 3.32 11.84
C THR A 75 -3.66 3.67 12.46
N SER A 76 -2.75 2.69 12.44
CA SER A 76 -1.40 2.81 13.01
C SER A 76 -0.40 2.09 12.08
N ASN A 77 0.91 2.35 12.30
CA ASN A 77 2.00 1.72 11.52
C ASN A 77 2.08 0.21 11.83
N ASP A 78 1.56 -0.22 13.01
CA ASP A 78 1.47 -1.65 13.42
C ASP A 78 0.69 -2.47 12.38
N GLU A 79 -0.42 -1.89 11.91
CA GLU A 79 -1.31 -2.51 10.91
C GLU A 79 -0.59 -2.67 9.57
N LEU A 80 0.13 -1.58 9.19
CA LEU A 80 0.98 -1.53 7.98
C LEU A 80 2.03 -2.67 8.01
N GLU A 81 2.69 -2.83 9.19
CA GLU A 81 3.75 -3.82 9.41
C GLU A 81 3.25 -5.25 9.13
N GLN A 82 1.99 -5.52 9.50
CA GLN A 82 1.38 -6.85 9.37
C GLN A 82 1.01 -7.16 7.91
N VAL A 83 0.53 -6.14 7.16
CA VAL A 83 0.24 -6.29 5.72
C VAL A 83 1.55 -6.52 4.93
N VAL A 84 2.64 -5.89 5.40
CA VAL A 84 4.00 -6.13 4.86
C VAL A 84 4.46 -7.58 5.17
N LYS A 85 4.20 -8.05 6.41
CA LYS A 85 4.58 -9.42 6.84
C LYS A 85 3.89 -10.51 6.00
N ASP A 86 2.75 -10.16 5.37
CA ASP A 86 2.01 -11.08 4.49
C ASP A 86 2.58 -11.07 3.06
N VAL A 87 2.94 -9.86 2.54
CA VAL A 87 3.50 -9.73 1.16
C VAL A 87 4.96 -10.24 1.12
N LYS A 88 5.64 -10.15 2.27
CA LYS A 88 6.98 -10.74 2.48
C LYS A 88 6.92 -12.25 2.27
N GLY A 89 8.00 -12.82 1.68
CA GLY A 89 8.18 -14.27 1.64
C GLY A 89 8.20 -14.84 3.04
N SER A 90 7.00 -15.26 3.51
CA SER A 90 6.70 -15.52 4.92
C SER A 90 7.68 -16.54 5.53
N GLY A 91 8.76 -16.01 6.12
CA GLY A 91 9.81 -16.80 6.73
C GLY A 91 9.31 -17.52 7.96
N LEU A 92 9.26 -18.85 7.91
CA LEU A 92 8.96 -19.71 9.08
C LEU A 92 10.19 -19.71 9.99
N GLU A 93 10.43 -18.56 10.63
CA GLU A 93 11.58 -18.34 11.50
C GLU A 93 11.30 -18.98 12.88
N HIS A 94 11.45 -20.31 12.90
CA HIS A 94 11.13 -21.18 14.05
C HIS A 94 12.42 -21.49 14.85
N HIS A 95 13.38 -20.55 14.81
CA HIS A 95 14.61 -20.65 15.62
C HIS A 95 14.28 -20.14 17.04
N HIS A 96 14.00 -18.82 17.14
CA HIS A 96 13.69 -18.13 18.41
C HIS A 96 14.79 -18.44 19.45
N HIS A 97 16.06 -18.21 19.01
CA HIS A 97 17.29 -18.73 19.65
C HIS A 97 17.32 -18.57 21.19
N HIS A 98 16.82 -19.62 21.87
CA HIS A 98 16.84 -19.74 23.34
C HIS A 98 18.02 -20.65 23.74
N HIS A 99 19.22 -20.06 23.72
CA HIS A 99 20.47 -20.76 24.05
C HIS A 99 21.11 -20.08 25.28
#